data_3IEM
#
_entry.id   3IEM
#
_cell.length_a   144.694
_cell.length_b   146.441
_cell.length_c   119.975
_cell.angle_alpha   90.00
_cell.angle_beta   110.37
_cell.angle_gamma   90.00
#
_symmetry.space_group_name_H-M   'C 1 2 1'
#
loop_
_entity.id
_entity.type
_entity.pdbx_description
1 polymer 'Ribonuclease TTHA0252'
2 polymer "RNA (5'-R(*(SSU)P*(SSU)P*(SSU)P*(SSU)P*(SSU)P*(SSU))-3')"
3 non-polymer 'SULFATE ION'
4 non-polymer 'ZINC ION'
5 non-polymer 'CITRATE ANION'
6 water water
#
loop_
_entity_poly.entity_id
_entity_poly.type
_entity_poly.pdbx_seq_one_letter_code
_entity_poly.pdbx_strand_id
1 'polypeptide(L)'
;MRIVPFGAAREVTGSAHLLLAGGRRVLLDCGMFQGKEEARNHAPFGFDPKEVDAVLLTHAHLDHVGRLPKLFREGYRGPV
YATRATVLLMEIVLEDALKVMDEPFFGPEDVEEALGHLRPLEYGEWLRLGALSLAFGQAGHLPGSAFVVAQGEGRTLVYS
GDLGNREKDVLPDPSLPPLADLVLAEGTYGDRPHRPYRETVREFLEILEKTLSQGGKVLIPTFAVERAQEILYVLYTHGH
RLPRAPIYLDSPMAGRVLSLYPRLVRYFSEEVQAHFLQGKNPFRPAGLEVVEHTEASKALNRAPGPMVVLAGSGMLAGGR
ILHHLKHGLSDPRNALVFVGYQPQGGLGAEIIARPPAVRILGEEVPLRASVHTLGGFSGHAGQDELLDWLQGEPRVVLVH
GEEEKLLALGKLLALRGQEVSLARFGEGVPV
;
A,B,C,D
2 'polyribonucleotide' (SSU)(SSU)(SSU)(SSU)(SSU)(SSU) G,H,I,J,K,L,M,N,O,P
#
# COMPACT_ATOMS: atom_id res chain seq x y z
N MET A 1 44.21 -13.23 -4.87
CA MET A 1 42.94 -12.69 -5.42
C MET A 1 43.01 -12.63 -6.94
N ARG A 2 41.95 -13.06 -7.59
CA ARG A 2 41.89 -13.04 -9.05
C ARG A 2 40.51 -12.62 -9.56
N ILE A 3 40.47 -12.12 -10.79
CA ILE A 3 39.20 -11.69 -11.38
C ILE A 3 39.18 -12.25 -12.79
N VAL A 4 38.11 -12.97 -13.13
CA VAL A 4 38.02 -13.55 -14.44
C VAL A 4 36.90 -12.93 -15.25
N PRO A 5 37.24 -12.30 -16.38
CA PRO A 5 36.23 -11.66 -17.23
C PRO A 5 35.37 -12.74 -17.85
N PHE A 6 34.05 -12.54 -17.85
CA PHE A 6 33.16 -13.52 -18.45
C PHE A 6 32.11 -12.89 -19.36
N GLY A 7 32.46 -11.70 -19.85
CA GLY A 7 31.60 -10.94 -20.75
C GLY A 7 32.26 -9.58 -20.94
N ALA A 8 31.73 -8.75 -21.84
CA ALA A 8 32.29 -7.41 -22.10
C ALA A 8 33.80 -7.38 -22.37
N ALA A 9 34.32 -8.41 -23.01
CA ALA A 9 35.75 -8.47 -23.35
C ALA A 9 35.91 -8.10 -24.83
N ARG A 10 36.60 -6.99 -25.08
CA ARG A 10 36.79 -6.49 -26.45
C ARG A 10 35.43 -6.27 -27.08
N GLU A 11 34.41 -6.08 -26.25
CA GLU A 11 33.04 -5.83 -26.71
C GLU A 11 32.30 -5.10 -25.59
N VAL A 12 31.12 -4.55 -25.88
CA VAL A 12 30.41 -3.82 -24.84
C VAL A 12 29.36 -4.58 -24.03
N THR A 13 28.63 -5.52 -24.64
CA THR A 13 27.61 -6.24 -23.88
C THR A 13 28.07 -7.55 -23.22
N GLY A 14 27.28 -8.07 -22.28
CA GLY A 14 27.61 -9.32 -21.60
C GLY A 14 28.32 -9.23 -20.25
N SER A 15 28.49 -8.03 -19.70
CA SER A 15 29.18 -7.86 -18.43
C SER A 15 28.89 -8.90 -17.34
N ALA A 16 29.96 -9.54 -16.87
CA ALA A 16 29.88 -10.55 -15.83
C ALA A 16 31.32 -10.91 -15.49
N HIS A 17 31.74 -10.64 -14.26
CA HIS A 17 33.11 -10.90 -13.87
C HIS A 17 33.26 -11.64 -12.55
N LEU A 18 33.87 -12.82 -12.61
CA LEU A 18 34.05 -13.68 -11.45
C LEU A 18 35.23 -13.33 -10.58
N LEU A 19 34.93 -12.87 -9.37
CA LEU A 19 35.98 -12.53 -8.41
C LEU A 19 36.29 -13.76 -7.56
N LEU A 20 37.56 -14.16 -7.56
CA LEU A 20 38.02 -15.33 -6.80
C LEU A 20 38.96 -14.82 -5.71
N ALA A 21 38.45 -14.78 -4.47
CA ALA A 21 39.24 -14.29 -3.34
C ALA A 21 38.55 -14.49 -1.99
N GLY A 22 39.34 -14.42 -0.91
CA GLY A 22 38.80 -14.57 0.43
C GLY A 22 38.29 -15.96 0.74
N GLY A 23 38.36 -16.84 -0.26
CA GLY A 23 37.89 -18.20 -0.08
C GLY A 23 36.51 -18.35 -0.68
N ARG A 24 36.06 -17.33 -1.40
CA ARG A 24 34.75 -17.35 -2.02
C ARG A 24 34.81 -16.92 -3.49
N ARG A 25 33.72 -17.16 -4.20
CA ARG A 25 33.62 -16.77 -5.60
C ARG A 25 32.43 -15.82 -5.74
N VAL A 26 32.73 -14.56 -6.05
CA VAL A 26 31.71 -13.53 -6.19
C VAL A 26 31.59 -13.04 -7.62
N LEU A 27 30.40 -13.19 -8.20
CA LEU A 27 30.18 -12.73 -9.57
C LEU A 27 29.77 -11.25 -9.56
N LEU A 28 30.51 -10.46 -10.31
CA LEU A 28 30.29 -9.02 -10.44
C LEU A 28 29.54 -8.79 -11.76
N ASP A 29 28.24 -8.52 -11.64
CA ASP A 29 27.32 -8.33 -12.76
C ASP A 29 27.00 -9.66 -13.42
N CYS A 30 26.02 -9.66 -14.32
CA CYS A 30 25.62 -10.86 -15.01
C CYS A 30 24.65 -10.40 -16.10
N GLY A 31 25.18 -9.59 -17.02
CA GLY A 31 24.37 -9.05 -18.09
C GLY A 31 24.26 -9.91 -19.33
N MET A 32 23.32 -9.59 -20.20
CA MET A 32 23.15 -10.37 -21.40
C MET A 32 23.91 -9.75 -22.55
N PHE A 33 24.07 -10.52 -23.61
CA PHE A 33 24.74 -10.07 -24.81
C PHE A 33 23.61 -9.51 -25.66
N GLN A 34 23.90 -8.47 -26.42
CA GLN A 34 22.86 -7.86 -27.25
C GLN A 34 23.40 -7.54 -28.63
N GLY A 35 22.52 -7.59 -29.62
CA GLY A 35 22.94 -7.31 -30.97
C GLY A 35 23.21 -8.59 -31.70
N LYS A 36 24.41 -8.71 -32.26
CA LYS A 36 24.83 -9.90 -33.00
C LYS A 36 25.21 -11.05 -32.08
N GLU A 37 25.60 -10.71 -30.85
CA GLU A 37 26.00 -11.72 -29.88
C GLU A 37 24.83 -12.36 -29.14
N GLU A 38 23.63 -11.81 -29.31
CA GLU A 38 22.45 -12.31 -28.59
C GLU A 38 22.32 -13.82 -28.46
N ALA A 39 22.66 -14.56 -29.51
CA ALA A 39 22.56 -16.02 -29.45
C ALA A 39 23.40 -16.59 -28.30
N ARG A 40 24.50 -15.91 -27.99
CA ARG A 40 25.40 -16.32 -26.91
C ARG A 40 24.76 -16.38 -25.54
N ASN A 41 23.59 -15.78 -25.39
CA ASN A 41 22.90 -15.82 -24.11
C ASN A 41 22.40 -17.25 -23.89
N HIS A 42 22.27 -17.98 -25.00
CA HIS A 42 21.84 -19.37 -25.00
C HIS A 42 23.00 -20.32 -24.69
N ALA A 43 24.23 -19.82 -24.85
CA ALA A 43 25.41 -20.63 -24.59
C ALA A 43 25.78 -20.61 -23.11
N PRO A 44 26.62 -21.57 -22.67
CA PRO A 44 27.04 -21.63 -21.27
C PRO A 44 27.83 -20.44 -20.77
N PHE A 45 27.85 -20.26 -19.46
CA PHE A 45 28.55 -19.16 -18.82
C PHE A 45 30.06 -19.27 -18.88
N GLY A 46 30.57 -20.49 -18.80
CA GLY A 46 32.01 -20.69 -18.80
C GLY A 46 32.43 -20.99 -17.37
N PHE A 47 31.46 -20.97 -16.46
CA PHE A 47 31.72 -21.28 -15.07
C PHE A 47 30.48 -21.94 -14.46
N ASP A 48 30.65 -22.63 -13.35
CA ASP A 48 29.55 -23.32 -12.70
C ASP A 48 28.73 -22.39 -11.80
N PRO A 49 27.55 -21.97 -12.26
CA PRO A 49 26.72 -21.08 -11.45
C PRO A 49 26.45 -21.59 -10.04
N LYS A 50 26.40 -22.90 -9.87
CA LYS A 50 26.17 -23.46 -8.55
C LYS A 50 27.35 -23.21 -7.62
N GLU A 51 28.51 -22.90 -8.18
CA GLU A 51 29.69 -22.65 -7.36
C GLU A 51 29.91 -21.18 -6.99
N VAL A 52 28.90 -20.34 -7.25
CA VAL A 52 28.97 -18.91 -6.96
C VAL A 52 28.39 -18.61 -5.57
N ASP A 53 29.16 -17.93 -4.73
CA ASP A 53 28.71 -17.60 -3.38
C ASP A 53 27.79 -16.40 -3.29
N ALA A 54 27.99 -15.41 -4.16
CA ALA A 54 27.16 -14.22 -4.16
C ALA A 54 27.30 -13.43 -5.46
N VAL A 55 26.34 -12.57 -5.70
CA VAL A 55 26.34 -11.75 -6.90
C VAL A 55 26.10 -10.29 -6.50
N LEU A 56 26.86 -9.38 -7.10
CA LEU A 56 26.66 -7.96 -6.86
C LEU A 56 26.36 -7.38 -8.24
N LEU A 57 25.34 -6.54 -8.34
CA LEU A 57 24.97 -5.92 -9.61
C LEU A 57 25.25 -4.41 -9.52
N THR A 58 25.99 -3.86 -10.49
CA THR A 58 26.30 -2.43 -10.45
C THR A 58 25.11 -1.55 -10.83
N HIS A 59 24.34 -1.94 -11.85
CA HIS A 59 23.17 -1.16 -12.22
C HIS A 59 22.16 -2.02 -12.97
N ALA A 60 20.95 -1.49 -13.11
CA ALA A 60 19.83 -2.19 -13.72
C ALA A 60 19.79 -2.45 -15.22
N HIS A 61 20.72 -1.88 -15.99
CA HIS A 61 20.70 -2.10 -17.44
C HIS A 61 20.80 -3.59 -17.80
N LEU A 62 20.13 -3.96 -18.88
CA LEU A 62 20.08 -5.33 -19.35
C LEU A 62 21.43 -5.99 -19.64
N ASP A 63 22.40 -5.21 -20.10
CA ASP A 63 23.70 -5.77 -20.40
C ASP A 63 24.54 -5.97 -19.14
N HIS A 64 23.88 -5.86 -17.98
CA HIS A 64 24.50 -6.06 -16.66
C HIS A 64 23.67 -6.97 -15.76
N VAL A 65 22.42 -7.22 -16.14
CA VAL A 65 21.57 -8.09 -15.33
C VAL A 65 20.71 -9.05 -16.16
N GLY A 66 20.80 -8.93 -17.49
CA GLY A 66 20.02 -9.78 -18.37
C GLY A 66 20.18 -11.28 -18.17
N ARG A 67 21.38 -11.75 -17.86
CA ARG A 67 21.60 -13.18 -17.67
C ARG A 67 21.39 -13.65 -16.22
N LEU A 68 21.06 -12.75 -15.31
CA LEU A 68 20.86 -13.16 -13.93
C LEU A 68 19.87 -14.31 -13.79
N PRO A 69 18.73 -14.26 -14.50
CA PRO A 69 17.76 -15.35 -14.38
C PRO A 69 18.22 -16.70 -14.96
N LYS A 70 19.15 -16.64 -15.91
CA LYS A 70 19.70 -17.85 -16.50
C LYS A 70 20.60 -18.44 -15.42
N LEU A 71 21.19 -17.57 -14.62
CA LEU A 71 22.05 -18.02 -13.54
C LEU A 71 21.23 -18.88 -12.56
N PHE A 72 20.05 -18.40 -12.19
CA PHE A 72 19.18 -19.16 -11.28
C PHE A 72 18.63 -20.37 -11.99
N ARG A 73 18.22 -20.17 -13.24
CA ARG A 73 17.70 -21.26 -14.04
C ARG A 73 18.66 -22.45 -13.98
N GLU A 74 19.94 -22.15 -13.81
CA GLU A 74 20.96 -23.19 -13.78
C GLU A 74 21.50 -23.58 -12.39
N GLY A 75 20.64 -23.46 -11.38
CA GLY A 75 21.05 -23.89 -10.06
C GLY A 75 21.43 -22.88 -9.01
N TYR A 76 21.95 -21.72 -9.42
CA TYR A 76 22.33 -20.73 -8.43
C TYR A 76 21.17 -20.40 -7.48
N ARG A 77 21.48 -20.29 -6.19
CA ARG A 77 20.47 -19.99 -5.18
C ARG A 77 20.98 -19.05 -4.07
N GLY A 78 22.12 -18.41 -4.30
CA GLY A 78 22.69 -17.51 -3.33
C GLY A 78 22.15 -16.08 -3.44
N PRO A 79 22.63 -15.15 -2.60
CA PRO A 79 22.15 -13.76 -2.64
C PRO A 79 22.65 -12.93 -3.81
N VAL A 80 21.90 -11.89 -4.13
CA VAL A 80 22.23 -10.98 -5.21
C VAL A 80 22.12 -9.57 -4.66
N TYR A 81 23.26 -8.93 -4.40
CA TYR A 81 23.29 -7.58 -3.84
C TYR A 81 23.27 -6.49 -4.88
N ALA A 82 22.49 -5.45 -4.57
CA ALA A 82 22.34 -4.28 -5.44
C ALA A 82 21.65 -3.19 -4.63
N THR A 83 21.76 -1.94 -5.07
CA THR A 83 21.10 -0.83 -4.39
C THR A 83 19.59 -0.98 -4.61
N ARG A 84 18.80 -0.37 -3.73
CA ARG A 84 17.35 -0.44 -3.82
C ARG A 84 16.85 0.06 -5.18
N ALA A 85 17.50 1.10 -5.70
CA ALA A 85 17.12 1.63 -7.00
C ALA A 85 17.32 0.57 -8.09
N THR A 86 18.49 -0.09 -8.07
CA THR A 86 18.76 -1.12 -9.06
C THR A 86 17.70 -2.21 -8.90
N VAL A 87 17.44 -2.61 -7.65
CA VAL A 87 16.43 -3.63 -7.39
C VAL A 87 15.09 -3.18 -8.01
N LEU A 88 14.65 -1.97 -7.68
CA LEU A 88 13.40 -1.46 -8.21
C LEU A 88 13.40 -1.40 -9.74
N LEU A 89 14.46 -0.85 -10.33
CA LEU A 89 14.52 -0.76 -11.80
C LEU A 89 14.60 -2.14 -12.48
N MET A 90 15.36 -3.06 -11.91
CA MET A 90 15.52 -4.41 -12.46
C MET A 90 14.20 -5.09 -12.73
N GLU A 91 13.30 -4.97 -11.77
CA GLU A 91 11.99 -5.58 -11.90
C GLU A 91 11.36 -5.14 -13.22
N ILE A 92 11.46 -3.86 -13.55
CA ILE A 92 10.87 -3.36 -14.79
C ILE A 92 11.62 -3.87 -16.02
N VAL A 93 12.94 -3.85 -15.95
CA VAL A 93 13.76 -4.29 -17.06
C VAL A 93 13.59 -5.79 -17.38
N LEU A 94 13.50 -6.62 -16.33
CA LEU A 94 13.35 -8.06 -16.52
C LEU A 94 11.99 -8.46 -17.09
N GLU A 95 10.92 -7.85 -16.59
CA GLU A 95 9.59 -8.18 -17.10
C GLU A 95 9.52 -7.83 -18.60
N ASP A 96 10.13 -6.71 -18.99
CA ASP A 96 10.12 -6.30 -20.38
C ASP A 96 10.95 -7.25 -21.25
N ALA A 97 12.05 -7.76 -20.70
CA ALA A 97 12.92 -8.69 -21.43
C ALA A 97 12.13 -9.92 -21.86
N LEU A 98 11.35 -10.46 -20.92
CA LEU A 98 10.52 -11.62 -21.22
C LEU A 98 9.67 -11.36 -22.46
N LYS A 99 8.81 -10.35 -22.36
CA LYS A 99 7.91 -9.98 -23.44
C LYS A 99 8.55 -9.79 -24.80
N VAL A 100 9.52 -8.88 -24.88
CA VAL A 100 10.16 -8.57 -26.15
C VAL A 100 11.31 -9.47 -26.58
N MET A 101 11.45 -10.64 -25.97
CA MET A 101 12.56 -11.51 -26.32
C MET A 101 12.26 -12.51 -27.43
N ASP A 102 12.94 -12.34 -28.56
CA ASP A 102 12.78 -13.23 -29.72
C ASP A 102 12.83 -14.70 -29.30
N GLU A 103 14.03 -15.25 -29.17
CA GLU A 103 14.19 -16.62 -28.71
C GLU A 103 14.66 -16.50 -27.26
N PRO A 104 13.74 -16.68 -26.31
CA PRO A 104 14.05 -16.59 -24.88
C PRO A 104 15.05 -17.63 -24.40
N PHE A 105 15.74 -17.33 -23.32
CA PHE A 105 16.71 -18.25 -22.74
C PHE A 105 16.51 -18.39 -21.24
N PHE A 106 15.33 -17.99 -20.78
CA PHE A 106 14.89 -18.10 -19.40
C PHE A 106 13.39 -17.86 -19.40
N GLY A 107 12.71 -18.25 -18.34
CA GLY A 107 11.28 -18.07 -18.30
C GLY A 107 10.79 -17.20 -17.16
N PRO A 108 9.47 -16.98 -17.07
CA PRO A 108 8.95 -16.16 -16.00
C PRO A 108 9.38 -16.63 -14.61
N GLU A 109 9.46 -17.95 -14.42
CA GLU A 109 9.85 -18.48 -13.10
C GLU A 109 11.31 -18.20 -12.78
N ASP A 110 12.15 -18.13 -13.79
CA ASP A 110 13.57 -17.85 -13.58
C ASP A 110 13.71 -16.41 -13.11
N VAL A 111 12.79 -15.57 -13.57
CA VAL A 111 12.77 -14.17 -13.18
C VAL A 111 12.25 -13.98 -11.76
N GLU A 112 11.15 -14.64 -11.41
CA GLU A 112 10.62 -14.46 -10.07
C GLU A 112 11.61 -15.05 -9.07
N GLU A 113 12.32 -16.09 -9.49
CA GLU A 113 13.30 -16.74 -8.64
C GLU A 113 14.50 -15.83 -8.43
N ALA A 114 14.91 -15.15 -9.48
CA ALA A 114 16.04 -14.22 -9.41
C ALA A 114 15.69 -13.02 -8.55
N LEU A 115 14.53 -12.43 -8.80
CA LEU A 115 14.11 -11.26 -8.03
C LEU A 115 13.95 -11.63 -6.57
N GLY A 116 13.67 -12.90 -6.32
CA GLY A 116 13.49 -13.35 -4.95
C GLY A 116 14.75 -13.34 -4.12
N HIS A 117 15.92 -13.34 -4.75
CA HIS A 117 17.16 -13.34 -3.99
C HIS A 117 17.83 -11.98 -3.86
N LEU A 118 17.21 -10.96 -4.42
CA LEU A 118 17.76 -9.61 -4.35
C LEU A 118 17.77 -9.15 -2.91
N ARG A 119 18.92 -8.63 -2.47
CA ARG A 119 19.06 -8.10 -1.12
C ARG A 119 19.70 -6.72 -1.27
N PRO A 120 19.13 -5.72 -0.59
CA PRO A 120 19.62 -4.34 -0.66
C PRO A 120 21.00 -4.11 -0.06
N LEU A 121 21.81 -3.35 -0.78
CA LEU A 121 23.15 -2.98 -0.35
C LEU A 121 23.33 -1.57 -0.89
N GLU A 122 23.48 -0.61 0.01
CA GLU A 122 23.64 0.80 -0.37
C GLU A 122 25.09 1.26 -0.29
N TYR A 123 25.37 2.39 -0.93
CA TYR A 123 26.70 2.99 -0.94
C TYR A 123 27.23 3.13 0.48
N GLY A 124 28.47 2.73 0.70
CA GLY A 124 29.05 2.86 2.03
C GLY A 124 28.60 1.82 3.05
N GLU A 125 28.24 0.64 2.57
CA GLU A 125 27.84 -0.45 3.44
C GLU A 125 28.72 -1.62 3.03
N TRP A 126 29.50 -2.12 3.96
CA TRP A 126 30.38 -3.21 3.65
C TRP A 126 29.75 -4.58 3.81
N LEU A 127 30.01 -5.43 2.82
CA LEU A 127 29.51 -6.79 2.80
C LEU A 127 30.73 -7.66 3.16
N ARG A 128 30.52 -8.67 4.00
CA ARG A 128 31.60 -9.55 4.41
C ARG A 128 31.35 -11.01 4.02
N LEU A 129 32.25 -11.57 3.21
CA LEU A 129 32.18 -12.97 2.77
C LEU A 129 33.54 -13.55 3.10
N GLY A 130 33.60 -14.58 3.92
CA GLY A 130 34.89 -15.13 4.25
C GLY A 130 35.84 -14.00 4.60
N ALA A 131 37.02 -13.98 4.00
CA ALA A 131 38.00 -12.92 4.29
C ALA A 131 37.88 -11.73 3.32
N LEU A 132 36.81 -11.73 2.53
CA LEU A 132 36.56 -10.69 1.55
C LEU A 132 35.67 -9.56 2.08
N SER A 133 35.98 -8.32 1.68
CA SER A 133 35.21 -7.14 2.09
C SER A 133 34.81 -6.37 0.82
N LEU A 134 33.51 -6.18 0.63
CA LEU A 134 33.02 -5.50 -0.57
C LEU A 134 32.10 -4.31 -0.26
N ALA A 135 32.24 -3.25 -1.04
CA ALA A 135 31.41 -2.06 -0.87
C ALA A 135 31.07 -1.48 -2.24
N PHE A 136 30.02 -0.65 -2.27
CA PHE A 136 29.58 0.00 -3.50
C PHE A 136 30.08 1.45 -3.51
N GLY A 137 30.54 1.88 -4.67
CA GLY A 137 31.01 3.25 -4.83
C GLY A 137 30.05 3.94 -5.76
N GLN A 138 29.94 5.26 -5.65
CA GLN A 138 29.04 6.08 -6.48
C GLN A 138 29.51 6.14 -7.94
N ALA A 139 28.75 5.57 -8.86
CA ALA A 139 29.16 5.58 -10.28
C ALA A 139 28.53 6.68 -11.14
N GLY A 140 27.39 7.21 -10.70
CA GLY A 140 26.71 8.28 -11.43
C GLY A 140 26.29 7.96 -12.87
N HIS A 141 25.91 6.71 -13.12
CA HIS A 141 25.52 6.29 -14.46
C HIS A 141 24.02 6.02 -14.61
N LEU A 142 23.40 5.65 -13.50
CA LEU A 142 21.97 5.35 -13.44
C LEU A 142 21.58 5.52 -12.00
N PRO A 143 20.29 5.66 -11.71
CA PRO A 143 19.91 5.79 -10.31
C PRO A 143 20.30 4.49 -9.60
N GLY A 144 21.08 4.57 -8.53
CA GLY A 144 21.50 3.39 -7.81
C GLY A 144 22.71 2.68 -8.44
N SER A 145 23.32 3.31 -9.44
CA SER A 145 24.46 2.70 -10.11
C SER A 145 25.71 2.77 -9.25
N ALA A 146 26.59 1.79 -9.37
CA ALA A 146 27.79 1.81 -8.54
C ALA A 146 29.01 1.13 -9.17
N PHE A 147 30.18 1.33 -8.55
CA PHE A 147 31.37 0.61 -8.97
C PHE A 147 31.65 -0.21 -7.71
N VAL A 148 32.44 -1.27 -7.83
CA VAL A 148 32.71 -2.15 -6.69
C VAL A 148 34.14 -2.08 -6.18
N VAL A 149 34.27 -2.08 -4.86
CA VAL A 149 35.57 -2.07 -4.19
C VAL A 149 35.65 -3.38 -3.41
N ALA A 150 36.63 -4.22 -3.77
CA ALA A 150 36.81 -5.52 -3.12
C ALA A 150 38.17 -5.57 -2.45
N GLN A 151 38.17 -5.79 -1.14
CA GLN A 151 39.41 -5.82 -0.39
C GLN A 151 39.55 -7.16 0.33
N GLY A 152 40.64 -7.87 0.04
CA GLY A 152 40.87 -9.16 0.67
C GLY A 152 42.27 -9.67 0.43
N GLU A 153 42.78 -10.46 1.36
CA GLU A 153 44.12 -11.03 1.23
C GLU A 153 45.13 -9.92 1.06
N GLY A 154 44.91 -8.79 1.74
CA GLY A 154 45.83 -7.68 1.64
C GLY A 154 45.86 -6.94 0.32
N ARG A 155 44.86 -7.15 -0.55
CA ARG A 155 44.85 -6.45 -1.82
C ARG A 155 43.54 -5.74 -2.12
N THR A 156 43.59 -4.75 -3.00
CA THR A 156 42.41 -3.98 -3.36
C THR A 156 42.12 -3.93 -4.85
N LEU A 157 40.89 -4.30 -5.19
CA LEU A 157 40.41 -4.33 -6.56
C LEU A 157 39.21 -3.40 -6.71
N VAL A 158 39.09 -2.79 -7.88
CA VAL A 158 37.96 -1.93 -8.15
C VAL A 158 37.41 -2.29 -9.51
N TYR A 159 36.09 -2.47 -9.56
CA TYR A 159 35.40 -2.80 -10.81
C TYR A 159 34.50 -1.58 -11.05
N SER A 160 34.82 -0.84 -12.10
CA SER A 160 34.10 0.38 -12.42
C SER A 160 32.61 0.25 -12.73
N GLY A 161 32.20 -0.89 -13.29
CA GLY A 161 30.82 -1.02 -13.69
C GLY A 161 30.80 0.01 -14.81
N ASP A 162 29.76 0.80 -14.93
CA ASP A 162 29.73 1.84 -15.97
C ASP A 162 29.75 3.20 -15.26
N LEU A 163 30.66 4.09 -15.66
CA LEU A 163 30.74 5.41 -15.06
C LEU A 163 29.88 6.40 -15.86
N GLY A 164 29.29 7.37 -15.16
CA GLY A 164 28.47 8.35 -15.84
C GLY A 164 29.27 9.50 -16.44
N ASN A 165 28.56 10.39 -17.11
CA ASN A 165 29.12 11.59 -17.73
C ASN A 165 28.88 12.64 -16.67
N ARG A 166 29.89 12.95 -15.87
CA ARG A 166 29.71 13.94 -14.80
C ARG A 166 29.24 15.32 -15.27
N GLU A 167 29.24 15.57 -16.57
CA GLU A 167 28.82 16.89 -17.02
C GLU A 167 27.31 17.10 -16.94
N LYS A 168 26.55 16.01 -17.07
CA LYS A 168 25.10 16.08 -17.00
C LYS A 168 24.59 16.42 -15.59
N ASP A 169 23.30 16.75 -15.47
CA ASP A 169 22.73 17.19 -14.20
C ASP A 169 21.85 16.25 -13.38
N VAL A 170 21.22 15.26 -14.01
CA VAL A 170 20.31 14.36 -13.31
C VAL A 170 20.92 13.50 -12.20
N LEU A 171 22.00 12.80 -12.50
CA LEU A 171 22.67 11.94 -11.53
C LEU A 171 23.82 12.64 -10.82
N PRO A 172 24.23 12.13 -9.65
CA PRO A 172 25.35 12.82 -8.97
C PRO A 172 26.68 12.44 -9.64
N ASP A 173 27.70 13.25 -9.42
CA ASP A 173 28.99 12.98 -10.01
C ASP A 173 29.55 11.65 -9.58
N PRO A 174 30.21 10.94 -10.49
CA PRO A 174 30.80 9.63 -10.17
C PRO A 174 31.80 9.85 -9.04
N SER A 175 31.91 8.92 -8.10
CA SER A 175 32.93 9.12 -7.09
C SER A 175 34.26 8.68 -7.67
N LEU A 176 35.35 9.20 -7.12
CA LEU A 176 36.68 8.80 -7.57
C LEU A 176 36.85 7.44 -6.92
N PRO A 177 37.61 6.55 -7.55
CA PRO A 177 37.77 5.24 -6.93
C PRO A 177 38.92 5.30 -5.94
N PRO A 178 39.02 4.32 -5.05
CA PRO A 178 40.13 4.34 -4.09
C PRO A 178 41.37 3.89 -4.85
N LEU A 179 42.55 4.09 -4.27
CA LEU A 179 43.78 3.64 -4.92
C LEU A 179 43.75 2.11 -4.79
N ALA A 180 43.90 1.42 -5.91
CA ALA A 180 43.82 -0.04 -5.92
C ALA A 180 45.02 -0.75 -6.58
N ASP A 181 45.12 -2.06 -6.37
CA ASP A 181 46.22 -2.80 -6.98
C ASP A 181 45.79 -3.17 -8.39
N LEU A 182 44.49 -3.06 -8.65
CA LEU A 182 43.97 -3.35 -9.97
C LEU A 182 42.61 -2.69 -10.15
N VAL A 183 42.35 -2.23 -11.37
CA VAL A 183 41.07 -1.61 -11.68
C VAL A 183 40.55 -2.22 -12.96
N LEU A 184 39.41 -2.90 -12.88
CA LEU A 184 38.78 -3.46 -14.07
C LEU A 184 37.90 -2.29 -14.49
N ALA A 185 38.16 -1.73 -15.67
CA ALA A 185 37.39 -0.58 -16.10
C ALA A 185 36.85 -0.58 -17.51
N GLU A 186 35.67 0.03 -17.65
CA GLU A 186 35.01 0.15 -18.94
C GLU A 186 35.74 1.21 -19.77
N GLY A 187 35.58 1.15 -21.09
CA GLY A 187 36.23 2.12 -21.94
C GLY A 187 35.38 2.33 -23.18
N THR A 188 34.07 2.37 -23.01
CA THR A 188 33.14 2.56 -24.10
C THR A 188 33.57 3.69 -25.03
N TYR A 189 33.96 4.83 -24.44
CA TYR A 189 34.42 5.99 -25.21
C TYR A 189 35.89 6.22 -24.97
N GLY A 190 36.66 5.13 -25.11
CA GLY A 190 38.08 5.22 -24.92
C GLY A 190 38.76 6.09 -25.95
N ASP A 191 38.14 6.24 -27.12
CA ASP A 191 38.71 7.04 -28.19
C ASP A 191 38.47 8.54 -28.17
N ARG A 192 37.40 9.01 -27.54
CA ARG A 192 37.15 10.45 -27.52
C ARG A 192 36.24 11.01 -26.43
N PRO A 193 36.39 12.31 -26.13
CA PRO A 193 35.59 12.97 -25.11
C PRO A 193 34.23 13.28 -25.72
N HIS A 194 33.28 13.69 -24.89
CA HIS A 194 31.96 14.01 -25.41
C HIS A 194 31.91 15.50 -25.67
N ARG A 195 30.95 15.93 -26.50
CA ARG A 195 30.79 17.35 -26.73
C ARG A 195 30.30 17.85 -25.36
N PRO A 196 30.75 19.04 -24.92
CA PRO A 196 30.32 19.56 -23.61
C PRO A 196 28.78 19.58 -23.48
N TYR A 197 28.31 19.24 -22.28
CA TYR A 197 26.89 19.15 -22.01
C TYR A 197 26.10 20.45 -22.18
N ARG A 198 26.50 21.50 -21.45
CA ARG A 198 25.81 22.77 -21.53
C ARG A 198 25.65 23.22 -22.98
N GLU A 199 26.67 22.96 -23.78
CA GLU A 199 26.66 23.34 -25.19
C GLU A 199 25.65 22.49 -25.96
N THR A 200 25.52 21.23 -25.55
CA THR A 200 24.60 20.29 -26.18
C THR A 200 23.16 20.69 -25.89
N VAL A 201 22.90 21.07 -24.64
CA VAL A 201 21.56 21.47 -24.22
C VAL A 201 21.07 22.69 -25.00
N ARG A 202 21.91 23.71 -25.13
CA ARG A 202 21.54 24.90 -25.87
C ARG A 202 21.21 24.53 -27.32
N GLU A 203 22.09 23.76 -27.93
CA GLU A 203 21.86 23.34 -29.30
C GLU A 203 20.55 22.57 -29.36
N PHE A 204 20.29 21.76 -28.33
CA PHE A 204 19.06 20.96 -28.29
C PHE A 204 17.82 21.88 -28.23
N LEU A 205 17.90 22.91 -27.38
CA LEU A 205 16.82 23.86 -27.24
C LEU A 205 16.58 24.64 -28.52
N GLU A 206 17.66 25.02 -29.20
CA GLU A 206 17.56 25.76 -30.45
C GLU A 206 16.82 24.95 -31.54
N ILE A 207 17.11 23.66 -31.61
CA ILE A 207 16.48 22.78 -32.60
C ILE A 207 14.99 22.62 -32.33
N LEU A 208 14.63 22.54 -31.04
CA LEU A 208 13.25 22.37 -30.66
C LEU A 208 12.45 23.64 -30.93
N GLU A 209 13.00 24.77 -30.49
CA GLU A 209 12.37 26.07 -30.66
C GLU A 209 12.08 26.30 -32.14
N LYS A 210 13.11 26.10 -32.97
CA LYS A 210 13.00 26.29 -34.42
C LYS A 210 11.95 25.38 -35.04
N THR A 211 11.99 24.09 -34.71
CA THR A 211 11.05 23.12 -35.27
C THR A 211 9.60 23.31 -34.82
N LEU A 212 9.40 23.49 -33.52
CA LEU A 212 8.07 23.67 -32.97
C LEU A 212 7.43 24.99 -33.42
N SER A 213 8.25 25.99 -33.73
CA SER A 213 7.75 27.29 -34.19
C SER A 213 7.08 27.18 -35.57
N GLN A 214 7.66 26.35 -36.43
CA GLN A 214 7.11 26.15 -37.76
C GLN A 214 6.09 25.03 -37.73
N GLY A 215 5.73 24.61 -36.53
CA GLY A 215 4.75 23.54 -36.39
C GLY A 215 5.23 22.16 -36.81
N GLY A 216 6.53 21.90 -36.66
CA GLY A 216 7.04 20.60 -37.04
C GLY A 216 7.09 19.60 -35.90
N LYS A 217 7.41 18.35 -36.24
CA LYS A 217 7.50 17.31 -35.23
C LYS A 217 8.96 17.05 -34.86
N VAL A 218 9.27 17.00 -33.58
CA VAL A 218 10.63 16.69 -33.15
C VAL A 218 10.64 15.22 -32.71
N LEU A 219 11.26 14.36 -33.49
CA LEU A 219 11.35 12.92 -33.19
C LEU A 219 12.63 12.60 -32.43
N ILE A 220 12.48 11.98 -31.26
CA ILE A 220 13.64 11.61 -30.43
C ILE A 220 13.72 10.14 -30.01
N PRO A 221 14.61 9.36 -30.64
CA PRO A 221 14.77 7.94 -30.30
C PRO A 221 15.34 7.92 -28.88
N THR A 222 14.71 7.20 -27.96
CA THR A 222 15.23 7.19 -26.59
C THR A 222 15.19 5.84 -25.90
N PHE A 223 16.07 5.66 -24.92
CA PHE A 223 16.09 4.43 -24.15
C PHE A 223 15.09 4.70 -23.03
N ALA A 224 14.38 3.67 -22.60
CA ALA A 224 13.37 3.85 -21.58
C ALA A 224 13.86 4.06 -20.16
N VAL A 225 15.11 3.69 -19.81
CA VAL A 225 15.48 3.65 -18.39
C VAL A 225 16.00 5.01 -17.92
N GLU A 226 16.80 5.83 -18.53
CA GLU A 226 17.20 7.07 -17.89
C GLU A 226 17.26 8.20 -18.89
N ARG A 227 17.56 7.85 -20.13
CA ARG A 227 17.68 8.82 -21.19
C ARG A 227 16.40 9.61 -21.42
N ALA A 228 15.28 8.91 -21.57
CA ALA A 228 14.01 9.57 -21.79
C ALA A 228 13.69 10.55 -20.66
N GLN A 229 13.77 10.07 -19.43
CA GLN A 229 13.50 10.90 -18.29
C GLN A 229 14.44 12.10 -18.22
N GLU A 230 15.65 11.92 -18.71
CA GLU A 230 16.59 13.03 -18.66
C GLU A 230 16.15 14.12 -19.66
N ILE A 231 15.61 13.69 -20.81
CA ILE A 231 15.14 14.63 -21.82
C ILE A 231 13.99 15.43 -21.22
N LEU A 232 13.03 14.76 -20.63
CA LEU A 232 11.91 15.43 -19.99
C LEU A 232 12.40 16.46 -18.96
N TYR A 233 13.44 16.10 -18.21
CA TYR A 233 14.03 16.99 -17.22
C TYR A 233 14.50 18.28 -17.88
N VAL A 234 15.12 18.15 -19.05
CA VAL A 234 15.59 19.32 -19.78
C VAL A 234 14.36 20.13 -20.18
N LEU A 235 13.35 19.44 -20.69
CA LEU A 235 12.14 20.12 -21.14
C LEU A 235 11.49 20.87 -19.99
N TYR A 236 11.54 20.29 -18.80
CA TYR A 236 10.93 20.95 -17.66
C TYR A 236 11.71 22.18 -17.23
N THR A 237 13.03 22.03 -17.13
CA THR A 237 13.89 23.10 -16.69
C THR A 237 14.17 24.23 -17.69
N HIS A 238 13.96 23.98 -18.96
CA HIS A 238 14.22 25.01 -19.98
C HIS A 238 13.12 25.18 -21.02
N GLY A 239 12.11 24.32 -20.97
CA GLY A 239 11.04 24.41 -21.94
C GLY A 239 10.23 25.70 -21.88
N HIS A 240 10.42 26.48 -20.82
CA HIS A 240 9.70 27.73 -20.66
C HIS A 240 9.90 28.63 -21.87
N ARG A 241 11.03 28.46 -22.56
CA ARG A 241 11.32 29.27 -23.73
C ARG A 241 10.98 28.56 -25.05
N LEU A 242 10.14 27.54 -24.96
CA LEU A 242 9.74 26.81 -26.15
C LEU A 242 8.27 27.05 -26.48
N PRO A 243 7.89 26.97 -27.76
CA PRO A 243 6.47 27.20 -28.02
C PRO A 243 5.70 26.06 -27.37
N ARG A 244 4.42 26.30 -27.09
CA ARG A 244 3.57 25.30 -26.49
C ARG A 244 3.43 24.11 -27.42
N ALA A 245 3.58 22.90 -26.88
CA ALA A 245 3.43 21.72 -27.70
C ALA A 245 3.33 20.48 -26.83
N PRO A 246 2.50 19.52 -27.24
CA PRO A 246 2.42 18.32 -26.41
C PRO A 246 3.73 17.59 -26.51
N ILE A 247 4.11 16.90 -25.43
CA ILE A 247 5.32 16.11 -25.38
C ILE A 247 4.87 14.68 -25.13
N TYR A 248 4.99 13.83 -26.14
CA TYR A 248 4.56 12.44 -26.01
C TYR A 248 5.65 11.45 -25.64
N LEU A 249 5.59 10.90 -24.43
CA LEU A 249 6.55 9.86 -24.03
C LEU A 249 5.86 8.61 -24.57
N ASP A 250 6.11 8.30 -25.83
CA ASP A 250 5.47 7.16 -26.48
C ASP A 250 6.20 5.84 -26.17
N SER A 251 6.24 5.53 -24.88
CA SER A 251 6.90 4.33 -24.39
C SER A 251 6.33 3.91 -23.05
N PRO A 252 5.56 2.82 -23.03
CA PRO A 252 4.98 2.35 -21.77
C PRO A 252 6.09 2.09 -20.75
N MET A 253 7.20 1.51 -21.20
CA MET A 253 8.30 1.20 -20.29
C MET A 253 8.88 2.47 -19.67
N ALA A 254 9.14 3.48 -20.49
CA ALA A 254 9.68 4.73 -19.97
C ALA A 254 8.65 5.33 -19.01
N GLY A 255 7.37 5.00 -19.25
CA GLY A 255 6.31 5.48 -18.40
C GLY A 255 6.42 4.87 -17.02
N ARG A 256 6.55 3.55 -16.96
CA ARG A 256 6.67 2.85 -15.69
C ARG A 256 7.91 3.35 -14.94
N VAL A 257 9.00 3.58 -15.66
CA VAL A 257 10.24 4.07 -15.04
C VAL A 257 10.02 5.48 -14.49
N LEU A 258 9.33 6.30 -15.26
CA LEU A 258 9.06 7.67 -14.82
C LEU A 258 8.26 7.63 -13.52
N SER A 259 7.23 6.78 -13.47
CA SER A 259 6.40 6.66 -12.26
C SER A 259 7.20 6.25 -11.03
N LEU A 260 8.24 5.45 -11.26
CA LEU A 260 9.10 4.96 -10.19
C LEU A 260 10.08 6.02 -9.68
N TYR A 261 10.47 6.95 -10.54
CA TYR A 261 11.43 7.98 -10.16
C TYR A 261 11.17 8.73 -8.87
N PRO A 262 9.92 9.13 -8.60
CA PRO A 262 9.72 9.85 -7.35
C PRO A 262 10.07 8.99 -6.13
N ARG A 263 10.09 7.67 -6.30
CA ARG A 263 10.44 6.75 -5.19
C ARG A 263 11.95 6.70 -5.00
N LEU A 264 12.69 7.09 -6.05
CA LEU A 264 14.13 7.05 -6.03
C LEU A 264 14.79 8.41 -5.87
N VAL A 265 14.06 9.37 -5.30
CA VAL A 265 14.58 10.72 -5.12
C VAL A 265 16.01 10.83 -4.58
N ARG A 266 16.34 10.02 -3.57
CA ARG A 266 17.67 10.09 -2.97
C ARG A 266 18.83 9.65 -3.86
N TYR A 267 18.53 9.04 -5.00
CA TYR A 267 19.56 8.55 -5.92
C TYR A 267 19.96 9.56 -6.99
N PHE A 268 19.37 10.74 -6.95
CA PHE A 268 19.66 11.76 -7.94
C PHE A 268 20.62 12.78 -7.38
N SER A 269 21.03 13.73 -8.21
CA SER A 269 21.93 14.79 -7.77
C SER A 269 21.23 15.71 -6.79
N GLU A 270 22.00 16.52 -6.09
CA GLU A 270 21.45 17.46 -5.13
C GLU A 270 20.41 18.34 -5.86
N GLU A 271 20.78 18.79 -7.05
CA GLU A 271 19.90 19.63 -7.86
C GLU A 271 18.50 19.03 -7.98
N VAL A 272 18.43 17.77 -8.39
CA VAL A 272 17.14 17.10 -8.53
C VAL A 272 16.43 16.85 -7.19
N GLN A 273 17.20 16.56 -6.14
CA GLN A 273 16.61 16.33 -4.83
C GLN A 273 15.98 17.62 -4.29
N ALA A 274 16.62 18.75 -4.59
CA ALA A 274 16.13 20.05 -4.16
C ALA A 274 14.77 20.36 -4.80
N HIS A 275 14.61 20.03 -6.09
CA HIS A 275 13.33 20.25 -6.75
C HIS A 275 12.24 19.45 -6.05
N PHE A 276 12.54 18.18 -5.78
CA PHE A 276 11.58 17.30 -5.10
C PHE A 276 11.27 17.82 -3.70
N LEU A 277 12.25 18.40 -3.03
CA LEU A 277 12.03 18.92 -1.69
C LEU A 277 10.94 20.01 -1.70
N GLN A 278 10.89 20.80 -2.77
CA GLN A 278 9.89 21.86 -2.92
C GLN A 278 8.59 21.29 -3.48
N GLY A 279 8.43 19.97 -3.42
CA GLY A 279 7.22 19.35 -3.93
C GLY A 279 7.07 19.43 -5.44
N LYS A 280 8.16 19.50 -6.17
CA LYS A 280 8.06 19.60 -7.63
C LYS A 280 8.86 18.54 -8.38
N ASN A 281 8.14 17.66 -9.08
CA ASN A 281 8.75 16.57 -9.86
C ASN A 281 9.36 17.13 -11.15
N PRO A 282 10.69 17.38 -11.17
CA PRO A 282 11.36 17.92 -12.35
C PRO A 282 11.40 17.08 -13.61
N PHE A 283 10.80 15.89 -13.57
CA PHE A 283 10.76 15.00 -14.73
C PHE A 283 9.41 15.06 -15.46
N ARG A 284 8.54 15.95 -15.02
CA ARG A 284 7.24 16.07 -15.65
C ARG A 284 7.00 17.47 -16.21
N PRO A 285 7.49 17.73 -17.42
CA PRO A 285 7.31 19.03 -18.05
C PRO A 285 5.85 19.25 -18.46
N ALA A 286 5.49 20.51 -18.68
CA ALA A 286 4.14 20.86 -19.12
C ALA A 286 3.83 20.14 -20.42
N GLY A 287 2.59 19.67 -20.56
CA GLY A 287 2.20 18.98 -21.78
C GLY A 287 2.61 17.52 -21.88
N LEU A 288 3.25 16.99 -20.84
CA LEU A 288 3.65 15.59 -20.85
C LEU A 288 2.46 14.66 -20.99
N GLU A 289 2.57 13.73 -21.91
CA GLU A 289 1.51 12.77 -22.14
C GLU A 289 2.24 11.42 -22.32
N VAL A 290 1.73 10.35 -21.73
CA VAL A 290 2.37 9.03 -21.87
C VAL A 290 1.47 8.16 -22.72
N VAL A 291 1.96 7.75 -23.88
CA VAL A 291 1.16 6.94 -24.78
C VAL A 291 1.31 5.46 -24.50
N GLU A 292 0.21 4.83 -24.11
CA GLU A 292 0.20 3.42 -23.75
C GLU A 292 0.01 2.42 -24.87
N HIS A 293 -0.86 2.72 -25.83
CA HIS A 293 -1.12 1.76 -26.88
C HIS A 293 -0.80 2.14 -28.31
N THR A 294 -0.81 1.12 -29.16
CA THR A 294 -0.49 1.24 -30.58
C THR A 294 -1.38 2.21 -31.35
N GLU A 295 -2.68 2.16 -31.09
CA GLU A 295 -3.64 3.04 -31.77
C GLU A 295 -3.27 4.52 -31.65
N ALA A 296 -3.04 5.00 -30.44
CA ALA A 296 -2.67 6.41 -30.24
C ALA A 296 -1.27 6.69 -30.79
N SER A 297 -0.38 5.72 -30.64
CA SER A 297 0.99 5.83 -31.15
C SER A 297 0.97 6.04 -32.66
N LYS A 298 0.28 5.17 -33.38
CA LYS A 298 0.21 5.31 -34.83
C LYS A 298 -0.55 6.58 -35.22
N ALA A 299 -1.53 6.96 -34.42
CA ALA A 299 -2.31 8.18 -34.70
C ALA A 299 -1.40 9.39 -34.80
N LEU A 300 -0.32 9.40 -34.03
CA LEU A 300 0.63 10.51 -34.06
C LEU A 300 1.29 10.67 -35.43
N ASN A 301 1.52 9.57 -36.13
CA ASN A 301 2.16 9.62 -37.45
C ASN A 301 1.36 10.45 -38.46
N ARG A 302 0.04 10.53 -38.27
CA ARG A 302 -0.78 11.30 -39.20
C ARG A 302 -1.23 12.65 -38.65
N ALA A 303 -1.03 12.88 -37.37
CA ALA A 303 -1.42 14.16 -36.76
C ALA A 303 -0.30 15.16 -36.96
N PRO A 304 -0.64 16.41 -37.32
CA PRO A 304 0.36 17.45 -37.54
C PRO A 304 1.01 17.97 -36.27
N GLY A 305 2.13 18.67 -36.44
CA GLY A 305 2.81 19.25 -35.30
C GLY A 305 2.07 20.51 -34.90
N PRO A 306 2.61 21.30 -33.96
CA PRO A 306 3.90 21.03 -33.30
C PRO A 306 3.81 19.96 -32.21
N MET A 307 4.87 19.17 -32.08
CA MET A 307 4.93 18.12 -31.07
C MET A 307 6.33 17.58 -30.93
N VAL A 308 6.59 16.97 -29.78
CA VAL A 308 7.85 16.34 -29.46
C VAL A 308 7.49 14.90 -29.14
N VAL A 309 8.12 13.96 -29.83
CA VAL A 309 7.87 12.54 -29.61
C VAL A 309 9.10 11.78 -29.11
N LEU A 310 8.95 11.13 -27.97
CA LEU A 310 10.03 10.32 -27.40
C LEU A 310 9.62 8.86 -27.58
N ALA A 311 10.50 8.07 -28.20
CA ALA A 311 10.18 6.67 -28.43
C ALA A 311 11.41 5.78 -28.60
N GLY A 312 11.20 4.48 -28.43
CA GLY A 312 12.26 3.51 -28.60
C GLY A 312 11.98 2.74 -29.88
N SER A 313 12.91 1.89 -30.33
CA SER A 313 14.19 1.65 -29.67
C SER A 313 15.14 2.84 -29.76
N GLY A 314 15.97 3.00 -28.73
CA GLY A 314 16.93 4.09 -28.70
C GLY A 314 17.98 3.92 -29.78
N MET A 315 18.13 2.69 -30.26
CA MET A 315 19.09 2.39 -31.32
C MET A 315 18.34 1.94 -32.58
N LEU A 316 17.13 2.48 -32.76
CA LEU A 316 16.28 2.20 -33.90
C LEU A 316 16.14 0.74 -34.33
N ALA A 317 16.37 -0.19 -33.41
CA ALA A 317 16.23 -1.61 -33.74
C ALA A 317 14.81 -2.08 -33.41
N GLY A 318 13.82 -1.55 -34.10
CA GLY A 318 12.45 -1.95 -33.83
C GLY A 318 11.75 -0.89 -33.01
N GLY A 319 10.53 -1.19 -32.55
CA GLY A 319 9.80 -0.23 -31.75
C GLY A 319 8.99 0.82 -32.48
N ARG A 320 8.17 1.54 -31.72
CA ARG A 320 7.32 2.58 -32.27
C ARG A 320 8.11 3.67 -33.02
N ILE A 321 9.33 3.94 -32.58
CA ILE A 321 10.14 4.97 -33.22
C ILE A 321 10.21 4.80 -34.75
N LEU A 322 10.35 3.57 -35.21
CA LEU A 322 10.44 3.31 -36.64
C LEU A 322 9.22 3.83 -37.40
N HIS A 323 8.05 3.60 -36.82
CA HIS A 323 6.81 4.05 -37.43
C HIS A 323 6.73 5.56 -37.48
N HIS A 324 7.37 6.24 -36.54
CA HIS A 324 7.35 7.70 -36.55
C HIS A 324 8.34 8.19 -37.61
N LEU A 325 9.44 7.45 -37.78
CA LEU A 325 10.46 7.82 -38.77
C LEU A 325 9.93 7.57 -40.16
N LYS A 326 9.21 6.47 -40.31
CA LYS A 326 8.67 6.13 -41.60
C LYS A 326 7.77 7.25 -42.13
N HIS A 327 6.96 7.82 -41.26
CA HIS A 327 6.02 8.85 -41.67
C HIS A 327 6.42 10.30 -41.41
N GLY A 328 7.57 10.53 -40.77
CA GLY A 328 7.94 11.90 -40.48
C GLY A 328 9.22 12.39 -41.11
N LEU A 329 10.05 11.46 -41.56
CA LEU A 329 11.32 11.81 -42.19
C LEU A 329 11.18 12.55 -43.53
N SER A 330 10.11 12.26 -44.27
CA SER A 330 9.84 12.88 -45.57
C SER A 330 9.43 14.33 -45.53
N ASP A 331 9.08 14.84 -44.35
CA ASP A 331 8.68 16.24 -44.23
C ASP A 331 9.88 17.04 -43.77
N PRO A 332 10.24 18.08 -44.52
CA PRO A 332 11.39 18.90 -44.14
C PRO A 332 11.24 19.74 -42.88
N ARG A 333 10.02 20.04 -42.48
CA ARG A 333 9.80 20.85 -41.28
C ARG A 333 10.06 20.09 -39.99
N ASN A 334 10.10 18.76 -40.08
CA ASN A 334 10.37 17.94 -38.90
C ASN A 334 11.86 17.87 -38.59
N ALA A 335 12.18 17.30 -37.44
CA ALA A 335 13.56 17.15 -37.01
C ALA A 335 13.75 15.84 -36.27
N LEU A 336 14.86 15.16 -36.59
CA LEU A 336 15.22 13.91 -35.97
C LEU A 336 16.39 14.27 -35.07
N VAL A 337 16.23 14.05 -33.77
CA VAL A 337 17.30 14.37 -32.83
C VAL A 337 17.78 13.13 -32.10
N PHE A 338 19.03 12.74 -32.35
CA PHE A 338 19.60 11.59 -31.68
C PHE A 338 20.20 12.11 -30.40
N VAL A 339 19.90 11.45 -29.29
CA VAL A 339 20.42 11.86 -27.97
C VAL A 339 21.18 10.69 -27.38
N GLY A 340 21.51 9.72 -28.22
CA GLY A 340 22.24 8.56 -27.78
C GLY A 340 23.01 7.94 -28.93
N TYR A 341 24.06 7.21 -28.58
CA TYR A 341 24.93 6.57 -29.56
C TYR A 341 24.20 5.64 -30.52
N GLN A 342 24.60 5.69 -31.78
CA GLN A 342 24.03 4.83 -32.82
C GLN A 342 25.16 3.92 -33.32
N PRO A 343 25.00 2.60 -33.16
CA PRO A 343 26.05 1.67 -33.62
C PRO A 343 26.26 1.73 -35.13
N GLN A 344 27.49 2.01 -35.55
CA GLN A 344 27.79 2.07 -36.98
C GLN A 344 27.26 0.79 -37.62
N GLY A 345 26.67 0.92 -38.80
CA GLY A 345 26.13 -0.25 -39.48
C GLY A 345 24.62 -0.34 -39.38
N GLY A 346 24.05 0.34 -38.39
CA GLY A 346 22.60 0.31 -38.22
C GLY A 346 21.84 1.39 -38.99
N LEU A 347 20.52 1.44 -38.78
CA LEU A 347 19.68 2.42 -39.46
C LEU A 347 20.08 3.86 -39.12
N GLY A 348 20.42 4.10 -37.85
CA GLY A 348 20.80 5.42 -37.43
C GLY A 348 22.00 5.94 -38.19
N ALA A 349 23.03 5.11 -38.28
CA ALA A 349 24.25 5.47 -39.00
C ALA A 349 23.92 5.82 -40.46
N GLU A 350 23.08 5.00 -41.08
CA GLU A 350 22.72 5.25 -42.46
C GLU A 350 22.03 6.60 -42.59
N ILE A 351 21.04 6.85 -41.73
CA ILE A 351 20.31 8.11 -41.74
C ILE A 351 21.28 9.27 -41.62
N ILE A 352 22.18 9.18 -40.65
CA ILE A 352 23.16 10.22 -40.41
C ILE A 352 24.06 10.46 -41.62
N ALA A 353 24.24 9.43 -42.45
CA ALA A 353 25.09 9.57 -43.63
C ALA A 353 24.35 10.49 -44.60
N ARG A 354 23.12 10.82 -44.24
CA ARG A 354 22.26 11.69 -45.02
C ARG A 354 22.04 11.27 -46.47
N PRO A 355 21.73 9.99 -46.71
CA PRO A 355 21.52 9.62 -48.11
C PRO A 355 20.22 10.27 -48.60
N PRO A 356 19.99 10.26 -49.92
CA PRO A 356 18.76 10.88 -50.45
C PRO A 356 17.49 10.32 -49.82
N ALA A 357 17.50 9.03 -49.52
CA ALA A 357 16.34 8.39 -48.93
C ALA A 357 16.69 7.06 -48.29
N VAL A 358 16.27 6.88 -47.03
CA VAL A 358 16.55 5.66 -46.30
C VAL A 358 15.35 4.72 -46.37
N ARG A 359 15.59 3.44 -46.12
CA ARG A 359 14.54 2.43 -46.15
C ARG A 359 14.13 2.07 -44.73
N ILE A 360 12.83 2.13 -44.46
CA ILE A 360 12.29 1.83 -43.14
C ILE A 360 11.09 0.89 -43.26
N LEU A 361 11.06 -0.13 -42.40
CA LEU A 361 9.97 -1.11 -42.40
C LEU A 361 9.63 -1.62 -43.80
N GLY A 362 10.66 -2.03 -44.54
CA GLY A 362 10.47 -2.54 -45.89
C GLY A 362 9.97 -1.50 -46.86
N GLU A 363 10.60 -0.34 -46.88
CA GLU A 363 10.15 0.70 -47.78
C GLU A 363 11.10 1.88 -47.81
N GLU A 364 11.37 2.39 -49.00
CA GLU A 364 12.27 3.52 -49.16
C GLU A 364 11.49 4.78 -48.83
N VAL A 365 12.09 5.65 -48.03
CA VAL A 365 11.44 6.89 -47.63
C VAL A 365 12.38 8.09 -47.74
N PRO A 366 11.97 9.12 -48.49
CA PRO A 366 12.75 10.34 -48.70
C PRO A 366 13.22 10.92 -47.38
N LEU A 367 14.44 11.45 -47.35
CA LEU A 367 14.99 12.01 -46.14
C LEU A 367 15.06 13.55 -46.22
N ARG A 368 13.94 14.20 -45.89
CA ARG A 368 13.87 15.67 -45.94
C ARG A 368 14.02 16.31 -44.58
N ALA A 369 13.56 15.62 -43.54
CA ALA A 369 13.64 16.13 -42.17
C ALA A 369 15.09 16.45 -41.84
N SER A 370 15.31 17.43 -40.97
CA SER A 370 16.66 17.79 -40.57
C SER A 370 17.15 16.71 -39.60
N VAL A 371 18.46 16.52 -39.52
CA VAL A 371 19.01 15.48 -38.63
C VAL A 371 20.10 16.02 -37.75
N HIS A 372 20.06 15.64 -36.48
CA HIS A 372 21.05 16.10 -35.52
C HIS A 372 21.48 14.95 -34.62
N THR A 373 22.72 15.00 -34.16
CA THR A 373 23.29 13.95 -33.31
C THR A 373 23.95 14.62 -32.12
N LEU A 374 23.32 14.54 -30.95
CA LEU A 374 23.87 15.17 -29.76
C LEU A 374 24.51 14.18 -28.78
N GLY A 375 25.73 13.74 -29.12
CA GLY A 375 26.44 12.79 -28.29
C GLY A 375 26.72 13.33 -26.90
N GLY A 376 26.54 14.63 -26.73
CA GLY A 376 26.76 15.25 -25.44
C GLY A 376 25.81 14.73 -24.38
N PHE A 377 24.73 14.06 -24.79
CA PHE A 377 23.74 13.50 -23.86
C PHE A 377 24.15 12.10 -23.36
N SER A 378 25.27 11.60 -23.87
CA SER A 378 25.78 10.29 -23.50
C SER A 378 25.79 10.08 -22.00
N GLY A 379 25.54 8.84 -21.59
CA GLY A 379 25.56 8.52 -20.17
C GLY A 379 26.86 7.88 -19.71
N HIS A 380 27.85 7.84 -20.60
CA HIS A 380 29.16 7.27 -20.27
C HIS A 380 30.22 8.35 -20.19
N ALA A 381 31.20 8.14 -19.31
CA ALA A 381 32.32 9.07 -19.17
C ALA A 381 33.06 9.05 -20.51
N GLY A 382 33.41 10.22 -21.03
CA GLY A 382 34.14 10.26 -22.28
C GLY A 382 35.60 9.97 -21.98
N GLN A 383 36.42 9.76 -23.02
CA GLN A 383 37.83 9.46 -22.80
C GLN A 383 38.50 10.35 -21.75
N ASP A 384 38.26 11.66 -21.81
CA ASP A 384 38.87 12.59 -20.85
C ASP A 384 38.43 12.29 -19.42
N GLU A 385 37.15 11.98 -19.26
CA GLU A 385 36.64 11.66 -17.93
C GLU A 385 37.20 10.31 -17.50
N LEU A 386 37.32 9.38 -18.44
CA LEU A 386 37.88 8.07 -18.14
C LEU A 386 39.32 8.25 -17.64
N LEU A 387 40.08 9.14 -18.28
CA LEU A 387 41.45 9.36 -17.85
C LEU A 387 41.53 9.97 -16.46
N ASP A 388 40.61 10.88 -16.13
CA ASP A 388 40.60 11.50 -14.81
C ASP A 388 40.27 10.48 -13.74
N TRP A 389 39.30 9.62 -14.02
CA TRP A 389 38.88 8.61 -13.05
C TRP A 389 40.00 7.59 -12.75
N LEU A 390 40.72 7.21 -13.79
CA LEU A 390 41.81 6.24 -13.71
C LEU A 390 43.14 6.82 -13.19
N GLN A 391 43.22 8.14 -13.09
CA GLN A 391 44.44 8.81 -12.63
C GLN A 391 45.16 8.20 -11.41
N GLY A 392 46.45 7.91 -11.56
CA GLY A 392 47.23 7.35 -10.46
C GLY A 392 47.07 5.86 -10.17
N GLU A 393 46.28 5.13 -10.95
CA GLU A 393 46.11 3.71 -10.71
C GLU A 393 47.20 2.93 -11.43
N PRO A 394 48.04 2.22 -10.67
CA PRO A 394 49.14 1.44 -11.26
C PRO A 394 48.72 0.46 -12.36
N ARG A 395 47.65 -0.30 -12.14
CA ARG A 395 47.21 -1.29 -13.13
C ARG A 395 45.73 -1.20 -13.52
N VAL A 396 45.46 -1.32 -14.81
CA VAL A 396 44.12 -1.22 -15.35
C VAL A 396 43.81 -2.29 -16.38
N VAL A 397 42.68 -2.98 -16.23
CA VAL A 397 42.29 -3.98 -17.21
C VAL A 397 41.00 -3.45 -17.83
N LEU A 398 41.01 -3.30 -19.16
CA LEU A 398 39.88 -2.75 -19.89
C LEU A 398 38.88 -3.74 -20.46
N VAL A 399 37.61 -3.44 -20.19
CA VAL A 399 36.47 -4.22 -20.66
C VAL A 399 35.42 -3.23 -21.18
N HIS A 400 34.27 -3.77 -21.55
CA HIS A 400 33.15 -2.97 -22.01
C HIS A 400 33.51 -1.86 -23.01
N GLY A 401 33.88 -2.28 -24.21
CA GLY A 401 34.23 -1.34 -25.27
C GLY A 401 34.62 -2.07 -26.54
N GLU A 402 34.60 -1.38 -27.67
CA GLU A 402 35.02 -1.99 -28.92
C GLU A 402 36.55 -2.02 -28.86
N GLU A 403 37.13 -3.09 -29.40
CA GLU A 403 38.59 -3.25 -29.37
C GLU A 403 39.36 -1.96 -29.66
N GLU A 404 39.06 -1.33 -30.79
CA GLU A 404 39.76 -0.09 -31.14
C GLU A 404 39.60 0.96 -30.06
N LYS A 405 38.38 1.13 -29.56
CA LYS A 405 38.12 2.11 -28.51
C LYS A 405 38.97 1.82 -27.28
N LEU A 406 38.99 0.56 -26.85
CA LEU A 406 39.80 0.16 -25.71
C LEU A 406 41.30 0.43 -25.97
N LEU A 407 41.75 0.13 -27.19
CA LEU A 407 43.15 0.37 -27.53
C LEU A 407 43.49 1.86 -27.40
N ALA A 408 42.65 2.72 -27.97
CA ALA A 408 42.88 4.15 -27.89
C ALA A 408 43.08 4.62 -26.45
N LEU A 409 42.29 4.09 -25.53
CA LEU A 409 42.43 4.49 -24.13
C LEU A 409 43.70 3.89 -23.56
N GLY A 410 43.95 2.62 -23.91
CA GLY A 410 45.13 1.93 -23.45
C GLY A 410 46.42 2.64 -23.83
N LYS A 411 46.47 3.12 -25.07
CA LYS A 411 47.63 3.83 -25.55
C LYS A 411 47.94 5.00 -24.63
N LEU A 412 46.90 5.75 -24.29
CA LEU A 412 47.09 6.89 -23.40
C LEU A 412 47.45 6.45 -22.00
N LEU A 413 46.85 5.37 -21.51
CA LEU A 413 47.17 4.90 -20.16
C LEU A 413 48.62 4.40 -20.08
N ALA A 414 49.04 3.63 -21.08
CA ALA A 414 50.41 3.12 -21.11
C ALA A 414 51.37 4.30 -21.12
N LEU A 415 51.11 5.27 -21.99
CA LEU A 415 51.94 6.47 -22.07
C LEU A 415 51.99 7.25 -20.76
N ARG A 416 50.96 7.11 -19.94
CA ARG A 416 50.93 7.81 -18.66
C ARG A 416 51.74 7.06 -17.60
N GLY A 417 52.29 5.91 -17.98
CA GLY A 417 53.08 5.12 -17.05
C GLY A 417 52.24 4.14 -16.25
N GLN A 418 51.05 3.84 -16.75
CA GLN A 418 50.14 2.90 -16.09
C GLN A 418 50.10 1.59 -16.86
N GLU A 419 50.12 0.47 -16.15
CA GLU A 419 50.08 -0.82 -16.82
C GLU A 419 48.65 -1.07 -17.25
N VAL A 420 48.47 -1.51 -18.49
CA VAL A 420 47.13 -1.76 -18.99
C VAL A 420 47.06 -2.88 -20.01
N SER A 421 45.92 -3.54 -20.05
CA SER A 421 45.68 -4.59 -21.01
C SER A 421 44.20 -4.57 -21.35
N LEU A 422 43.83 -5.36 -22.35
CA LEU A 422 42.46 -5.51 -22.77
C LEU A 422 42.06 -6.91 -22.28
N ALA A 423 41.17 -6.96 -21.31
CA ALA A 423 40.70 -8.23 -20.75
C ALA A 423 40.39 -9.26 -21.82
N ARG A 424 40.66 -10.53 -21.48
CA ARG A 424 40.36 -11.63 -22.39
C ARG A 424 39.37 -12.55 -21.69
N PHE A 425 38.38 -13.04 -22.45
CA PHE A 425 37.36 -13.91 -21.92
C PHE A 425 37.91 -15.19 -21.28
N GLY A 426 37.64 -15.37 -20.00
CA GLY A 426 38.10 -16.56 -19.29
C GLY A 426 39.52 -16.49 -18.77
N GLU A 427 40.26 -15.46 -19.16
CA GLU A 427 41.64 -15.34 -18.69
C GLU A 427 41.74 -14.59 -17.37
N GLY A 428 41.88 -15.35 -16.28
CA GLY A 428 42.00 -14.75 -14.97
C GLY A 428 43.12 -13.74 -14.90
N VAL A 429 42.96 -12.74 -14.04
CA VAL A 429 43.97 -11.71 -13.88
C VAL A 429 44.29 -11.57 -12.41
N PRO A 430 45.58 -11.74 -12.05
CA PRO A 430 45.94 -11.61 -10.62
C PRO A 430 45.79 -10.17 -10.14
N VAL A 431 45.32 -10.01 -8.91
CA VAL A 431 45.16 -8.69 -8.34
C VAL A 431 46.36 -8.39 -7.48
N MET B 1 -42.07 10.79 14.11
CA MET B 1 -41.01 10.75 13.06
C MET B 1 -41.34 11.73 11.93
N ARG B 2 -40.48 12.74 11.76
CA ARG B 2 -40.67 13.72 10.71
C ARG B 2 -39.46 13.76 9.78
N ILE B 3 -39.72 14.15 8.54
CA ILE B 3 -38.67 14.29 7.54
C ILE B 3 -38.80 15.71 6.99
N VAL B 4 -37.75 16.51 7.15
CA VAL B 4 -37.77 17.87 6.66
C VAL B 4 -36.87 18.02 5.42
N PRO B 5 -37.47 18.29 4.25
CA PRO B 5 -36.75 18.47 2.97
C PRO B 5 -35.97 19.79 2.98
N PHE B 6 -34.65 19.72 2.88
CA PHE B 6 -33.85 20.93 2.89
C PHE B 6 -33.07 21.08 1.60
N GLY B 7 -33.65 20.58 0.52
CA GLY B 7 -33.01 20.66 -0.79
C GLY B 7 -33.74 19.77 -1.76
N ALA B 8 -33.43 19.90 -3.04
CA ALA B 8 -34.06 19.09 -4.08
C ALA B 8 -35.58 19.20 -4.06
N ALA B 9 -36.10 20.27 -3.46
CA ALA B 9 -37.54 20.48 -3.41
C ALA B 9 -37.94 21.32 -4.62
N ARG B 10 -38.65 20.70 -5.56
CA ARG B 10 -39.09 21.35 -6.79
C ARG B 10 -37.97 21.58 -7.81
N GLU B 11 -36.74 21.25 -7.44
CA GLU B 11 -35.60 21.37 -8.33
C GLU B 11 -34.94 20.00 -8.23
N VAL B 12 -33.91 19.74 -9.03
CA VAL B 12 -33.24 18.45 -8.97
C VAL B 12 -32.02 18.40 -8.06
N THR B 13 -31.28 19.51 -7.92
CA THR B 13 -30.08 19.49 -7.08
C THR B 13 -30.27 19.98 -5.65
N GLY B 14 -29.20 19.89 -4.87
CA GLY B 14 -29.21 20.33 -3.49
C GLY B 14 -29.65 19.33 -2.43
N SER B 15 -29.89 18.07 -2.82
CA SER B 15 -30.36 17.02 -1.91
C SER B 15 -29.82 17.10 -0.49
N ALA B 16 -30.74 17.20 0.46
CA ALA B 16 -30.40 17.24 1.88
C ALA B 16 -31.72 17.19 2.62
N HIS B 17 -31.93 16.13 3.39
CA HIS B 17 -33.18 15.97 4.11
C HIS B 17 -32.92 15.58 5.57
N LEU B 18 -33.47 16.36 6.49
CA LEU B 18 -33.28 16.10 7.91
C LEU B 18 -34.37 15.21 8.51
N LEU B 19 -33.95 14.03 8.98
CA LEU B 19 -34.84 13.06 9.60
C LEU B 19 -34.90 13.30 11.11
N LEU B 20 -36.12 13.40 11.64
CA LEU B 20 -36.33 13.62 13.07
C LEU B 20 -37.09 12.43 13.66
N ALA B 21 -36.40 11.62 14.46
CA ALA B 21 -37.02 10.45 15.07
C ALA B 21 -36.06 9.72 16.02
N GLY B 22 -36.62 8.79 16.79
CA GLY B 22 -35.85 8.02 17.74
C GLY B 22 -35.06 8.88 18.70
N GLY B 23 -35.52 10.12 18.87
CA GLY B 23 -34.83 11.05 19.74
C GLY B 23 -33.51 11.51 19.14
N ARG B 24 -33.48 11.65 17.83
CA ARG B 24 -32.27 12.08 17.14
C ARG B 24 -32.57 12.82 15.84
N ARG B 25 -31.54 13.48 15.31
CA ARG B 25 -31.68 14.20 14.05
C ARG B 25 -30.61 13.70 13.09
N VAL B 26 -31.07 12.98 12.06
CA VAL B 26 -30.20 12.40 11.06
C VAL B 26 -30.38 13.02 9.68
N LEU B 27 -29.30 13.61 9.17
CA LEU B 27 -29.34 14.24 7.84
C LEU B 27 -29.08 13.21 6.74
N LEU B 28 -30.00 13.15 5.78
CA LEU B 28 -29.91 12.23 4.66
C LEU B 28 -29.40 13.01 3.44
N ASP B 29 -28.13 12.80 3.10
CA ASP B 29 -27.45 13.49 2.01
C ASP B 29 -27.23 14.96 2.37
N CYS B 30 -26.31 15.60 1.64
CA CYS B 30 -25.98 17.00 1.89
C CYS B 30 -25.33 17.52 0.60
N GLY B 31 -26.09 17.47 -0.48
CA GLY B 31 -25.57 17.89 -1.76
C GLY B 31 -25.59 19.37 -2.03
N MET B 32 -24.90 19.77 -3.08
CA MET B 32 -24.87 21.16 -3.43
C MET B 32 -25.84 21.42 -4.57
N PHE B 33 -26.25 22.68 -4.69
CA PHE B 33 -27.15 23.11 -5.73
C PHE B 33 -26.28 23.38 -6.94
N GLN B 34 -26.82 23.14 -8.12
CA GLN B 34 -26.08 23.34 -9.36
C GLN B 34 -27.04 23.86 -10.40
N GLY B 35 -26.52 24.21 -11.57
CA GLY B 35 -27.40 24.76 -12.58
C GLY B 35 -27.84 26.12 -12.09
N LYS B 36 -29.12 26.46 -12.25
CA LYS B 36 -29.58 27.76 -11.80
C LYS B 36 -30.00 27.74 -10.33
N GLU B 37 -29.07 27.30 -9.48
CA GLU B 37 -29.28 27.22 -8.04
C GLU B 37 -27.95 27.54 -7.37
N GLU B 38 -26.85 27.35 -8.11
CA GLU B 38 -25.51 27.60 -7.61
C GLU B 38 -25.47 28.61 -6.46
N ALA B 39 -26.08 29.78 -6.69
CA ALA B 39 -26.11 30.86 -5.71
C ALA B 39 -26.59 30.49 -4.31
N ARG B 40 -27.55 29.57 -4.22
CA ARG B 40 -28.06 29.18 -2.91
C ARG B 40 -27.17 28.21 -2.12
N ASN B 41 -26.01 27.87 -2.67
CA ASN B 41 -25.08 26.98 -1.96
C ASN B 41 -24.43 27.82 -0.87
N HIS B 42 -24.66 29.12 -0.95
CA HIS B 42 -24.09 30.08 -0.01
C HIS B 42 -25.07 30.39 1.11
N ALA B 43 -26.36 30.12 0.86
CA ALA B 43 -27.41 30.37 1.84
C ALA B 43 -27.25 29.41 3.03
N PRO B 44 -28.08 29.58 4.07
CA PRO B 44 -27.98 28.70 5.24
C PRO B 44 -28.77 27.41 5.01
N PHE B 45 -28.33 26.33 5.64
CA PHE B 45 -29.00 25.04 5.52
C PHE B 45 -30.49 25.11 5.85
N GLY B 46 -30.82 25.85 6.91
CA GLY B 46 -32.20 25.95 7.32
C GLY B 46 -32.34 25.28 8.69
N PHE B 47 -31.25 24.63 9.11
CA PHE B 47 -31.17 23.95 10.39
C PHE B 47 -29.76 24.17 10.94
N ASP B 48 -29.63 24.08 12.26
CA ASP B 48 -28.35 24.24 12.94
C ASP B 48 -27.53 22.96 12.76
N PRO B 49 -26.43 23.02 12.00
CA PRO B 49 -25.61 21.82 11.81
C PRO B 49 -25.02 21.23 13.09
N LYS B 50 -24.97 22.03 14.15
CA LYS B 50 -24.43 21.55 15.42
C LYS B 50 -25.48 20.70 16.10
N GLU B 51 -26.69 20.74 15.54
CA GLU B 51 -27.82 19.99 16.08
C GLU B 51 -28.07 18.67 15.34
N VAL B 52 -27.11 18.28 14.50
CA VAL B 52 -27.23 17.04 13.73
C VAL B 52 -26.49 15.93 14.47
N ASP B 53 -27.13 14.78 14.64
CA ASP B 53 -26.50 13.67 15.33
C ASP B 53 -25.69 12.80 14.38
N ALA B 54 -26.20 12.60 13.18
CA ALA B 54 -25.51 11.77 12.20
C ALA B 54 -25.87 12.17 10.78
N VAL B 55 -25.02 11.79 9.83
CA VAL B 55 -25.23 12.08 8.43
C VAL B 55 -25.04 10.83 7.58
N LEU B 56 -26.00 10.54 6.72
CA LEU B 56 -25.88 9.41 5.82
C LEU B 56 -25.86 9.95 4.38
N LEU B 57 -24.94 9.45 3.56
CA LEU B 57 -24.79 9.87 2.17
C LEU B 57 -25.16 8.73 1.22
N THR B 58 -26.22 8.89 0.43
CA THR B 58 -26.64 7.83 -0.50
C THR B 58 -25.67 7.46 -1.62
N HIS B 59 -24.90 8.43 -2.09
CA HIS B 59 -23.88 8.19 -3.13
C HIS B 59 -22.95 9.37 -3.30
N ALA B 60 -21.94 9.23 -4.16
CA ALA B 60 -20.93 10.28 -4.32
C ALA B 60 -21.17 11.49 -5.22
N HIS B 61 -22.24 11.51 -6.02
CA HIS B 61 -22.45 12.65 -6.89
C HIS B 61 -22.46 13.95 -6.07
N LEU B 62 -21.83 14.96 -6.65
CA LEU B 62 -21.72 16.27 -6.03
C LEU B 62 -23.05 16.85 -5.54
N ASP B 63 -24.16 16.56 -6.21
CA ASP B 63 -25.42 17.12 -5.75
C ASP B 63 -26.00 16.38 -4.54
N HIS B 64 -25.18 15.51 -3.94
CA HIS B 64 -25.57 14.77 -2.73
C HIS B 64 -24.52 14.88 -1.64
N VAL B 65 -23.27 15.17 -2.01
CA VAL B 65 -22.19 15.32 -1.03
C VAL B 65 -21.58 16.73 -1.07
N GLY B 66 -21.97 17.50 -2.08
CA GLY B 66 -21.47 18.86 -2.28
C GLY B 66 -21.38 19.83 -1.12
N ARG B 67 -22.37 19.81 -0.23
CA ARG B 67 -22.31 20.73 0.90
C ARG B 67 -21.76 20.11 2.17
N LEU B 68 -21.40 18.82 2.12
CA LEU B 68 -20.90 18.18 3.32
C LEU B 68 -19.80 18.99 4.02
N PRO B 69 -18.87 19.56 3.25
CA PRO B 69 -17.82 20.34 3.93
C PRO B 69 -18.34 21.65 4.54
N LYS B 70 -19.43 22.18 4.00
CA LYS B 70 -19.99 23.41 4.54
C LYS B 70 -20.62 23.11 5.90
N LEU B 71 -21.25 21.94 6.00
CA LEU B 71 -21.89 21.51 7.24
C LEU B 71 -20.85 21.46 8.37
N PHE B 72 -19.67 20.91 8.08
CA PHE B 72 -18.60 20.83 9.08
C PHE B 72 -18.11 22.24 9.41
N ARG B 73 -17.80 23.00 8.38
CA ARG B 73 -17.33 24.36 8.53
C ARG B 73 -18.26 25.11 9.48
N GLU B 74 -19.52 24.69 9.52
CA GLU B 74 -20.50 25.34 10.37
C GLU B 74 -20.71 24.74 11.75
N GLY B 75 -19.79 23.89 12.21
CA GLY B 75 -19.94 23.33 13.54
C GLY B 75 -20.11 21.84 13.69
N TYR B 76 -20.79 21.20 12.75
CA TYR B 76 -21.00 19.76 12.84
C TYR B 76 -19.68 19.03 12.99
N ARG B 77 -19.66 18.07 13.90
CA ARG B 77 -18.45 17.30 14.15
C ARG B 77 -18.78 15.83 14.32
N GLY B 78 -19.99 15.45 13.93
CA GLY B 78 -20.43 14.07 14.05
C GLY B 78 -19.94 13.16 12.92
N PRO B 79 -20.35 11.89 12.94
CA PRO B 79 -19.96 10.90 11.93
C PRO B 79 -20.78 11.04 10.64
N VAL B 80 -20.20 10.55 9.54
CA VAL B 80 -20.87 10.59 8.26
C VAL B 80 -20.77 9.18 7.71
N TYR B 81 -21.91 8.51 7.61
CA TYR B 81 -21.94 7.13 7.15
C TYR B 81 -22.21 7.00 5.67
N ALA B 82 -21.48 6.10 5.05
CA ALA B 82 -21.60 5.87 3.63
C ALA B 82 -20.91 4.59 3.21
N THR B 83 -21.29 4.11 2.04
CA THR B 83 -20.72 2.91 1.47
C THR B 83 -19.23 3.15 1.21
N ARG B 84 -18.42 2.10 1.32
CA ARG B 84 -16.99 2.24 1.10
C ARG B 84 -16.71 2.87 -0.26
N ALA B 85 -17.44 2.43 -1.29
CA ALA B 85 -17.27 2.97 -2.63
C ALA B 85 -17.62 4.47 -2.64
N THR B 86 -18.69 4.86 -1.94
CA THR B 86 -19.04 6.26 -1.92
C THR B 86 -17.91 7.05 -1.28
N VAL B 87 -17.35 6.50 -0.21
CA VAL B 87 -16.25 7.15 0.49
C VAL B 87 -15.08 7.44 -0.44
N LEU B 88 -14.68 6.46 -1.22
CA LEU B 88 -13.54 6.64 -2.13
C LEU B 88 -13.86 7.62 -3.26
N LEU B 89 -15.00 7.41 -3.92
CA LEU B 89 -15.40 8.30 -5.01
C LEU B 89 -15.54 9.72 -4.48
N MET B 90 -16.07 9.83 -3.27
CA MET B 90 -16.28 11.13 -2.64
C MET B 90 -14.99 11.93 -2.55
N GLU B 91 -13.88 11.25 -2.30
CA GLU B 91 -12.61 11.94 -2.18
C GLU B 91 -12.24 12.61 -3.50
N ILE B 92 -12.32 11.86 -4.59
CA ILE B 92 -12.00 12.43 -5.88
C ILE B 92 -12.94 13.59 -6.19
N VAL B 93 -14.22 13.39 -5.98
CA VAL B 93 -15.19 14.44 -6.28
C VAL B 93 -14.98 15.75 -5.55
N LEU B 94 -14.80 15.68 -4.23
CA LEU B 94 -14.62 16.88 -3.42
C LEU B 94 -13.29 17.60 -3.68
N GLU B 95 -12.20 16.85 -3.84
CA GLU B 95 -10.91 17.48 -4.11
C GLU B 95 -11.00 18.25 -5.43
N ASP B 96 -11.81 17.74 -6.34
CA ASP B 96 -12.01 18.35 -7.65
C ASP B 96 -12.91 19.58 -7.53
N ALA B 97 -13.80 19.57 -6.56
CA ALA B 97 -14.69 20.71 -6.34
C ALA B 97 -13.84 21.91 -5.95
N LEU B 98 -12.80 21.66 -5.16
CA LEU B 98 -11.89 22.73 -4.73
C LEU B 98 -11.16 23.33 -5.93
N LYS B 99 -10.40 22.51 -6.64
CA LYS B 99 -9.64 22.97 -7.82
C LYS B 99 -10.50 23.62 -8.90
N VAL B 100 -11.83 23.56 -8.76
CA VAL B 100 -12.68 24.14 -9.78
C VAL B 100 -13.42 25.42 -9.43
N MET B 101 -13.72 25.62 -8.15
CA MET B 101 -14.43 26.83 -7.73
C MET B 101 -13.47 27.93 -7.30
N ASP B 102 -13.47 29.05 -8.01
CA ASP B 102 -12.59 30.16 -7.67
C ASP B 102 -13.24 30.93 -6.53
N GLU B 103 -14.50 30.60 -6.26
CA GLU B 103 -15.26 31.23 -5.19
C GLU B 103 -16.06 30.12 -4.50
N PRO B 104 -15.37 29.19 -3.83
CA PRO B 104 -16.01 28.08 -3.13
C PRO B 104 -16.64 28.51 -1.81
N PHE B 105 -17.70 27.81 -1.41
CA PHE B 105 -18.38 28.14 -0.16
C PHE B 105 -17.80 27.38 1.03
N PHE B 106 -16.60 26.84 0.84
CA PHE B 106 -15.87 26.10 1.87
C PHE B 106 -14.40 26.09 1.50
N GLY B 107 -13.57 25.68 2.46
CA GLY B 107 -12.15 25.62 2.23
C GLY B 107 -11.60 24.20 2.31
N PRO B 108 -10.29 24.03 2.15
CA PRO B 108 -9.64 22.72 2.20
C PRO B 108 -9.64 22.07 3.58
N GLU B 109 -9.75 22.88 4.62
CA GLU B 109 -9.75 22.33 5.97
C GLU B 109 -11.09 21.65 6.22
N ASP B 110 -12.14 22.20 5.61
CA ASP B 110 -13.49 21.64 5.77
C ASP B 110 -13.62 20.34 4.99
N VAL B 111 -12.91 20.25 3.87
CA VAL B 111 -12.95 19.06 3.05
C VAL B 111 -12.29 17.89 3.77
N GLU B 112 -11.13 18.13 4.35
CA GLU B 112 -10.43 17.07 5.07
C GLU B 112 -11.12 16.83 6.39
N GLU B 113 -11.79 17.85 6.90
CA GLU B 113 -12.51 17.74 8.16
C GLU B 113 -13.67 16.78 7.94
N ALA B 114 -14.33 16.92 6.80
CA ALA B 114 -15.47 16.08 6.45
C ALA B 114 -15.01 14.67 6.15
N LEU B 115 -14.07 14.53 5.20
CA LEU B 115 -13.55 13.22 4.82
C LEU B 115 -13.03 12.46 6.03
N GLY B 116 -12.61 13.20 7.04
CA GLY B 116 -12.08 12.58 8.24
C GLY B 116 -13.13 11.90 9.09
N HIS B 117 -14.39 12.33 8.96
CA HIS B 117 -15.46 11.74 9.76
C HIS B 117 -16.21 10.62 9.06
N LEU B 118 -15.78 10.29 7.85
CA LEU B 118 -16.42 9.23 7.10
C LEU B 118 -16.28 7.89 7.81
N ARG B 119 -17.39 7.16 7.87
CA ARG B 119 -17.42 5.84 8.49
C ARG B 119 -18.18 4.96 7.54
N PRO B 120 -17.59 3.82 7.16
CA PRO B 120 -18.23 2.90 6.23
C PRO B 120 -19.46 2.17 6.77
N LEU B 121 -20.46 2.06 5.91
CA LEU B 121 -21.71 1.38 6.20
C LEU B 121 -22.12 0.75 4.89
N GLU B 122 -22.25 -0.57 4.86
CA GLU B 122 -22.61 -1.28 3.64
C GLU B 122 -24.07 -1.70 3.55
N TYR B 123 -24.47 -2.22 2.39
CA TYR B 123 -25.84 -2.68 2.17
C TYR B 123 -26.23 -3.73 3.19
N GLY B 124 -27.43 -3.60 3.75
CA GLY B 124 -27.91 -4.57 4.71
C GLY B 124 -27.41 -4.44 6.13
N GLU B 125 -26.41 -3.58 6.35
CA GLU B 125 -25.88 -3.39 7.70
C GLU B 125 -26.77 -2.43 8.45
N TRP B 126 -26.94 -2.64 9.75
CA TRP B 126 -27.79 -1.76 10.53
C TRP B 126 -27.01 -0.84 11.44
N LEU B 127 -27.44 0.41 11.45
CA LEU B 127 -26.81 1.42 12.29
C LEU B 127 -27.89 1.81 13.29
N ARG B 128 -27.50 2.08 14.52
CA ARG B 128 -28.46 2.47 15.54
C ARG B 128 -28.07 3.77 16.21
N LEU B 129 -29.05 4.63 16.39
CA LEU B 129 -28.86 5.92 17.04
C LEU B 129 -30.13 6.05 17.85
N GLY B 130 -30.00 6.25 19.16
CA GLY B 130 -31.18 6.35 20.00
C GLY B 130 -32.05 5.12 19.76
N ALA B 131 -33.32 5.34 19.47
CA ALA B 131 -34.26 4.25 19.23
C ALA B 131 -34.44 4.08 17.72
N LEU B 132 -33.58 4.75 16.95
CA LEU B 132 -33.64 4.73 15.50
C LEU B 132 -32.72 3.68 14.86
N SER B 133 -33.22 2.97 13.86
CA SER B 133 -32.42 1.95 13.16
C SER B 133 -32.35 2.26 11.66
N LEU B 134 -31.13 2.32 11.12
CA LEU B 134 -30.93 2.64 9.72
C LEU B 134 -30.15 1.58 8.95
N ALA B 135 -30.43 1.50 7.66
CA ALA B 135 -29.75 0.55 6.81
C ALA B 135 -29.84 1.03 5.36
N PHE B 136 -28.84 0.67 4.57
CA PHE B 136 -28.78 1.03 3.17
C PHE B 136 -29.38 -0.09 2.33
N GLY B 137 -30.07 0.28 1.25
CA GLY B 137 -30.63 -0.70 0.34
C GLY B 137 -29.92 -0.46 -0.97
N GLN B 138 -29.94 -1.42 -1.89
CA GLN B 138 -29.26 -1.24 -3.17
C GLN B 138 -30.02 -0.30 -4.12
N ALA B 139 -29.40 0.80 -4.52
CA ALA B 139 -30.02 1.79 -5.43
C ALA B 139 -29.66 1.65 -6.92
N GLY B 140 -28.52 1.00 -7.19
CA GLY B 140 -28.09 0.80 -8.57
C GLY B 140 -27.88 2.06 -9.40
N HIS B 141 -27.62 3.18 -8.74
CA HIS B 141 -27.44 4.43 -9.45
C HIS B 141 -25.97 4.70 -9.78
N LEU B 142 -25.08 4.38 -8.85
CA LEU B 142 -23.66 4.62 -9.00
C LEU B 142 -22.97 3.58 -8.11
N PRO B 143 -21.67 3.30 -8.35
CA PRO B 143 -21.00 2.33 -7.49
C PRO B 143 -21.14 2.76 -6.04
N GLY B 144 -21.75 1.91 -5.22
CA GLY B 144 -21.93 2.24 -3.82
C GLY B 144 -23.13 3.10 -3.52
N SER B 145 -24.02 3.29 -4.50
CA SER B 145 -25.20 4.12 -4.24
C SER B 145 -26.26 3.32 -3.50
N ALA B 146 -26.96 3.96 -2.58
CA ALA B 146 -27.98 3.26 -1.82
C ALA B 146 -29.21 4.11 -1.58
N PHE B 147 -30.27 3.47 -1.07
CA PHE B 147 -31.44 4.20 -0.66
C PHE B 147 -31.43 3.97 0.85
N VAL B 148 -32.20 4.73 1.61
CA VAL B 148 -32.21 4.57 3.06
C VAL B 148 -33.51 4.01 3.63
N VAL B 149 -33.37 3.08 4.57
CA VAL B 149 -34.50 2.48 5.25
C VAL B 149 -34.28 2.90 6.70
N ALA B 150 -35.25 3.62 7.25
CA ALA B 150 -35.17 4.11 8.63
C ALA B 150 -36.37 3.63 9.44
N GLN B 151 -36.09 2.92 10.52
CA GLN B 151 -37.16 2.39 11.37
C GLN B 151 -37.05 2.86 12.82
N GLY B 152 -38.15 3.38 13.34
CA GLY B 152 -38.20 3.85 14.70
C GLY B 152 -39.61 4.25 15.09
N GLU B 153 -39.92 4.17 16.39
CA GLU B 153 -41.24 4.55 16.88
C GLU B 153 -42.35 3.77 16.16
N GLY B 154 -42.12 2.49 15.86
CA GLY B 154 -43.13 1.73 15.15
C GLY B 154 -43.44 2.33 13.79
N ARG B 155 -42.56 3.21 13.33
CA ARG B 155 -42.73 3.88 12.02
C ARG B 155 -41.58 3.54 11.05
N THR B 156 -41.91 3.45 9.77
CA THR B 156 -40.91 3.12 8.76
C THR B 156 -40.85 4.12 7.60
N LEU B 157 -39.71 4.79 7.46
CA LEU B 157 -39.50 5.75 6.37
C LEU B 157 -38.44 5.24 5.38
N VAL B 158 -38.66 5.47 4.09
CA VAL B 158 -37.71 5.09 3.06
C VAL B 158 -37.37 6.33 2.24
N TYR B 159 -36.07 6.58 2.11
CA TYR B 159 -35.54 7.68 1.32
C TYR B 159 -34.79 6.99 0.17
N SER B 160 -35.23 7.22 -1.05
CA SER B 160 -34.62 6.57 -2.21
C SER B 160 -33.25 7.04 -2.69
N GLY B 161 -32.86 8.26 -2.32
CA GLY B 161 -31.62 8.79 -2.89
C GLY B 161 -31.95 8.78 -4.38
N ASP B 162 -31.02 8.37 -5.22
CA ASP B 162 -31.32 8.30 -6.64
C ASP B 162 -31.43 6.83 -7.06
N LEU B 163 -32.43 6.52 -7.89
CA LEU B 163 -32.63 5.17 -8.36
C LEU B 163 -32.02 4.99 -9.73
N GLY B 164 -31.28 3.90 -9.90
CA GLY B 164 -30.66 3.64 -11.17
C GLY B 164 -31.64 3.11 -12.20
N ASN B 165 -31.15 2.99 -13.43
CA ASN B 165 -31.91 2.48 -14.56
C ASN B 165 -31.56 0.99 -14.70
N ARG B 166 -32.41 0.14 -14.12
CA ARG B 166 -32.19 -1.30 -14.11
C ARG B 166 -31.89 -1.95 -15.44
N GLU B 167 -32.21 -1.29 -16.54
CA GLU B 167 -31.97 -1.89 -17.85
C GLU B 167 -30.49 -1.99 -18.23
N LYS B 168 -29.65 -1.19 -17.58
CA LYS B 168 -28.23 -1.19 -17.91
C LYS B 168 -27.47 -2.39 -17.34
N ASP B 169 -26.26 -2.62 -17.85
CA ASP B 169 -25.46 -3.77 -17.47
C ASP B 169 -24.36 -3.64 -16.42
N VAL B 170 -23.85 -2.44 -16.20
CA VAL B 170 -22.76 -2.23 -15.26
C VAL B 170 -23.05 -2.27 -13.76
N LEU B 171 -24.16 -1.66 -13.35
CA LEU B 171 -24.54 -1.62 -11.93
C LEU B 171 -25.57 -2.69 -11.58
N PRO B 172 -25.57 -3.18 -10.35
CA PRO B 172 -26.57 -4.20 -10.02
C PRO B 172 -27.97 -3.59 -9.95
N ASP B 173 -29.00 -4.35 -10.32
CA ASP B 173 -30.37 -3.86 -10.27
C ASP B 173 -30.72 -3.37 -8.88
N PRO B 174 -31.50 -2.29 -8.79
CA PRO B 174 -31.89 -1.75 -7.48
C PRO B 174 -32.79 -2.77 -6.78
N SER B 175 -32.71 -2.79 -5.46
CA SER B 175 -33.55 -3.67 -4.68
C SER B 175 -34.87 -2.93 -4.44
N LEU B 176 -35.98 -3.67 -4.40
CA LEU B 176 -37.28 -3.07 -4.13
C LEU B 176 -37.20 -2.60 -2.70
N PRO B 177 -38.00 -1.60 -2.32
CA PRO B 177 -37.93 -1.12 -0.94
C PRO B 177 -38.93 -1.90 -0.08
N PRO B 178 -38.86 -1.75 1.25
CA PRO B 178 -39.82 -2.47 2.10
C PRO B 178 -41.10 -1.63 2.15
N LEU B 179 -42.21 -2.24 2.56
CA LEU B 179 -43.45 -1.49 2.68
C LEU B 179 -43.16 -0.39 3.71
N ALA B 180 -43.60 0.84 3.44
CA ALA B 180 -43.31 1.94 4.36
C ALA B 180 -44.47 2.89 4.60
N ASP B 181 -44.40 3.60 5.72
CA ASP B 181 -45.43 4.57 6.07
C ASP B 181 -45.27 5.77 5.16
N LEU B 182 -44.02 6.08 4.83
CA LEU B 182 -43.69 7.20 3.96
C LEU B 182 -42.42 6.96 3.17
N VAL B 183 -42.48 7.26 1.87
CA VAL B 183 -41.33 7.11 1.00
C VAL B 183 -40.97 8.44 0.34
N LEU B 184 -39.77 8.93 0.64
CA LEU B 184 -39.24 10.16 0.06
C LEU B 184 -38.53 9.69 -1.20
N ALA B 185 -39.16 9.88 -2.34
CA ALA B 185 -38.63 9.44 -3.62
C ALA B 185 -38.32 10.55 -4.62
N GLU B 186 -37.40 10.24 -5.54
CA GLU B 186 -37.01 11.18 -6.60
C GLU B 186 -37.89 10.93 -7.82
N GLY B 187 -37.98 11.92 -8.69
CA GLY B 187 -38.78 11.77 -9.89
C GLY B 187 -38.17 12.54 -11.06
N THR B 188 -36.83 12.53 -11.10
CA THR B 188 -36.06 13.20 -12.13
C THR B 188 -36.67 12.98 -13.50
N TYR B 189 -37.11 11.76 -13.74
CA TYR B 189 -37.74 11.43 -15.00
C TYR B 189 -39.18 11.03 -14.74
N GLY B 190 -39.86 11.81 -13.92
CA GLY B 190 -41.26 11.52 -13.60
C GLY B 190 -42.20 11.61 -14.79
N ASP B 191 -41.75 12.28 -15.86
CA ASP B 191 -42.57 12.45 -17.04
C ASP B 191 -42.50 11.33 -18.07
N ARG B 192 -41.39 10.62 -18.14
CA ARG B 192 -41.33 9.56 -19.14
C ARG B 192 -40.28 8.47 -18.95
N PRO B 193 -40.44 7.38 -19.70
CA PRO B 193 -39.51 6.23 -19.65
C PRO B 193 -38.32 6.52 -20.56
N HIS B 194 -37.26 5.72 -20.43
CA HIS B 194 -36.11 5.93 -21.29
C HIS B 194 -36.28 4.97 -22.44
N ARG B 195 -35.61 5.24 -23.55
CA ARG B 195 -35.67 4.32 -24.67
C ARG B 195 -35.02 3.05 -24.09
N PRO B 196 -35.46 1.86 -24.52
CA PRO B 196 -34.85 0.64 -24.00
C PRO B 196 -33.34 0.60 -24.23
N TYR B 197 -32.62 0.14 -23.21
CA TYR B 197 -31.17 0.06 -23.24
C TYR B 197 -30.60 -0.82 -24.35
N ARG B 198 -31.15 -2.01 -24.54
CA ARG B 198 -30.63 -2.89 -25.57
C ARG B 198 -30.60 -2.23 -26.95
N GLU B 199 -31.68 -1.56 -27.33
CA GLU B 199 -31.70 -0.91 -28.64
C GLU B 199 -30.85 0.36 -28.60
N THR B 200 -30.64 0.91 -27.42
CA THR B 200 -29.81 2.10 -27.26
C THR B 200 -28.38 1.71 -27.64
N VAL B 201 -27.93 0.58 -27.12
CA VAL B 201 -26.59 0.08 -27.42
C VAL B 201 -26.42 -0.29 -28.91
N ARG B 202 -27.46 -0.88 -29.51
CA ARG B 202 -27.38 -1.24 -30.92
C ARG B 202 -27.22 0.01 -31.79
N GLU B 203 -27.94 1.08 -31.48
CA GLU B 203 -27.79 2.28 -32.30
C GLU B 203 -26.40 2.85 -32.07
N PHE B 204 -25.97 2.89 -30.82
CA PHE B 204 -24.66 3.39 -30.48
C PHE B 204 -23.59 2.73 -31.35
N LEU B 205 -23.59 1.40 -31.40
CA LEU B 205 -22.60 0.68 -32.19
C LEU B 205 -22.75 0.95 -33.69
N GLU B 206 -23.97 1.20 -34.13
CA GLU B 206 -24.19 1.47 -35.54
C GLU B 206 -23.54 2.81 -35.87
N ILE B 207 -23.73 3.78 -34.98
CA ILE B 207 -23.15 5.10 -35.16
C ILE B 207 -21.64 4.95 -35.23
N LEU B 208 -21.05 4.38 -34.19
CA LEU B 208 -19.62 4.18 -34.14
C LEU B 208 -19.10 3.43 -35.36
N GLU B 209 -19.73 2.30 -35.69
CA GLU B 209 -19.32 1.50 -36.86
C GLU B 209 -19.22 2.40 -38.08
N LYS B 210 -20.33 3.08 -38.37
CA LYS B 210 -20.42 3.98 -39.52
C LYS B 210 -19.36 5.07 -39.57
N THR B 211 -19.36 5.95 -38.57
CA THR B 211 -18.41 7.07 -38.56
C THR B 211 -16.95 6.68 -38.50
N LEU B 212 -16.62 5.64 -37.73
CA LEU B 212 -15.23 5.20 -37.63
C LEU B 212 -14.77 4.56 -38.95
N SER B 213 -15.71 4.00 -39.73
CA SER B 213 -15.37 3.38 -41.00
C SER B 213 -15.06 4.38 -42.11
N GLN B 214 -15.65 5.56 -42.03
CA GLN B 214 -15.41 6.59 -43.03
C GLN B 214 -14.32 7.55 -42.55
N GLY B 215 -13.61 7.16 -41.50
CA GLY B 215 -12.54 7.99 -40.99
C GLY B 215 -12.92 9.15 -40.07
N GLY B 216 -14.20 9.23 -39.70
CA GLY B 216 -14.66 10.32 -38.85
C GLY B 216 -14.35 10.20 -37.36
N LYS B 217 -14.65 11.26 -36.63
CA LYS B 217 -14.45 11.29 -35.19
C LYS B 217 -15.80 11.14 -34.53
N VAL B 218 -15.82 10.48 -33.38
CA VAL B 218 -17.05 10.33 -32.62
C VAL B 218 -16.81 11.14 -31.34
N LEU B 219 -17.53 12.25 -31.21
CA LEU B 219 -17.42 13.14 -30.06
C LEU B 219 -18.51 12.75 -29.08
N ILE B 220 -18.11 12.53 -27.84
CA ILE B 220 -19.03 12.12 -26.79
C ILE B 220 -18.88 12.91 -25.49
N PRO B 221 -19.76 13.86 -25.24
CA PRO B 221 -19.61 14.60 -23.99
C PRO B 221 -20.04 13.64 -22.89
N THR B 222 -19.31 13.63 -21.78
CA THR B 222 -19.62 12.71 -20.70
C THR B 222 -19.32 13.25 -19.33
N PHE B 223 -20.05 12.78 -18.33
CA PHE B 223 -19.78 13.18 -16.95
C PHE B 223 -18.62 12.22 -16.59
N ALA B 224 -17.75 12.61 -15.70
CA ALA B 224 -16.61 11.78 -15.37
C ALA B 224 -16.79 10.68 -14.34
N VAL B 225 -17.82 10.74 -13.49
CA VAL B 225 -17.94 9.72 -12.46
C VAL B 225 -18.41 8.30 -12.80
N GLU B 226 -19.28 8.13 -13.77
CA GLU B 226 -19.71 6.77 -14.08
C GLU B 226 -20.15 6.64 -15.53
N ARG B 227 -20.65 7.73 -16.10
CA ARG B 227 -21.10 7.70 -17.47
C ARG B 227 -19.96 7.35 -18.42
N ALA B 228 -18.81 7.98 -18.22
CA ALA B 228 -17.66 7.72 -19.08
C ALA B 228 -17.18 6.27 -18.93
N GLN B 229 -17.03 5.82 -17.69
CA GLN B 229 -16.57 4.45 -17.47
C GLN B 229 -17.57 3.47 -18.08
N GLU B 230 -18.84 3.81 -18.06
CA GLU B 230 -19.84 2.93 -18.64
C GLU B 230 -19.69 2.82 -20.16
N ILE B 231 -19.36 3.92 -20.82
CA ILE B 231 -19.18 3.90 -22.26
C ILE B 231 -17.96 3.02 -22.61
N LEU B 232 -16.92 3.09 -21.79
CA LEU B 232 -15.72 2.30 -22.04
C LEU B 232 -16.09 0.82 -22.01
N TYR B 233 -16.91 0.44 -21.02
CA TYR B 233 -17.39 -0.92 -20.85
C TYR B 233 -18.07 -1.40 -22.13
N VAL B 234 -19.01 -0.60 -22.62
CA VAL B 234 -19.74 -0.92 -23.84
C VAL B 234 -18.77 -1.15 -25.00
N LEU B 235 -17.78 -0.28 -25.14
CA LEU B 235 -16.79 -0.42 -26.20
C LEU B 235 -16.00 -1.71 -26.03
N TYR B 236 -15.63 -1.99 -24.79
CA TYR B 236 -14.85 -3.16 -24.44
C TYR B 236 -15.60 -4.45 -24.76
N THR B 237 -16.85 -4.55 -24.31
CA THR B 237 -17.61 -5.76 -24.57
C THR B 237 -18.09 -5.86 -26.02
N HIS B 238 -17.68 -4.92 -26.87
CA HIS B 238 -18.07 -4.97 -28.28
C HIS B 238 -16.93 -4.55 -29.20
N GLY B 239 -15.70 -4.75 -28.76
CA GLY B 239 -14.55 -4.39 -29.58
C GLY B 239 -14.38 -5.43 -30.66
N HIS B 240 -14.95 -6.60 -30.43
CA HIS B 240 -14.88 -7.72 -31.36
C HIS B 240 -15.52 -7.43 -32.72
N ARG B 241 -15.68 -6.16 -33.07
CA ARG B 241 -16.30 -5.83 -34.34
C ARG B 241 -16.29 -4.36 -34.73
N LEU B 242 -15.68 -3.52 -33.89
CA LEU B 242 -15.60 -2.10 -34.22
C LEU B 242 -14.24 -1.82 -34.82
N PRO B 243 -14.19 -1.00 -35.88
CA PRO B 243 -12.92 -0.68 -36.52
C PRO B 243 -11.90 -0.11 -35.55
N ARG B 244 -10.65 -0.53 -35.70
CA ARG B 244 -9.56 -0.10 -34.86
C ARG B 244 -9.55 1.41 -34.80
N ALA B 245 -9.42 1.96 -33.60
CA ALA B 245 -9.39 3.40 -33.47
C ALA B 245 -8.97 3.78 -32.07
N PRO B 246 -8.20 4.86 -31.94
CA PRO B 246 -7.81 5.21 -30.59
C PRO B 246 -9.03 5.74 -29.84
N ILE B 247 -9.11 5.42 -28.55
CA ILE B 247 -10.22 5.87 -27.73
C ILE B 247 -9.62 6.81 -26.70
N TYR B 248 -10.01 8.08 -26.78
CA TYR B 248 -9.47 9.08 -25.87
C TYR B 248 -10.43 9.50 -24.76
N LEU B 249 -10.04 9.21 -23.52
CA LEU B 249 -10.82 9.65 -22.38
C LEU B 249 -10.12 10.96 -22.10
N ASP B 250 -10.59 12.04 -22.71
CA ASP B 250 -9.99 13.36 -22.55
C ASP B 250 -10.59 13.99 -21.31
N SER B 251 -10.26 13.40 -20.17
CA SER B 251 -10.77 13.86 -18.90
C SER B 251 -9.94 13.35 -17.72
N PRO B 252 -9.11 14.21 -17.13
CA PRO B 252 -8.28 13.79 -16.00
C PRO B 252 -9.12 13.14 -14.89
N MET B 253 -10.21 13.79 -14.48
CA MET B 253 -11.05 13.26 -13.42
C MET B 253 -11.63 11.88 -13.75
N ALA B 254 -12.10 11.72 -14.99
CA ALA B 254 -12.63 10.43 -15.43
C ALA B 254 -11.54 9.38 -15.30
N GLY B 255 -10.31 9.81 -15.57
CA GLY B 255 -9.17 8.92 -15.49
C GLY B 255 -8.97 8.40 -14.07
N ARG B 256 -8.92 9.31 -13.12
CA ARG B 256 -8.75 8.93 -11.73
C ARG B 256 -9.89 8.03 -11.29
N VAL B 257 -11.10 8.32 -11.72
CA VAL B 257 -12.22 7.48 -11.34
C VAL B 257 -12.04 6.10 -11.98
N LEU B 258 -11.60 6.08 -13.23
CA LEU B 258 -11.37 4.82 -13.91
C LEU B 258 -10.34 4.00 -13.13
N SER B 259 -9.28 4.64 -12.66
CA SER B 259 -8.25 3.92 -11.88
C SER B 259 -8.78 3.30 -10.59
N LEU B 260 -9.78 3.95 -9.99
CA LEU B 260 -10.37 3.48 -8.75
C LEU B 260 -11.30 2.27 -8.90
N TYR B 261 -11.87 2.09 -10.09
CA TYR B 261 -12.81 1.00 -10.33
C TYR B 261 -12.40 -0.42 -9.93
N PRO B 262 -11.17 -0.86 -10.26
CA PRO B 262 -10.78 -2.22 -9.88
C PRO B 262 -10.84 -2.41 -8.36
N ARG B 263 -10.83 -1.30 -7.61
CA ARG B 263 -10.90 -1.37 -6.16
C ARG B 263 -12.33 -1.48 -5.64
N LEU B 264 -13.31 -1.35 -6.53
CA LEU B 264 -14.70 -1.44 -6.13
C LEU B 264 -15.44 -2.57 -6.85
N VAL B 265 -14.70 -3.58 -7.32
CA VAL B 265 -15.30 -4.70 -8.04
C VAL B 265 -16.58 -5.26 -7.41
N ARG B 266 -16.61 -5.36 -6.09
CA ARG B 266 -17.78 -5.90 -5.40
C ARG B 266 -19.05 -5.04 -5.54
N TYR B 267 -18.89 -3.79 -5.97
CA TYR B 267 -20.02 -2.89 -6.14
C TYR B 267 -20.62 -2.90 -7.52
N PHE B 268 -20.04 -3.70 -8.41
CA PHE B 268 -20.54 -3.78 -9.77
C PHE B 268 -21.47 -4.96 -9.94
N SER B 269 -22.13 -5.03 -11.09
CA SER B 269 -23.06 -6.12 -11.37
C SER B 269 -22.31 -7.46 -11.51
N GLU B 270 -23.06 -8.56 -11.46
CA GLU B 270 -22.48 -9.89 -11.58
C GLU B 270 -21.65 -10.01 -12.86
N GLU B 271 -22.27 -9.64 -13.98
CA GLU B 271 -21.62 -9.69 -15.27
C GLU B 271 -20.26 -8.98 -15.24
N VAL B 272 -20.20 -7.82 -14.58
CA VAL B 272 -18.95 -7.07 -14.50
C VAL B 272 -17.94 -7.80 -13.68
N GLN B 273 -18.33 -8.22 -12.48
CA GLN B 273 -17.43 -8.94 -11.61
C GLN B 273 -16.83 -10.15 -12.32
N ALA B 274 -17.67 -10.89 -13.05
CA ALA B 274 -17.21 -12.07 -13.78
C ALA B 274 -15.93 -11.76 -14.56
N HIS B 275 -15.90 -10.64 -15.27
CA HIS B 275 -14.72 -10.27 -16.05
C HIS B 275 -13.50 -10.09 -15.16
N PHE B 276 -13.69 -9.41 -14.04
CA PHE B 276 -12.57 -9.19 -13.13
C PHE B 276 -12.02 -10.53 -12.61
N LEU B 277 -12.88 -11.53 -12.53
CA LEU B 277 -12.48 -12.86 -12.07
C LEU B 277 -11.86 -13.67 -13.21
N GLN B 278 -11.23 -12.96 -14.14
CA GLN B 278 -10.57 -13.59 -15.27
C GLN B 278 -9.32 -12.78 -15.59
N GLY B 279 -9.00 -11.84 -14.70
CA GLY B 279 -7.84 -11.00 -14.92
C GLY B 279 -8.14 -9.87 -15.90
N LYS B 280 -9.37 -9.84 -16.41
CA LYS B 280 -9.80 -8.83 -17.37
C LYS B 280 -10.48 -7.60 -16.75
N ASN B 281 -9.91 -6.43 -17.01
CA ASN B 281 -10.50 -5.18 -16.53
C ASN B 281 -11.40 -4.81 -17.70
N PRO B 282 -12.72 -4.99 -17.55
CA PRO B 282 -13.65 -4.68 -18.64
C PRO B 282 -13.86 -3.19 -18.93
N PHE B 283 -13.26 -2.32 -18.12
CA PHE B 283 -13.41 -0.89 -18.33
C PHE B 283 -12.28 -0.29 -19.16
N ARG B 284 -11.48 -1.15 -19.77
CA ARG B 284 -10.36 -0.68 -20.59
C ARG B 284 -10.31 -1.26 -22.00
N PRO B 285 -11.16 -0.74 -22.90
CA PRO B 285 -11.15 -1.26 -24.27
C PRO B 285 -9.79 -1.01 -24.91
N ALA B 286 -9.50 -1.74 -25.98
CA ALA B 286 -8.23 -1.61 -26.68
C ALA B 286 -8.08 -0.25 -27.34
N GLY B 287 -6.91 0.35 -27.22
CA GLY B 287 -6.68 1.63 -27.84
C GLY B 287 -6.96 2.78 -26.89
N LEU B 288 -7.47 2.45 -25.70
CA LEU B 288 -7.78 3.45 -24.70
C LEU B 288 -6.57 4.28 -24.32
N GLU B 289 -6.79 5.59 -24.21
CA GLU B 289 -5.73 6.51 -23.83
C GLU B 289 -6.39 7.57 -22.94
N VAL B 290 -5.73 7.93 -21.84
CA VAL B 290 -6.25 8.95 -20.95
C VAL B 290 -5.45 10.24 -21.17
N VAL B 291 -6.07 11.26 -21.78
CA VAL B 291 -5.34 12.51 -22.02
C VAL B 291 -5.34 13.33 -20.74
N GLU B 292 -4.15 13.71 -20.29
CA GLU B 292 -3.98 14.44 -19.03
C GLU B 292 -3.96 15.96 -19.10
N HIS B 293 -3.30 16.50 -20.12
CA HIS B 293 -3.18 17.94 -20.22
C HIS B 293 -3.78 18.56 -21.47
N THR B 294 -3.85 19.88 -21.48
CA THR B 294 -4.44 20.65 -22.57
C THR B 294 -3.71 20.54 -23.89
N GLU B 295 -2.38 20.59 -23.85
CA GLU B 295 -1.59 20.49 -25.06
C GLU B 295 -2.05 19.30 -25.95
N ALA B 296 -2.05 18.09 -25.40
CA ALA B 296 -2.44 16.93 -26.19
C ALA B 296 -3.94 16.96 -26.51
N SER B 297 -4.72 17.54 -25.62
CA SER B 297 -6.17 17.65 -25.81
C SER B 297 -6.44 18.50 -27.06
N LYS B 298 -5.78 19.65 -27.12
CA LYS B 298 -5.91 20.56 -28.26
C LYS B 298 -5.42 19.86 -29.53
N ALA B 299 -4.26 19.20 -29.44
CA ALA B 299 -3.69 18.52 -30.59
C ALA B 299 -4.68 17.60 -31.28
N LEU B 300 -5.56 16.95 -30.52
CA LEU B 300 -6.55 16.04 -31.10
C LEU B 300 -7.48 16.75 -32.08
N ASN B 301 -7.68 18.06 -31.86
CA ASN B 301 -8.56 18.84 -32.70
C ASN B 301 -8.06 19.02 -34.12
N ARG B 302 -6.75 18.96 -34.32
CA ARG B 302 -6.17 19.11 -35.65
C ARG B 302 -5.95 17.76 -36.29
N ALA B 303 -5.73 16.74 -35.47
CA ALA B 303 -5.49 15.39 -35.95
C ALA B 303 -6.70 14.83 -36.68
N PRO B 304 -6.47 13.92 -37.63
CA PRO B 304 -7.57 13.32 -38.38
C PRO B 304 -8.14 12.08 -37.66
N GLY B 305 -9.30 11.62 -38.09
CA GLY B 305 -9.89 10.42 -37.49
C GLY B 305 -9.28 9.18 -38.14
N PRO B 306 -9.78 7.97 -37.83
CA PRO B 306 -10.90 7.72 -36.91
C PRO B 306 -10.45 7.84 -35.45
N MET B 307 -11.42 8.04 -34.56
CA MET B 307 -11.14 8.15 -33.13
C MET B 307 -12.43 8.38 -32.38
N VAL B 308 -12.46 7.93 -31.13
CA VAL B 308 -13.60 8.12 -30.28
C VAL B 308 -13.04 9.03 -29.21
N VAL B 309 -13.76 10.13 -28.93
CA VAL B 309 -13.31 11.09 -27.94
C VAL B 309 -14.33 11.30 -26.83
N LEU B 310 -13.95 11.01 -25.59
CA LEU B 310 -14.83 11.22 -24.43
C LEU B 310 -14.27 12.39 -23.63
N ALA B 311 -15.10 13.41 -23.37
CA ALA B 311 -14.65 14.57 -22.60
C ALA B 311 -15.81 15.32 -21.96
N GLY B 312 -15.49 16.14 -20.98
CA GLY B 312 -16.51 16.93 -20.32
C GLY B 312 -16.35 18.36 -20.79
N SER B 313 -17.26 19.25 -20.39
CA SER B 313 -18.39 18.94 -19.55
C SER B 313 -19.42 18.06 -20.21
N GLY B 314 -20.05 17.19 -19.40
CA GLY B 314 -21.09 16.33 -19.92
C GLY B 314 -22.28 17.12 -20.43
N MET B 315 -22.42 18.36 -19.97
CA MET B 315 -23.52 19.22 -20.40
C MET B 315 -23.03 20.41 -21.20
N LEU B 316 -21.81 20.33 -21.71
CA LEU B 316 -21.24 21.40 -22.51
C LEU B 316 -21.16 22.70 -21.75
N ALA B 317 -21.13 22.61 -20.42
CA ALA B 317 -21.03 23.81 -19.59
C ALA B 317 -19.66 24.43 -19.74
N GLY B 318 -18.83 23.85 -20.60
CA GLY B 318 -17.47 24.33 -20.79
C GLY B 318 -16.57 23.10 -20.82
N GLY B 319 -15.26 23.29 -20.72
CA GLY B 319 -14.37 22.15 -20.74
C GLY B 319 -13.86 21.79 -22.14
N ARG B 320 -12.91 20.87 -22.16
CA ARG B 320 -12.28 20.41 -23.40
C ARG B 320 -13.27 20.01 -24.50
N ILE B 321 -14.46 19.52 -24.12
CA ILE B 321 -15.44 19.11 -25.11
C ILE B 321 -15.78 20.25 -26.08
N LEU B 322 -15.78 21.48 -25.58
CA LEU B 322 -16.11 22.63 -26.41
C LEU B 322 -15.13 22.84 -27.54
N HIS B 323 -13.84 22.63 -27.24
CA HIS B 323 -12.79 22.80 -28.23
C HIS B 323 -12.90 21.71 -29.30
N HIS B 324 -13.31 20.50 -28.90
CA HIS B 324 -13.48 19.40 -29.83
C HIS B 324 -14.68 19.73 -30.72
N LEU B 325 -15.73 20.25 -30.12
CA LEU B 325 -16.94 20.61 -30.86
C LEU B 325 -16.60 21.71 -31.86
N LYS B 326 -15.91 22.74 -31.39
CA LYS B 326 -15.53 23.84 -32.26
C LYS B 326 -14.83 23.35 -33.50
N HIS B 327 -13.98 22.33 -33.35
CA HIS B 327 -13.23 21.82 -34.47
C HIS B 327 -13.72 20.52 -35.07
N GLY B 328 -14.89 20.03 -34.67
CA GLY B 328 -15.33 18.77 -35.24
C GLY B 328 -16.75 18.71 -35.74
N LEU B 329 -17.56 19.69 -35.40
CA LEU B 329 -18.97 19.70 -35.81
C LEU B 329 -19.22 20.08 -37.27
N SER B 330 -18.19 20.58 -37.95
CA SER B 330 -18.32 21.01 -39.33
C SER B 330 -18.07 19.95 -40.39
N ASP B 331 -17.46 18.83 -40.00
CA ASP B 331 -17.18 17.74 -40.92
C ASP B 331 -18.32 16.74 -40.83
N PRO B 332 -19.05 16.52 -41.94
CA PRO B 332 -20.19 15.60 -42.00
C PRO B 332 -19.80 14.15 -41.69
N ARG B 333 -18.50 13.88 -41.71
CA ARG B 333 -18.01 12.54 -41.42
C ARG B 333 -18.07 12.23 -39.93
N ASN B 334 -18.00 13.28 -39.11
CA ASN B 334 -18.03 13.11 -37.68
C ASN B 334 -19.43 12.91 -37.14
N ALA B 335 -19.49 12.45 -35.89
CA ALA B 335 -20.75 12.22 -35.22
C ALA B 335 -20.67 12.73 -33.79
N LEU B 336 -21.70 13.46 -33.37
CA LEU B 336 -21.79 13.96 -32.00
C LEU B 336 -22.77 13.01 -31.33
N VAL B 337 -22.36 12.36 -30.24
CA VAL B 337 -23.26 11.43 -29.57
C VAL B 337 -23.47 11.78 -28.11
N PHE B 338 -24.69 12.19 -27.77
CA PHE B 338 -25.05 12.53 -26.41
C PHE B 338 -25.47 11.26 -25.68
N VAL B 339 -24.90 11.05 -24.50
CA VAL B 339 -25.20 9.86 -23.71
C VAL B 339 -25.70 10.31 -22.35
N GLY B 340 -25.94 11.61 -22.24
CA GLY B 340 -26.43 12.18 -21.00
C GLY B 340 -27.52 13.22 -21.26
N TYR B 341 -28.18 13.65 -20.21
CA TYR B 341 -29.22 14.65 -20.37
C TYR B 341 -28.62 16.02 -20.64
N GLN B 342 -29.21 16.73 -21.60
CA GLN B 342 -28.76 18.07 -21.94
C GLN B 342 -29.82 19.02 -21.44
N PRO B 343 -29.45 19.96 -20.57
CA PRO B 343 -30.45 20.90 -20.05
C PRO B 343 -31.07 21.72 -21.17
N GLN B 344 -32.24 22.29 -20.90
CA GLN B 344 -32.91 23.12 -21.89
C GLN B 344 -32.21 24.46 -21.99
N GLY B 345 -32.14 24.99 -23.20
CA GLY B 345 -31.53 26.29 -23.38
C GLY B 345 -30.01 26.33 -23.32
N GLY B 346 -29.38 25.18 -23.38
CA GLY B 346 -27.92 25.13 -23.36
C GLY B 346 -27.38 24.92 -24.76
N LEU B 347 -26.07 24.80 -24.90
CA LEU B 347 -25.46 24.59 -26.21
C LEU B 347 -25.95 23.28 -26.84
N GLY B 348 -26.12 22.25 -26.02
CA GLY B 348 -26.59 20.98 -26.52
C GLY B 348 -27.97 21.05 -27.16
N ALA B 349 -28.89 21.71 -26.47
CA ALA B 349 -30.24 21.87 -27.00
C ALA B 349 -30.17 22.69 -28.28
N GLU B 350 -29.32 23.71 -28.30
CA GLU B 350 -29.15 24.53 -29.47
C GLU B 350 -28.68 23.62 -30.62
N ILE B 351 -27.62 22.84 -30.36
CA ILE B 351 -27.08 21.91 -31.35
C ILE B 351 -28.13 20.92 -31.82
N ILE B 352 -28.91 20.41 -30.86
CA ILE B 352 -29.93 19.44 -31.20
C ILE B 352 -31.04 20.00 -32.09
N ALA B 353 -31.37 21.28 -31.93
CA ALA B 353 -32.42 21.89 -32.77
C ALA B 353 -31.96 21.88 -34.22
N ARG B 354 -30.68 21.58 -34.41
CA ARG B 354 -30.08 21.46 -35.73
C ARG B 354 -30.06 22.71 -36.62
N PRO B 355 -29.60 23.84 -36.09
CA PRO B 355 -29.56 25.03 -36.92
C PRO B 355 -28.40 24.84 -37.91
N PRO B 356 -28.31 25.69 -38.94
CA PRO B 356 -27.22 25.55 -39.93
C PRO B 356 -25.83 25.74 -39.32
N ALA B 357 -25.76 26.54 -38.27
CA ALA B 357 -24.49 26.79 -37.61
C ALA B 357 -24.73 27.13 -36.15
N VAL B 358 -23.67 27.10 -35.36
CA VAL B 358 -23.77 27.40 -33.95
C VAL B 358 -22.48 28.14 -33.57
N ARG B 359 -22.54 29.02 -32.58
CA ARG B 359 -21.37 29.77 -32.15
C ARG B 359 -20.71 29.05 -30.97
N ILE B 360 -19.43 28.75 -31.14
CA ILE B 360 -18.69 28.06 -30.11
C ILE B 360 -17.32 28.71 -29.98
N LEU B 361 -16.98 29.15 -28.77
CA LEU B 361 -15.70 29.78 -28.51
C LEU B 361 -15.36 30.96 -29.44
N GLY B 362 -16.23 31.96 -29.44
CA GLY B 362 -16.04 33.16 -30.22
C GLY B 362 -16.01 33.05 -31.73
N GLU B 363 -16.40 31.89 -32.26
CA GLU B 363 -16.37 31.71 -33.69
C GLU B 363 -17.61 30.97 -34.18
N GLU B 364 -17.95 31.20 -35.44
CA GLU B 364 -19.11 30.58 -36.11
C GLU B 364 -18.76 29.13 -36.48
N VAL B 365 -19.57 28.18 -36.04
CA VAL B 365 -19.31 26.77 -36.33
C VAL B 365 -20.40 26.12 -37.17
N PRO B 366 -20.09 25.85 -38.44
CA PRO B 366 -21.09 25.20 -39.29
C PRO B 366 -21.40 23.79 -38.77
N LEU B 367 -22.68 23.52 -38.55
CA LEU B 367 -23.10 22.22 -38.04
C LEU B 367 -23.39 21.24 -39.19
N ARG B 368 -22.45 20.36 -39.47
CA ARG B 368 -22.61 19.37 -40.54
C ARG B 368 -22.59 17.93 -40.02
N ALA B 369 -21.81 17.68 -38.96
CA ALA B 369 -21.70 16.35 -38.39
C ALA B 369 -23.06 15.83 -37.92
N SER B 370 -23.21 14.51 -37.94
CA SER B 370 -24.46 13.91 -37.49
C SER B 370 -24.58 14.11 -35.98
N VAL B 371 -25.81 14.30 -35.51
CA VAL B 371 -26.06 14.51 -34.10
C VAL B 371 -26.99 13.40 -33.61
N HIS B 372 -26.69 12.85 -32.44
CA HIS B 372 -27.50 11.76 -31.89
C HIS B 372 -27.73 11.94 -30.40
N THR B 373 -28.96 11.73 -29.99
CA THR B 373 -29.32 11.83 -28.59
C THR B 373 -29.73 10.44 -28.15
N LEU B 374 -28.99 9.87 -27.20
CA LEU B 374 -29.29 8.53 -26.73
C LEU B 374 -29.62 8.51 -25.25
N GLY B 375 -30.86 8.90 -24.92
CA GLY B 375 -31.27 8.93 -23.53
C GLY B 375 -31.21 7.58 -22.84
N GLY B 376 -31.15 6.52 -23.65
CA GLY B 376 -31.09 5.17 -23.12
C GLY B 376 -29.97 4.93 -22.13
N PHE B 377 -28.93 5.77 -22.14
CA PHE B 377 -27.82 5.59 -21.22
C PHE B 377 -28.04 6.21 -19.85
N SER B 378 -29.19 6.85 -19.67
CA SER B 378 -29.53 7.48 -18.40
C SER B 378 -29.27 6.62 -17.15
N GLY B 379 -28.68 7.21 -16.13
CA GLY B 379 -28.47 6.47 -14.90
C GLY B 379 -29.60 6.61 -13.89
N HIS B 380 -30.78 7.00 -14.36
CA HIS B 380 -31.94 7.19 -13.48
C HIS B 380 -33.09 6.34 -13.93
N ALA B 381 -33.89 5.90 -12.96
CA ALA B 381 -35.06 5.11 -13.28
C ALA B 381 -35.99 6.00 -14.11
N GLY B 382 -36.52 5.44 -15.20
CA GLY B 382 -37.46 6.18 -16.01
C GLY B 382 -38.79 6.15 -15.27
N GLN B 383 -39.79 6.87 -15.77
CA GLN B 383 -41.09 6.92 -15.12
C GLN B 383 -41.60 5.52 -14.77
N ASP B 384 -41.59 4.63 -15.77
CA ASP B 384 -42.05 3.27 -15.60
C ASP B 384 -41.37 2.54 -14.44
N GLU B 385 -40.06 2.77 -14.31
CA GLU B 385 -39.28 2.12 -13.26
C GLU B 385 -39.54 2.77 -11.90
N LEU B 386 -39.78 4.08 -11.87
CA LEU B 386 -40.09 4.76 -10.61
C LEU B 386 -41.41 4.17 -10.11
N LEU B 387 -42.34 3.94 -11.04
CA LEU B 387 -43.65 3.41 -10.68
C LEU B 387 -43.54 1.98 -10.15
N ASP B 388 -42.74 1.16 -10.82
CA ASP B 388 -42.53 -0.21 -10.38
C ASP B 388 -41.90 -0.20 -9.00
N TRP B 389 -41.00 0.74 -8.74
CA TRP B 389 -40.31 0.80 -7.45
C TRP B 389 -41.18 1.33 -6.32
N LEU B 390 -42.16 2.18 -6.64
CA LEU B 390 -43.02 2.75 -5.60
C LEU B 390 -44.31 1.93 -5.43
N GLN B 391 -44.47 0.93 -6.29
CA GLN B 391 -45.63 0.06 -6.25
C GLN B 391 -46.02 -0.36 -4.84
N GLY B 392 -47.29 -0.17 -4.49
CA GLY B 392 -47.77 -0.56 -3.19
C GLY B 392 -47.43 0.32 -2.00
N GLU B 393 -46.66 1.39 -2.21
CA GLU B 393 -46.34 2.28 -1.09
C GLU B 393 -47.52 3.23 -0.95
N PRO B 394 -48.14 3.26 0.25
CA PRO B 394 -49.30 4.11 0.53
C PRO B 394 -49.14 5.63 0.53
N ARG B 395 -47.92 6.11 0.77
CA ARG B 395 -47.70 7.55 0.82
C ARG B 395 -46.32 7.91 0.29
N VAL B 396 -46.29 8.82 -0.67
CA VAL B 396 -45.06 9.25 -1.32
C VAL B 396 -44.89 10.77 -1.43
N VAL B 397 -43.70 11.25 -1.11
CA VAL B 397 -43.38 12.67 -1.20
C VAL B 397 -42.22 12.78 -2.19
N LEU B 398 -42.47 13.47 -3.30
CA LEU B 398 -41.48 13.63 -4.36
C LEU B 398 -40.47 14.74 -4.17
N VAL B 399 -39.25 14.46 -4.58
CA VAL B 399 -38.15 15.39 -4.51
C VAL B 399 -37.26 15.10 -5.72
N HIS B 400 -36.20 15.87 -5.88
CA HIS B 400 -35.24 15.65 -6.94
C HIS B 400 -35.84 15.58 -8.34
N GLY B 401 -36.46 16.68 -8.77
CA GLY B 401 -37.05 16.71 -10.10
C GLY B 401 -37.67 18.06 -10.39
N GLU B 402 -37.80 18.38 -11.67
CA GLU B 402 -38.40 19.64 -12.08
C GLU B 402 -39.89 19.50 -11.77
N GLU B 403 -40.50 20.58 -11.28
CA GLU B 403 -41.91 20.55 -10.92
C GLU B 403 -42.80 19.79 -11.91
N GLU B 404 -42.71 20.16 -13.18
CA GLU B 404 -43.52 19.50 -14.19
C GLU B 404 -43.28 17.99 -14.20
N LYS B 405 -42.02 17.59 -14.09
CA LYS B 405 -41.67 16.16 -14.10
C LYS B 405 -42.33 15.49 -12.89
N LEU B 406 -42.15 16.11 -11.72
CA LEU B 406 -42.72 15.62 -10.48
C LEU B 406 -44.25 15.49 -10.51
N LEU B 407 -44.94 16.50 -11.03
CA LEU B 407 -46.41 16.45 -11.09
C LEU B 407 -46.87 15.36 -12.04
N ALA B 408 -46.12 15.14 -13.11
CA ALA B 408 -46.46 14.11 -14.08
C ALA B 408 -46.44 12.75 -13.38
N LEU B 409 -45.47 12.55 -12.49
CA LEU B 409 -45.35 11.30 -11.74
C LEU B 409 -46.40 11.28 -10.63
N GLY B 410 -46.59 12.41 -9.97
CA GLY B 410 -47.58 12.49 -8.91
C GLY B 410 -48.97 12.12 -9.40
N LYS B 411 -49.30 12.56 -10.60
CA LYS B 411 -50.60 12.27 -11.18
C LYS B 411 -50.83 10.77 -11.26
N LEU B 412 -49.86 10.05 -11.81
CA LEU B 412 -49.97 8.61 -11.95
C LEU B 412 -50.05 7.92 -10.59
N LEU B 413 -49.29 8.41 -9.62
CA LEU B 413 -49.33 7.82 -8.28
C LEU B 413 -50.74 8.01 -7.71
N ALA B 414 -51.24 9.24 -7.83
CA ALA B 414 -52.57 9.59 -7.34
C ALA B 414 -53.64 8.78 -8.03
N LEU B 415 -53.50 8.53 -9.33
CA LEU B 415 -54.50 7.75 -10.04
C LEU B 415 -54.37 6.29 -9.66
N ARG B 416 -53.23 5.96 -9.06
CA ARG B 416 -52.97 4.60 -8.64
C ARG B 416 -53.46 4.34 -7.22
N GLY B 417 -53.91 5.39 -6.55
CA GLY B 417 -54.41 5.24 -5.20
C GLY B 417 -53.40 5.57 -4.13
N GLN B 418 -52.22 6.01 -4.54
CA GLN B 418 -51.17 6.36 -3.60
C GLN B 418 -51.23 7.85 -3.28
N GLU B 419 -51.07 8.18 -2.01
CA GLU B 419 -51.11 9.57 -1.59
C GLU B 419 -49.76 10.18 -1.91
N VAL B 420 -49.79 11.34 -2.58
CA VAL B 420 -48.55 11.99 -2.98
C VAL B 420 -48.57 13.51 -2.89
N SER B 421 -47.39 14.07 -2.69
CA SER B 421 -47.20 15.51 -2.62
C SER B 421 -45.79 15.80 -3.14
N LEU B 422 -45.51 17.09 -3.33
CA LEU B 422 -44.20 17.53 -3.78
C LEU B 422 -43.56 18.22 -2.59
N ALA B 423 -42.48 17.66 -2.06
CA ALA B 423 -41.81 18.27 -0.92
C ALA B 423 -41.69 19.78 -1.12
N ARG B 424 -41.78 20.53 -0.03
CA ARG B 424 -41.63 21.98 -0.09
C ARG B 424 -40.44 22.27 0.81
N PHE B 425 -39.50 23.10 0.36
CA PHE B 425 -38.34 23.39 1.17
C PHE B 425 -38.69 23.83 2.60
N GLY B 426 -38.06 23.21 3.57
CA GLY B 426 -38.28 23.55 4.98
C GLY B 426 -39.60 23.13 5.60
N GLU B 427 -40.46 22.46 4.84
CA GLU B 427 -41.74 22.02 5.38
C GLU B 427 -41.74 20.54 5.76
N GLY B 428 -41.56 20.28 7.04
CA GLY B 428 -41.51 18.92 7.54
C GLY B 428 -42.75 18.11 7.20
N VAL B 429 -42.57 16.78 7.17
CA VAL B 429 -43.67 15.88 6.87
C VAL B 429 -43.72 14.79 7.94
N PRO B 430 -44.91 14.59 8.52
CA PRO B 430 -45.08 13.58 9.56
C PRO B 430 -45.00 12.21 8.90
N VAL B 431 -44.27 11.29 9.52
CA VAL B 431 -44.16 9.95 8.96
C VAL B 431 -45.20 9.05 9.62
N MET C 1 -48.45 -9.43 15.07
CA MET C 1 -47.29 -10.29 14.64
C MET C 1 -46.93 -11.30 15.73
N ARG C 2 -46.87 -12.57 15.35
CA ARG C 2 -46.55 -13.66 16.27
C ARG C 2 -45.58 -14.63 15.63
N ILE C 3 -44.61 -15.11 16.42
CA ILE C 3 -43.60 -16.07 15.94
C ILE C 3 -43.73 -17.35 16.82
N VAL C 4 -43.84 -18.52 16.17
CA VAL C 4 -44.02 -19.77 16.89
C VAL C 4 -42.89 -20.79 16.72
N PRO C 5 -42.18 -21.11 17.81
CA PRO C 5 -41.07 -22.07 17.77
C PRO C 5 -41.51 -23.51 17.48
N PHE C 6 -41.01 -24.08 16.39
CA PHE C 6 -41.34 -25.44 16.00
C PHE C 6 -40.09 -26.28 15.82
N GLY C 7 -39.07 -25.93 16.61
CA GLY C 7 -37.81 -26.63 16.56
C GLY C 7 -36.81 -25.84 17.35
N ALA C 8 -35.66 -26.44 17.64
CA ALA C 8 -34.62 -25.77 18.40
C ALA C 8 -35.12 -25.04 19.62
N ALA C 9 -36.12 -25.60 20.31
CA ALA C 9 -36.66 -25.00 21.52
C ALA C 9 -36.09 -25.77 22.71
N ARG C 10 -35.02 -25.24 23.31
CA ARG C 10 -34.33 -25.88 24.44
C ARG C 10 -33.63 -27.13 23.94
N GLU C 11 -32.90 -26.97 22.84
CA GLU C 11 -32.14 -28.01 22.18
C GLU C 11 -31.55 -27.32 20.96
N VAL C 12 -30.59 -27.94 20.29
CA VAL C 12 -29.99 -27.28 19.12
C VAL C 12 -30.61 -27.55 17.76
N THR C 13 -30.78 -28.81 17.40
CA THR C 13 -31.33 -29.16 16.10
C THR C 13 -32.83 -28.92 15.91
N GLY C 14 -33.28 -29.01 14.67
CA GLY C 14 -34.69 -28.81 14.35
C GLY C 14 -35.17 -27.41 14.01
N SER C 15 -34.29 -26.42 14.10
CA SER C 15 -34.64 -25.03 13.79
C SER C 15 -35.68 -24.81 12.68
N ALA C 16 -36.78 -24.18 13.05
CA ALA C 16 -37.87 -23.90 12.12
C ALA C 16 -38.95 -23.15 12.89
N HIS C 17 -39.05 -21.85 12.65
CA HIS C 17 -40.02 -21.00 13.35
C HIS C 17 -41.01 -20.34 12.39
N LEU C 18 -42.29 -20.46 12.71
CA LEU C 18 -43.33 -19.87 11.87
C LEU C 18 -43.70 -18.45 12.27
N LEU C 19 -43.45 -17.51 11.35
CA LEU C 19 -43.79 -16.11 11.57
C LEU C 19 -45.19 -15.86 11.03
N LEU C 20 -46.06 -15.31 11.87
CA LEU C 20 -47.43 -15.04 11.48
C LEU C 20 -47.66 -13.52 11.54
N ALA C 21 -47.81 -12.92 10.36
CA ALA C 21 -48.01 -11.47 10.29
C ALA C 21 -48.29 -10.98 8.88
N GLY C 22 -48.86 -9.77 8.82
CA GLY C 22 -49.18 -9.15 7.54
C GLY C 22 -50.13 -9.99 6.73
N GLY C 23 -50.84 -10.90 7.41
CA GLY C 23 -51.77 -11.79 6.73
C GLY C 23 -51.06 -12.93 6.01
N ARG C 24 -49.86 -13.26 6.45
CA ARG C 24 -49.09 -14.31 5.81
C ARG C 24 -48.43 -15.27 6.81
N ARG C 25 -48.01 -16.43 6.31
CA ARG C 25 -47.34 -17.42 7.14
C ARG C 25 -45.97 -17.68 6.54
N VAL C 26 -44.94 -17.25 7.26
CA VAL C 26 -43.57 -17.41 6.79
C VAL C 26 -42.74 -18.23 7.75
N LEU C 27 -42.19 -19.34 7.22
CA LEU C 27 -41.38 -20.25 8.00
C LEU C 27 -39.90 -19.90 7.95
N LEU C 28 -39.33 -19.52 9.09
CA LEU C 28 -37.91 -19.21 9.16
C LEU C 28 -37.16 -20.52 9.45
N ASP C 29 -36.32 -20.91 8.50
CA ASP C 29 -35.56 -22.15 8.57
C ASP C 29 -36.51 -23.35 8.60
N CYS C 30 -36.04 -24.49 8.11
CA CYS C 30 -36.83 -25.72 8.08
C CYS C 30 -35.85 -26.88 8.27
N GLY C 31 -35.15 -26.87 9.40
CA GLY C 31 -34.16 -27.88 9.69
C GLY C 31 -34.60 -29.18 10.36
N MET C 32 -33.78 -30.21 10.18
CA MET C 32 -34.05 -31.51 10.76
C MET C 32 -33.48 -31.63 12.16
N PHE C 33 -34.04 -32.56 12.93
CA PHE C 33 -33.57 -32.86 14.27
C PHE C 33 -32.48 -33.90 14.08
N GLN C 34 -31.50 -33.89 14.98
CA GLN C 34 -30.41 -34.86 14.91
C GLN C 34 -30.14 -35.45 16.28
N GLY C 35 -29.09 -36.27 16.38
CA GLY C 35 -28.75 -36.87 17.65
C GLY C 35 -29.83 -37.83 18.14
N LYS C 36 -30.12 -37.78 19.43
CA LYS C 36 -31.14 -38.66 19.99
C LYS C 36 -32.51 -38.28 19.43
N GLU C 37 -32.64 -37.00 19.06
CA GLU C 37 -33.89 -36.48 18.54
C GLU C 37 -34.18 -36.80 17.08
N GLU C 38 -33.22 -37.36 16.37
CA GLU C 38 -33.41 -37.65 14.95
C GLU C 38 -34.77 -38.21 14.58
N ALA C 39 -35.35 -39.04 15.43
CA ALA C 39 -36.65 -39.64 15.13
C ALA C 39 -37.76 -38.62 14.87
N ARG C 40 -37.67 -37.45 15.52
CA ARG C 40 -38.67 -36.40 15.34
C ARG C 40 -38.93 -36.09 13.87
N ASN C 41 -37.88 -36.12 13.05
CA ASN C 41 -37.99 -35.84 11.63
C ASN C 41 -39.11 -36.66 10.99
N HIS C 42 -39.38 -37.83 11.53
CA HIS C 42 -40.42 -38.71 11.00
C HIS C 42 -41.80 -38.38 11.59
N ALA C 43 -41.86 -37.37 12.45
CA ALA C 43 -43.13 -36.98 13.04
C ALA C 43 -43.60 -35.67 12.42
N PRO C 44 -44.86 -35.29 12.64
CA PRO C 44 -45.43 -34.06 12.09
C PRO C 44 -44.68 -32.77 12.45
N PHE C 45 -44.88 -31.74 11.61
CA PHE C 45 -44.24 -30.44 11.82
C PHE C 45 -44.87 -29.72 13.00
N GLY C 46 -46.20 -29.76 13.07
CA GLY C 46 -46.91 -29.08 14.13
C GLY C 46 -47.79 -28.01 13.51
N PHE C 47 -47.64 -27.84 12.19
CA PHE C 47 -48.42 -26.88 11.42
C PHE C 47 -48.68 -27.48 10.04
N ASP C 48 -49.63 -26.89 9.32
CA ASP C 48 -50.01 -27.35 7.98
C ASP C 48 -49.09 -26.71 6.96
N PRO C 49 -48.10 -27.46 6.47
CA PRO C 49 -47.18 -26.91 5.48
C PRO C 49 -47.88 -26.38 4.22
N LYS C 50 -49.11 -26.83 4.00
CA LYS C 50 -49.89 -26.42 2.84
C LYS C 50 -50.38 -24.98 2.97
N GLU C 51 -50.37 -24.46 4.18
CA GLU C 51 -50.81 -23.09 4.40
C GLU C 51 -49.64 -22.13 4.58
N VAL C 52 -48.42 -22.63 4.34
CA VAL C 52 -47.24 -21.78 4.43
C VAL C 52 -47.08 -21.04 3.10
N ASP C 53 -46.84 -19.73 3.18
CA ASP C 53 -46.69 -18.89 1.99
C ASP C 53 -45.27 -18.83 1.43
N ALA C 54 -44.27 -18.81 2.29
CA ALA C 54 -42.89 -18.76 1.87
C ALA C 54 -41.97 -19.26 2.97
N VAL C 55 -40.73 -19.58 2.60
CA VAL C 55 -39.75 -20.08 3.55
C VAL C 55 -38.46 -19.30 3.32
N LEU C 56 -37.78 -18.98 4.41
CA LEU C 56 -36.51 -18.28 4.34
C LEU C 56 -35.50 -19.14 5.08
N LEU C 57 -34.47 -19.57 4.37
CA LEU C 57 -33.42 -20.39 4.93
C LEU C 57 -32.22 -19.49 5.24
N THR C 58 -31.84 -19.41 6.51
CA THR C 58 -30.70 -18.58 6.95
C THR C 58 -29.32 -19.09 6.55
N HIS C 59 -29.20 -20.41 6.32
CA HIS C 59 -27.94 -21.03 5.86
C HIS C 59 -28.14 -22.47 5.43
N ALA C 60 -27.11 -23.07 4.84
CA ALA C 60 -27.22 -24.43 4.33
C ALA C 60 -27.10 -25.61 5.30
N HIS C 61 -26.63 -25.37 6.52
CA HIS C 61 -26.50 -26.48 7.47
C HIS C 61 -27.78 -27.30 7.60
N LEU C 62 -27.60 -28.61 7.52
CA LEU C 62 -28.68 -29.59 7.59
C LEU C 62 -29.71 -29.39 8.71
N ASP C 63 -29.30 -28.77 9.82
CA ASP C 63 -30.24 -28.54 10.91
C ASP C 63 -31.07 -27.28 10.71
N HIS C 64 -31.07 -26.76 9.48
CA HIS C 64 -31.86 -25.57 9.14
C HIS C 64 -32.54 -25.79 7.80
N VAL C 65 -32.11 -26.80 7.05
CA VAL C 65 -32.71 -27.09 5.75
C VAL C 65 -33.13 -28.55 5.63
N GLY C 66 -32.66 -29.36 6.57
CA GLY C 66 -32.94 -30.79 6.60
C GLY C 66 -34.39 -31.22 6.44
N ARG C 67 -35.32 -30.48 7.01
CA ARG C 67 -36.73 -30.85 6.88
C ARG C 67 -37.46 -30.20 5.69
N LEU C 68 -36.73 -29.46 4.86
CA LEU C 68 -37.36 -28.81 3.71
C LEU C 68 -38.00 -29.80 2.74
N PRO C 69 -37.24 -30.82 2.31
CA PRO C 69 -37.83 -31.78 1.37
C PRO C 69 -39.06 -32.49 1.94
N LYS C 70 -39.12 -32.58 3.27
CA LYS C 70 -40.26 -33.21 3.93
C LYS C 70 -41.45 -32.27 3.77
N LEU C 71 -41.16 -30.97 3.79
CA LEU C 71 -42.17 -29.93 3.68
C LEU C 71 -42.88 -30.02 2.33
N PHE C 72 -42.12 -30.20 1.25
CA PHE C 72 -42.73 -30.31 -0.07
C PHE C 72 -43.46 -31.65 -0.22
N ARG C 73 -42.93 -32.67 0.43
CA ARG C 73 -43.52 -34.00 0.40
C ARG C 73 -44.93 -33.94 0.98
N GLU C 74 -45.14 -33.03 1.91
CA GLU C 74 -46.45 -32.93 2.54
C GLU C 74 -47.38 -31.89 1.94
N GLY C 75 -47.09 -31.46 0.72
CA GLY C 75 -47.94 -30.49 0.05
C GLY C 75 -47.37 -29.13 -0.30
N TYR C 76 -46.59 -28.53 0.58
CA TYR C 76 -46.03 -27.21 0.30
C TYR C 76 -45.52 -27.11 -1.13
N ARG C 77 -45.83 -25.99 -1.80
CA ARG C 77 -45.37 -25.75 -3.17
C ARG C 77 -44.91 -24.30 -3.38
N GLY C 78 -44.80 -23.55 -2.28
CA GLY C 78 -44.39 -22.15 -2.36
C GLY C 78 -42.90 -21.92 -2.55
N PRO C 79 -42.46 -20.66 -2.54
CA PRO C 79 -41.05 -20.31 -2.71
C PRO C 79 -40.18 -20.52 -1.48
N VAL C 80 -38.87 -20.57 -1.70
CA VAL C 80 -37.88 -20.75 -0.65
C VAL C 80 -36.79 -19.72 -0.90
N TYR C 81 -36.63 -18.76 0.01
CA TYR C 81 -35.65 -17.73 -0.18
C TYR C 81 -34.39 -17.94 0.63
N ALA C 82 -33.25 -17.80 -0.03
CA ALA C 82 -31.94 -17.95 0.60
C ALA C 82 -30.93 -17.29 -0.32
N THR C 83 -29.77 -16.90 0.23
CA THR C 83 -28.75 -16.29 -0.62
C THR C 83 -28.31 -17.30 -1.66
N ARG C 84 -27.77 -16.83 -2.78
CA ARG C 84 -27.33 -17.71 -3.86
C ARG C 84 -26.38 -18.77 -3.31
N ALA C 85 -25.49 -18.36 -2.40
CA ALA C 85 -24.54 -19.28 -1.80
C ALA C 85 -25.32 -20.45 -1.17
N THR C 86 -26.13 -20.14 -0.17
CA THR C 86 -26.94 -21.14 0.51
C THR C 86 -27.62 -22.08 -0.49
N VAL C 87 -28.03 -21.53 -1.62
CA VAL C 87 -28.71 -22.31 -2.65
C VAL C 87 -27.83 -23.38 -3.29
N LEU C 88 -26.55 -23.07 -3.47
CA LEU C 88 -25.61 -24.00 -4.08
C LEU C 88 -25.12 -25.04 -3.06
N LEU C 89 -24.68 -24.58 -1.90
CA LEU C 89 -24.22 -25.49 -0.86
C LEU C 89 -25.32 -26.49 -0.60
N MET C 90 -26.54 -25.99 -0.54
CA MET C 90 -27.73 -26.80 -0.31
C MET C 90 -27.89 -27.90 -1.36
N GLU C 91 -27.39 -27.65 -2.57
CA GLU C 91 -27.46 -28.62 -3.66
C GLU C 91 -26.68 -29.88 -3.28
N ILE C 92 -25.64 -29.68 -2.47
CA ILE C 92 -24.80 -30.78 -2.02
C ILE C 92 -25.39 -31.42 -0.77
N VAL C 93 -25.48 -30.63 0.30
CA VAL C 93 -26.01 -31.07 1.58
C VAL C 93 -27.24 -32.00 1.50
N LEU C 94 -28.21 -31.64 0.67
CA LEU C 94 -29.42 -32.46 0.55
C LEU C 94 -29.27 -33.79 -0.19
N GLU C 95 -28.49 -33.80 -1.26
CA GLU C 95 -28.33 -35.03 -2.03
C GLU C 95 -27.32 -35.99 -1.41
N ASP C 96 -26.60 -35.53 -0.39
CA ASP C 96 -25.66 -36.37 0.31
C ASP C 96 -26.44 -37.07 1.41
N ALA C 97 -27.26 -36.30 2.11
CA ALA C 97 -28.08 -36.83 3.20
C ALA C 97 -29.17 -37.73 2.61
N LEU C 98 -29.43 -37.56 1.33
CA LEU C 98 -30.45 -38.36 0.64
C LEU C 98 -29.97 -39.80 0.54
N LYS C 99 -28.67 -40.01 0.77
CA LYS C 99 -28.09 -41.34 0.70
C LYS C 99 -27.44 -41.74 2.02
N VAL C 100 -26.92 -40.77 2.75
CA VAL C 100 -26.27 -41.03 4.04
C VAL C 100 -27.26 -40.86 5.19
N MET C 101 -28.51 -41.26 4.97
CA MET C 101 -29.54 -41.13 6.00
C MET C 101 -29.93 -42.48 6.58
N ASP C 102 -29.99 -42.54 7.92
CA ASP C 102 -30.36 -43.76 8.63
C ASP C 102 -31.75 -44.19 8.14
N GLU C 103 -32.77 -43.52 8.67
CA GLU C 103 -34.16 -43.78 8.27
C GLU C 103 -34.60 -42.59 7.44
N PRO C 104 -34.77 -42.78 6.12
CA PRO C 104 -35.19 -41.71 5.21
C PRO C 104 -36.61 -41.20 5.45
N PHE C 105 -36.74 -39.93 5.83
CA PHE C 105 -38.06 -39.37 6.05
C PHE C 105 -38.54 -38.58 4.83
N PHE C 106 -37.72 -38.58 3.78
CA PHE C 106 -38.07 -37.92 2.52
C PHE C 106 -37.47 -38.63 1.31
N GLY C 107 -38.07 -38.41 0.14
CA GLY C 107 -37.59 -39.05 -1.08
C GLY C 107 -36.52 -38.29 -1.84
N PRO C 108 -36.08 -38.81 -2.99
CA PRO C 108 -35.05 -38.18 -3.83
C PRO C 108 -35.64 -37.02 -4.61
N GLU C 109 -36.86 -37.21 -5.11
CA GLU C 109 -37.55 -36.19 -5.86
C GLU C 109 -38.03 -35.12 -4.90
N ASP C 110 -38.33 -35.52 -3.66
CA ASP C 110 -38.75 -34.55 -2.66
C ASP C 110 -37.64 -33.51 -2.57
N VAL C 111 -36.44 -33.90 -2.99
CA VAL C 111 -35.31 -32.99 -2.96
C VAL C 111 -35.28 -32.11 -4.19
N GLU C 112 -35.63 -32.66 -5.35
CA GLU C 112 -35.63 -31.86 -6.57
C GLU C 112 -36.77 -30.86 -6.49
N GLU C 113 -37.94 -31.33 -6.07
CA GLU C 113 -39.13 -30.49 -5.92
C GLU C 113 -38.76 -29.28 -5.05
N ALA C 114 -37.97 -29.52 -4.02
CA ALA C 114 -37.54 -28.48 -3.10
C ALA C 114 -36.53 -27.55 -3.77
N LEU C 115 -35.41 -28.11 -4.21
CA LEU C 115 -34.37 -27.32 -4.87
C LEU C 115 -34.99 -26.51 -6.01
N GLY C 116 -36.03 -27.06 -6.61
CA GLY C 116 -36.69 -26.39 -7.71
C GLY C 116 -37.57 -25.20 -7.33
N HIS C 117 -37.57 -24.83 -6.06
CA HIS C 117 -38.36 -23.68 -5.62
C HIS C 117 -37.48 -22.66 -4.95
N LEU C 118 -36.18 -22.84 -5.05
CA LEU C 118 -35.23 -21.91 -4.45
C LEU C 118 -35.07 -20.63 -5.27
N ARG C 119 -35.23 -19.50 -4.60
CA ARG C 119 -35.09 -18.18 -5.23
C ARG C 119 -34.02 -17.42 -4.49
N PRO C 120 -33.14 -16.73 -5.21
CA PRO C 120 -32.11 -15.99 -4.48
C PRO C 120 -32.60 -14.68 -3.89
N LEU C 121 -32.11 -14.37 -2.71
CA LEU C 121 -32.43 -13.15 -1.98
C LEU C 121 -31.12 -12.86 -1.24
N GLU C 122 -30.54 -11.69 -1.48
CA GLU C 122 -29.26 -11.34 -0.85
C GLU C 122 -29.33 -10.36 0.30
N TYR C 123 -28.20 -10.20 1.00
CA TYR C 123 -28.11 -9.30 2.13
C TYR C 123 -28.65 -7.90 1.80
N GLY C 124 -29.54 -7.41 2.64
CA GLY C 124 -30.09 -6.09 2.44
C GLY C 124 -31.16 -5.88 1.39
N GLU C 125 -31.56 -6.91 0.67
CA GLU C 125 -32.61 -6.72 -0.31
C GLU C 125 -33.89 -6.91 0.47
N TRP C 126 -34.99 -6.34 0.02
CA TRP C 126 -36.22 -6.51 0.74
C TRP C 126 -37.18 -7.42 0.00
N LEU C 127 -37.91 -8.20 0.77
CA LEU C 127 -38.91 -9.10 0.19
C LEU C 127 -40.23 -8.61 0.74
N ARG C 128 -41.28 -8.71 -0.07
CA ARG C 128 -42.59 -8.27 0.35
C ARG C 128 -43.61 -9.37 0.15
N LEU C 129 -44.48 -9.55 1.14
CA LEU C 129 -45.56 -10.53 1.10
C LEU C 129 -46.65 -9.84 1.89
N GLY C 130 -47.80 -9.65 1.25
CA GLY C 130 -48.86 -8.96 1.94
C GLY C 130 -48.31 -7.67 2.53
N ALA C 131 -48.53 -7.50 3.84
CA ALA C 131 -48.09 -6.32 4.55
C ALA C 131 -46.79 -6.58 5.29
N LEU C 132 -46.09 -7.66 4.93
CA LEU C 132 -44.84 -8.00 5.59
C LEU C 132 -43.60 -7.70 4.72
N SER C 133 -42.55 -7.15 5.35
CA SER C 133 -41.30 -6.84 4.64
C SER C 133 -40.16 -7.64 5.30
N LEU C 134 -39.38 -8.37 4.49
CA LEU C 134 -38.27 -9.18 5.04
C LEU C 134 -36.92 -8.89 4.39
N ALA C 135 -35.87 -8.94 5.21
CA ALA C 135 -34.51 -8.72 4.74
C ALA C 135 -33.50 -9.54 5.51
N PHE C 136 -32.49 -10.05 4.79
CA PHE C 136 -31.42 -10.83 5.39
C PHE C 136 -30.35 -9.90 5.92
N GLY C 137 -29.72 -10.32 7.02
CA GLY C 137 -28.64 -9.56 7.61
C GLY C 137 -27.45 -10.49 7.56
N GLN C 138 -26.24 -9.94 7.57
CA GLN C 138 -25.03 -10.75 7.53
C GLN C 138 -24.82 -11.50 8.87
N ALA C 139 -24.84 -12.82 8.81
CA ALA C 139 -24.67 -13.64 10.00
C ALA C 139 -23.22 -14.17 10.16
N GLY C 140 -22.51 -14.33 9.03
CA GLY C 140 -21.14 -14.82 9.06
C GLY C 140 -20.93 -16.12 9.81
N HIS C 141 -21.63 -17.15 9.40
CA HIS C 141 -21.58 -18.48 10.02
C HIS C 141 -21.12 -19.45 8.94
N LEU C 142 -21.57 -19.20 7.72
CA LEU C 142 -21.23 -19.99 6.56
C LEU C 142 -21.31 -19.06 5.36
N PRO C 143 -20.81 -19.52 4.21
CA PRO C 143 -20.90 -18.62 3.06
C PRO C 143 -22.39 -18.41 2.75
N GLY C 144 -22.90 -17.21 3.00
CA GLY C 144 -24.29 -16.95 2.71
C GLY C 144 -25.23 -17.16 3.88
N SER C 145 -24.70 -17.08 5.09
CA SER C 145 -25.49 -17.26 6.32
C SER C 145 -26.08 -15.90 6.67
N ALA C 146 -27.31 -15.90 7.17
CA ALA C 146 -27.95 -14.63 7.50
C ALA C 146 -28.93 -14.70 8.65
N PHE C 147 -29.21 -13.54 9.23
CA PHE C 147 -30.24 -13.49 10.26
C PHE C 147 -31.41 -12.82 9.54
N VAL C 148 -32.55 -12.73 10.19
CA VAL C 148 -33.70 -12.14 9.54
C VAL C 148 -34.26 -10.90 10.24
N VAL C 149 -34.74 -9.97 9.44
CA VAL C 149 -35.35 -8.76 9.97
C VAL C 149 -36.74 -8.78 9.34
N ALA C 150 -37.77 -8.80 10.18
CA ALA C 150 -39.13 -8.82 9.68
C ALA C 150 -39.88 -7.63 10.25
N GLN C 151 -40.37 -6.79 9.36
CA GLN C 151 -41.10 -5.60 9.76
C GLN C 151 -42.52 -5.71 9.27
N GLY C 152 -43.47 -5.42 10.15
CA GLY C 152 -44.88 -5.50 9.78
C GLY C 152 -45.81 -5.05 10.90
N GLU C 153 -47.00 -4.60 10.51
CA GLU C 153 -48.02 -4.16 11.46
C GLU C 153 -47.45 -3.17 12.47
N GLY C 154 -46.43 -2.42 12.06
CA GLY C 154 -45.82 -1.45 12.95
C GLY C 154 -44.88 -2.03 13.99
N ARG C 155 -44.55 -3.32 13.85
CA ARG C 155 -43.65 -3.99 14.80
C ARG C 155 -42.40 -4.59 14.11
N THR C 156 -41.36 -4.85 14.88
CA THR C 156 -40.13 -5.40 14.31
C THR C 156 -39.62 -6.65 15.02
N LEU C 157 -39.37 -7.69 14.23
CA LEU C 157 -38.85 -8.94 14.75
C LEU C 157 -37.51 -9.27 14.12
N VAL C 158 -36.55 -9.68 14.93
CA VAL C 158 -35.27 -10.09 14.40
C VAL C 158 -35.06 -11.54 14.83
N TYR C 159 -34.69 -12.38 13.87
CA TYR C 159 -34.43 -13.78 14.13
C TYR C 159 -32.95 -13.89 13.84
N SER C 160 -32.18 -14.32 14.84
CA SER C 160 -30.74 -14.41 14.69
C SER C 160 -30.20 -15.47 13.76
N GLY C 161 -30.93 -16.58 13.63
CA GLY C 161 -30.42 -17.67 12.82
C GLY C 161 -29.19 -18.09 13.62
N ASP C 162 -28.09 -18.43 12.96
CA ASP C 162 -26.87 -18.79 13.67
C ASP C 162 -25.79 -17.73 13.44
N LEU C 163 -25.31 -17.15 14.54
CA LEU C 163 -24.26 -16.13 14.47
C LEU C 163 -22.87 -16.77 14.40
N GLY C 164 -22.04 -16.28 13.48
CA GLY C 164 -20.71 -16.82 13.33
C GLY C 164 -19.69 -16.36 14.37
N ASN C 165 -18.45 -16.82 14.19
CA ASN C 165 -17.36 -16.48 15.10
C ASN C 165 -16.62 -15.27 14.55
N ARG C 166 -16.84 -14.11 15.18
CA ARG C 166 -16.22 -12.87 14.75
C ARG C 166 -14.72 -12.98 14.46
N GLU C 167 -13.96 -13.43 15.46
CA GLU C 167 -12.50 -13.57 15.34
C GLU C 167 -11.94 -14.25 14.08
N LYS C 168 -12.50 -15.39 13.69
CA LYS C 168 -12.00 -16.13 12.52
C LYS C 168 -11.81 -15.23 11.29
N ASP C 169 -11.23 -15.75 10.20
CA ASP C 169 -10.98 -14.90 9.03
C ASP C 169 -11.55 -15.23 7.65
N VAL C 170 -12.08 -16.43 7.46
CA VAL C 170 -12.61 -16.80 6.14
C VAL C 170 -13.95 -16.14 5.77
N LEU C 171 -14.81 -15.94 6.77
CA LEU C 171 -16.11 -15.31 6.54
C LEU C 171 -16.15 -13.88 7.06
N PRO C 172 -16.96 -13.03 6.42
CA PRO C 172 -17.06 -11.64 6.86
C PRO C 172 -17.70 -11.53 8.25
N ASP C 173 -17.39 -10.45 8.96
CA ASP C 173 -17.95 -10.24 10.29
C ASP C 173 -19.46 -10.10 10.28
N PRO C 174 -20.13 -10.65 11.30
CA PRO C 174 -21.60 -10.56 11.39
C PRO C 174 -22.05 -9.14 11.77
N SER C 175 -23.08 -8.65 11.09
CA SER C 175 -23.61 -7.31 11.33
C SER C 175 -24.56 -7.27 12.53
N LEU C 176 -24.61 -6.12 13.20
CA LEU C 176 -25.50 -5.94 14.33
C LEU C 176 -26.94 -5.81 13.81
N PRO C 177 -27.91 -6.21 14.62
CA PRO C 177 -29.32 -6.13 14.25
C PRO C 177 -29.94 -4.78 14.58
N PRO C 178 -31.10 -4.48 14.00
CA PRO C 178 -31.73 -3.20 14.31
C PRO C 178 -32.44 -3.35 15.64
N LEU C 179 -32.72 -2.25 16.31
CA LEU C 179 -33.45 -2.32 17.56
C LEU C 179 -34.74 -3.03 17.17
N ALA C 180 -35.15 -4.03 17.94
CA ALA C 180 -36.36 -4.78 17.62
C ALA C 180 -37.29 -5.00 18.82
N ASP C 181 -38.58 -5.13 18.53
CA ASP C 181 -39.56 -5.38 19.58
C ASP C 181 -39.22 -6.72 20.23
N LEU C 182 -38.92 -7.70 19.40
CA LEU C 182 -38.55 -9.02 19.88
C LEU C 182 -37.43 -9.60 19.05
N VAL C 183 -36.46 -10.22 19.71
CA VAL C 183 -35.34 -10.85 19.03
C VAL C 183 -35.34 -12.35 19.37
N LEU C 184 -35.48 -13.18 18.35
CA LEU C 184 -35.48 -14.61 18.56
C LEU C 184 -34.02 -14.98 18.30
N ALA C 185 -33.23 -15.02 19.36
CA ALA C 185 -31.80 -15.31 19.27
C ALA C 185 -31.32 -16.70 19.70
N GLU C 186 -30.20 -17.15 19.10
CA GLU C 186 -29.61 -18.44 19.44
C GLU C 186 -28.96 -18.34 20.82
N GLY C 187 -28.32 -19.42 21.27
CA GLY C 187 -27.69 -19.41 22.57
C GLY C 187 -26.77 -20.60 22.74
N THR C 188 -26.39 -21.20 21.62
CA THR C 188 -25.52 -22.36 21.59
C THR C 188 -24.37 -22.32 22.60
N TYR C 189 -23.59 -21.23 22.61
CA TYR C 189 -22.50 -21.08 23.56
C TYR C 189 -22.80 -19.91 24.48
N GLY C 190 -24.00 -19.88 25.05
CA GLY C 190 -24.36 -18.79 25.94
C GLY C 190 -23.92 -19.00 27.37
N ASP C 191 -23.22 -20.11 27.60
CA ASP C 191 -22.73 -20.46 28.94
C ASP C 191 -21.36 -19.86 29.20
N ARG C 192 -20.61 -19.61 28.13
CA ARG C 192 -19.27 -19.05 28.25
C ARG C 192 -18.65 -18.72 26.89
N PRO C 193 -17.66 -17.81 26.88
CA PRO C 193 -16.97 -17.39 25.65
C PRO C 193 -15.99 -18.46 25.16
N HIS C 194 -15.53 -18.34 23.92
CA HIS C 194 -14.57 -19.30 23.38
C HIS C 194 -13.16 -18.93 23.84
N ARG C 195 -12.17 -19.52 23.18
CA ARG C 195 -10.77 -19.24 23.49
C ARG C 195 -10.20 -18.56 22.25
N PRO C 196 -9.92 -17.24 22.34
CA PRO C 196 -9.38 -16.41 21.26
C PRO C 196 -8.74 -17.15 20.09
N TYR C 197 -9.24 -16.86 18.90
CA TYR C 197 -8.76 -17.47 17.66
C TYR C 197 -7.26 -17.25 17.50
N ARG C 198 -6.72 -16.33 18.31
CA ARG C 198 -5.30 -16.02 18.28
C ARG C 198 -4.46 -17.22 18.71
N GLU C 199 -4.54 -17.54 20.00
CA GLU C 199 -3.80 -18.65 20.59
C GLU C 199 -4.18 -20.00 19.99
N THR C 200 -5.42 -20.10 19.52
CA THR C 200 -5.91 -21.35 18.93
C THR C 200 -5.03 -21.77 17.76
N VAL C 201 -5.00 -20.95 16.71
CA VAL C 201 -4.18 -21.26 15.54
C VAL C 201 -2.71 -21.25 15.94
N ARG C 202 -2.42 -20.59 17.05
CA ARG C 202 -1.05 -20.52 17.55
C ARG C 202 -0.61 -21.95 17.88
N GLU C 203 -1.43 -22.63 18.69
CA GLU C 203 -1.14 -24.00 19.08
C GLU C 203 -1.51 -24.99 17.97
N PHE C 204 -2.24 -24.50 16.96
CA PHE C 204 -2.64 -25.35 15.85
C PHE C 204 -1.39 -25.70 15.05
N LEU C 205 -0.42 -24.81 15.07
CA LEU C 205 0.83 -25.00 14.35
C LEU C 205 1.84 -25.67 15.29
N GLU C 206 1.67 -25.44 16.59
CA GLU C 206 2.54 -26.04 17.59
C GLU C 206 2.23 -27.53 17.70
N ILE C 207 1.57 -28.05 16.67
CA ILE C 207 1.20 -29.47 16.63
C ILE C 207 1.37 -30.00 15.21
N LEU C 208 1.47 -29.09 14.24
CA LEU C 208 1.67 -29.50 12.85
C LEU C 208 3.13 -29.84 12.63
N GLU C 209 4.03 -28.91 12.95
CA GLU C 209 5.46 -29.15 12.80
C GLU C 209 5.79 -30.23 13.84
N LYS C 210 5.39 -29.94 15.06
CA LYS C 210 5.59 -30.83 16.21
C LYS C 210 5.42 -32.29 15.78
N THR C 211 4.42 -32.54 14.93
CA THR C 211 4.13 -33.88 14.45
C THR C 211 4.70 -34.17 13.06
N LEU C 212 4.37 -33.32 12.09
CA LEU C 212 4.86 -33.51 10.73
C LEU C 212 6.38 -33.51 10.65
N SER C 213 7.03 -33.23 11.78
CA SER C 213 8.49 -33.20 11.84
C SER C 213 9.03 -34.53 12.36
N GLN C 214 8.17 -35.29 13.03
CA GLN C 214 8.57 -36.60 13.56
C GLN C 214 7.87 -37.71 12.79
N GLY C 215 7.51 -37.43 11.54
CA GLY C 215 6.86 -38.41 10.68
C GLY C 215 5.38 -38.65 10.93
N GLY C 216 4.89 -38.22 12.08
CA GLY C 216 3.49 -38.41 12.43
C GLY C 216 2.49 -37.78 11.48
N LYS C 217 1.37 -38.46 11.25
CA LYS C 217 0.31 -37.98 10.38
C LYS C 217 -0.62 -37.04 11.13
N VAL C 218 -1.01 -35.94 10.48
CA VAL C 218 -1.93 -34.99 11.11
C VAL C 218 -3.35 -35.29 10.66
N LEU C 219 -4.09 -36.01 11.50
CA LEU C 219 -5.47 -36.38 11.20
C LEU C 219 -6.46 -35.39 11.80
N ILE C 220 -7.33 -34.86 10.97
CA ILE C 220 -8.32 -33.90 11.45
C ILE C 220 -9.72 -34.20 10.92
N PRO C 221 -10.65 -34.56 11.82
CA PRO C 221 -12.03 -34.87 11.46
C PRO C 221 -12.79 -33.55 11.27
N THR C 222 -13.30 -33.32 10.07
CA THR C 222 -13.99 -32.08 9.78
C THR C 222 -15.31 -32.25 9.01
N PHE C 223 -16.13 -31.21 9.02
CA PHE C 223 -17.39 -31.24 8.30
C PHE C 223 -17.10 -30.80 6.86
N ALA C 224 -17.59 -31.57 5.90
CA ALA C 224 -17.36 -31.28 4.49
C ALA C 224 -18.06 -30.02 3.97
N VAL C 225 -18.68 -29.26 4.86
CA VAL C 225 -19.38 -28.06 4.45
C VAL C 225 -18.52 -26.80 4.51
N GLU C 226 -18.05 -26.44 5.71
CA GLU C 226 -17.24 -25.24 5.83
C GLU C 226 -15.94 -25.46 6.60
N ARG C 227 -16.02 -26.22 7.68
CA ARG C 227 -14.85 -26.50 8.52
C ARG C 227 -13.71 -27.16 7.76
N ALA C 228 -14.04 -28.05 6.83
CA ALA C 228 -13.04 -28.76 6.06
C ALA C 228 -12.39 -27.80 5.05
N GLN C 229 -13.10 -26.72 4.75
CA GLN C 229 -12.64 -25.72 3.80
C GLN C 229 -11.81 -24.66 4.50
N GLU C 230 -12.14 -24.41 5.76
CA GLU C 230 -11.44 -23.41 6.55
C GLU C 230 -10.05 -23.85 6.99
N ILE C 231 -9.89 -25.15 7.23
CA ILE C 231 -8.59 -25.68 7.65
C ILE C 231 -7.61 -25.60 6.48
N LEU C 232 -8.11 -25.81 5.26
CA LEU C 232 -7.27 -25.76 4.06
C LEU C 232 -6.77 -24.34 3.83
N TYR C 233 -7.53 -23.36 4.31
CA TYR C 233 -7.16 -21.95 4.15
C TYR C 233 -6.09 -21.56 5.15
N VAL C 234 -6.11 -22.21 6.31
CA VAL C 234 -5.11 -21.91 7.34
C VAL C 234 -3.77 -22.49 6.91
N LEU C 235 -3.83 -23.56 6.12
CA LEU C 235 -2.63 -24.24 5.64
C LEU C 235 -2.03 -23.54 4.43
N TYR C 236 -2.82 -22.72 3.76
CA TYR C 236 -2.36 -22.00 2.58
C TYR C 236 -1.74 -20.66 2.96
N THR C 237 -2.24 -20.06 4.04
CA THR C 237 -1.74 -18.78 4.50
C THR C 237 -0.86 -18.95 5.74
N HIS C 238 -0.40 -20.18 5.96
CA HIS C 238 0.47 -20.50 7.07
C HIS C 238 1.44 -21.62 6.71
N GLY C 239 1.36 -22.07 5.47
CA GLY C 239 2.26 -23.11 5.00
C GLY C 239 3.55 -22.46 4.54
N HIS C 240 3.80 -21.27 5.08
CA HIS C 240 5.00 -20.51 4.76
C HIS C 240 6.14 -20.82 5.71
N ARG C 241 6.01 -21.91 6.46
CA ARG C 241 7.05 -22.32 7.41
C ARG C 241 6.77 -23.65 8.10
N LEU C 242 6.01 -24.51 7.45
CA LEU C 242 5.68 -25.81 8.01
C LEU C 242 6.46 -26.92 7.31
N PRO C 243 6.94 -27.93 8.07
CA PRO C 243 7.69 -29.04 7.49
C PRO C 243 6.94 -29.74 6.37
N ARG C 244 7.54 -29.72 5.18
CA ARG C 244 6.97 -30.34 3.98
C ARG C 244 6.13 -31.57 4.31
N ALA C 245 4.86 -31.56 3.90
CA ALA C 245 3.96 -32.67 4.17
C ALA C 245 2.70 -32.61 3.31
N PRO C 246 2.35 -33.73 2.64
CA PRO C 246 1.16 -33.80 1.78
C PRO C 246 -0.14 -33.66 2.56
N ILE C 247 -1.14 -33.07 1.93
CA ILE C 247 -2.44 -32.86 2.56
C ILE C 247 -3.57 -33.52 1.75
N TYR C 248 -4.19 -34.53 2.35
CA TYR C 248 -5.28 -35.25 1.68
C TYR C 248 -6.65 -34.83 2.19
N LEU C 249 -7.58 -34.65 1.27
CA LEU C 249 -8.94 -34.29 1.63
C LEU C 249 -9.77 -35.54 1.32
N ASP C 250 -9.88 -36.40 2.32
CA ASP C 250 -10.62 -37.65 2.20
C ASP C 250 -12.11 -37.46 2.43
N SER C 251 -12.77 -36.81 1.49
CA SER C 251 -14.20 -36.56 1.59
C SER C 251 -14.75 -36.12 0.23
N PRO C 252 -15.60 -36.96 -0.39
CA PRO C 252 -16.18 -36.61 -1.69
C PRO C 252 -16.97 -35.30 -1.64
N MET C 253 -17.75 -35.12 -0.57
CA MET C 253 -18.53 -33.89 -0.41
C MET C 253 -17.63 -32.68 -0.30
N ALA C 254 -16.79 -32.66 0.75
CA ALA C 254 -15.87 -31.54 0.97
C ALA C 254 -15.20 -31.14 -0.34
N GLY C 255 -15.06 -32.11 -1.23
CA GLY C 255 -14.47 -31.85 -2.53
C GLY C 255 -15.44 -31.04 -3.37
N ARG C 256 -16.68 -31.51 -3.45
CA ARG C 256 -17.72 -30.83 -4.21
C ARG C 256 -17.82 -29.39 -3.71
N VAL C 257 -17.87 -29.23 -2.39
CA VAL C 257 -17.96 -27.91 -1.76
C VAL C 257 -16.73 -27.06 -2.09
N LEU C 258 -15.56 -27.69 -2.06
CA LEU C 258 -14.34 -26.98 -2.35
C LEU C 258 -14.36 -26.51 -3.80
N SER C 259 -14.93 -27.35 -4.67
CA SER C 259 -15.04 -27.03 -6.10
C SER C 259 -16.01 -25.87 -6.29
N LEU C 260 -16.94 -25.74 -5.35
CA LEU C 260 -17.97 -24.70 -5.39
C LEU C 260 -17.51 -23.34 -4.87
N TYR C 261 -16.62 -23.34 -3.88
CA TYR C 261 -16.13 -22.10 -3.31
C TYR C 261 -15.70 -21.01 -4.28
N PRO C 262 -15.06 -21.38 -5.41
CA PRO C 262 -14.65 -20.37 -6.37
C PRO C 262 -15.82 -19.55 -6.91
N ARG C 263 -16.98 -20.19 -7.05
CA ARG C 263 -18.17 -19.51 -7.55
C ARG C 263 -18.86 -18.67 -6.48
N LEU C 264 -18.25 -18.56 -5.31
CA LEU C 264 -18.83 -17.81 -4.18
C LEU C 264 -17.88 -16.77 -3.60
N VAL C 265 -16.99 -16.25 -4.44
CA VAL C 265 -16.03 -15.26 -3.99
C VAL C 265 -16.67 -14.14 -3.17
N ARG C 266 -17.72 -13.55 -3.74
CA ARG C 266 -18.47 -12.45 -3.12
C ARG C 266 -18.95 -12.72 -1.69
N TYR C 267 -19.15 -13.99 -1.37
CA TYR C 267 -19.62 -14.39 -0.05
C TYR C 267 -18.54 -14.53 1.01
N PHE C 268 -17.32 -14.13 0.70
CA PHE C 268 -16.24 -14.24 1.68
C PHE C 268 -15.79 -12.90 2.27
N SER C 269 -14.70 -12.95 3.03
CA SER C 269 -14.16 -11.74 3.66
C SER C 269 -13.29 -10.99 2.66
N GLU C 270 -12.91 -9.76 3.00
CA GLU C 270 -12.08 -8.95 2.12
C GLU C 270 -10.78 -9.72 1.90
N GLU C 271 -10.21 -10.20 3.01
CA GLU C 271 -8.98 -10.97 3.00
C GLU C 271 -9.01 -12.11 1.97
N VAL C 272 -10.00 -12.98 2.08
CA VAL C 272 -10.12 -14.12 1.17
C VAL C 272 -10.29 -13.73 -0.30
N GLN C 273 -11.04 -12.66 -0.54
CA GLN C 273 -11.26 -12.20 -1.92
C GLN C 273 -10.00 -11.54 -2.46
N ALA C 274 -9.05 -11.27 -1.57
CA ALA C 274 -7.79 -10.64 -1.97
C ALA C 274 -7.03 -11.64 -2.82
N HIS C 275 -6.97 -12.88 -2.36
CA HIS C 275 -6.26 -13.92 -3.10
C HIS C 275 -6.99 -14.20 -4.41
N PHE C 276 -8.33 -14.18 -4.37
CA PHE C 276 -9.11 -14.41 -5.59
C PHE C 276 -8.89 -13.22 -6.52
N LEU C 277 -8.48 -12.11 -5.92
CA LEU C 277 -8.21 -10.86 -6.64
C LEU C 277 -6.93 -11.09 -7.45
N GLN C 278 -5.94 -11.67 -6.78
CA GLN C 278 -4.64 -11.97 -7.39
C GLN C 278 -4.75 -13.15 -8.36
N GLY C 279 -5.84 -13.92 -8.23
CA GLY C 279 -6.04 -15.07 -9.10
C GLY C 279 -5.46 -16.36 -8.52
N LYS C 280 -5.32 -16.40 -7.19
CA LYS C 280 -4.78 -17.56 -6.48
C LYS C 280 -5.78 -18.14 -5.48
N ASN C 281 -6.31 -19.33 -5.77
CA ASN C 281 -7.28 -20.01 -4.90
C ASN C 281 -6.65 -20.37 -3.55
N PRO C 282 -6.92 -19.58 -2.50
CA PRO C 282 -6.38 -19.78 -1.16
C PRO C 282 -6.96 -20.95 -0.34
N PHE C 283 -7.79 -21.78 -0.96
CA PHE C 283 -8.40 -22.90 -0.27
C PHE C 283 -7.78 -24.23 -0.71
N ARG C 284 -6.53 -24.17 -1.16
CA ARG C 284 -5.84 -25.37 -1.60
C ARG C 284 -4.35 -25.22 -1.34
N PRO C 285 -3.91 -25.51 -0.10
CA PRO C 285 -2.49 -25.39 0.24
C PRO C 285 -1.60 -26.26 -0.64
N ALA C 286 -0.31 -26.34 -0.31
CA ALA C 286 0.64 -27.12 -1.07
C ALA C 286 0.39 -28.62 -1.03
N GLY C 287 0.51 -29.26 -2.19
CA GLY C 287 0.31 -30.70 -2.29
C GLY C 287 -1.00 -31.27 -1.78
N LEU C 288 -2.09 -30.50 -1.89
CA LEU C 288 -3.39 -30.97 -1.45
C LEU C 288 -3.84 -32.11 -2.36
N GLU C 289 -4.64 -33.01 -1.82
CA GLU C 289 -5.13 -34.15 -2.59
C GLU C 289 -6.56 -34.51 -2.18
N VAL C 290 -7.48 -34.47 -3.14
CA VAL C 290 -8.88 -34.78 -2.86
C VAL C 290 -9.14 -36.27 -3.07
N VAL C 291 -9.37 -36.99 -1.98
CA VAL C 291 -9.62 -38.42 -2.03
C VAL C 291 -11.09 -38.74 -2.32
N GLU C 292 -11.35 -39.25 -3.52
CA GLU C 292 -12.70 -39.60 -3.94
C GLU C 292 -13.08 -41.03 -3.52
N HIS C 293 -12.83 -41.98 -4.42
CA HIS C 293 -13.15 -43.38 -4.17
C HIS C 293 -12.45 -43.88 -2.90
N THR C 294 -13.01 -44.91 -2.28
CA THR C 294 -12.44 -45.48 -1.06
C THR C 294 -11.12 -46.15 -1.40
N GLU C 295 -10.82 -46.22 -2.70
CA GLU C 295 -9.59 -46.83 -3.18
C GLU C 295 -8.37 -46.29 -2.45
N ALA C 296 -7.87 -45.14 -2.91
CA ALA C 296 -6.71 -44.51 -2.30
C ALA C 296 -7.03 -44.07 -0.87
N SER C 297 -8.29 -44.22 -0.48
CA SER C 297 -8.72 -43.86 0.87
C SER C 297 -8.07 -44.81 1.86
N LYS C 298 -7.90 -46.05 1.43
CA LYS C 298 -7.26 -47.07 2.25
C LYS C 298 -5.75 -47.03 2.05
N ALA C 299 -5.34 -46.65 0.84
CA ALA C 299 -3.93 -46.56 0.50
C ALA C 299 -3.23 -45.55 1.41
N LEU C 300 -4.02 -44.80 2.18
CA LEU C 300 -3.49 -43.80 3.09
C LEU C 300 -3.20 -44.44 4.46
N ASN C 301 -4.04 -45.38 4.84
CA ASN C 301 -3.90 -46.07 6.12
C ASN C 301 -2.55 -46.78 6.19
N ARG C 302 -1.95 -47.02 5.03
CA ARG C 302 -0.66 -47.69 4.94
C ARG C 302 0.47 -46.71 4.66
N ALA C 303 0.30 -45.86 3.66
CA ALA C 303 1.32 -44.88 3.32
C ALA C 303 1.79 -44.17 4.58
N PRO C 304 3.10 -44.25 4.89
CA PRO C 304 3.69 -43.63 6.08
C PRO C 304 3.69 -42.11 6.01
N GLY C 305 3.64 -41.46 7.18
CA GLY C 305 3.64 -40.01 7.23
C GLY C 305 4.97 -39.39 6.86
N PRO C 306 5.15 -38.07 7.05
CA PRO C 306 4.16 -37.14 7.60
C PRO C 306 3.14 -36.69 6.55
N MET C 307 1.85 -36.88 6.86
CA MET C 307 0.78 -36.48 5.97
C MET C 307 -0.39 -35.93 6.76
N VAL C 308 -1.05 -34.91 6.20
CA VAL C 308 -2.20 -34.30 6.85
C VAL C 308 -3.46 -34.78 6.13
N VAL C 309 -4.30 -35.51 6.85
CA VAL C 309 -5.54 -36.01 6.27
C VAL C 309 -6.78 -35.38 6.90
N LEU C 310 -7.67 -34.88 6.05
CA LEU C 310 -8.90 -34.25 6.48
C LEU C 310 -10.07 -35.09 5.98
N ALA C 311 -10.90 -35.56 6.92
CA ALA C 311 -12.05 -36.38 6.56
C ALA C 311 -13.07 -36.43 7.69
N GLY C 312 -14.28 -36.89 7.36
CA GLY C 312 -15.33 -36.98 8.35
C GLY C 312 -15.88 -38.39 8.49
N SER C 313 -17.02 -38.55 9.17
CA SER C 313 -17.78 -37.46 9.79
C SER C 313 -16.96 -36.60 10.74
N GLY C 314 -17.40 -35.36 10.93
CA GLY C 314 -16.72 -34.43 11.82
C GLY C 314 -17.08 -34.65 13.28
N MET C 315 -18.15 -35.40 13.50
CA MET C 315 -18.60 -35.73 14.85
C MET C 315 -18.06 -37.11 15.18
N LEU C 316 -17.56 -37.79 14.15
CA LEU C 316 -17.02 -39.15 14.28
C LEU C 316 -18.18 -40.12 14.40
N ALA C 317 -19.21 -39.91 13.61
CA ALA C 317 -20.39 -40.77 13.62
C ALA C 317 -20.36 -41.73 12.44
N GLY C 318 -19.16 -41.94 11.91
CA GLY C 318 -19.01 -42.84 10.77
C GLY C 318 -18.10 -42.24 9.71
N GLY C 319 -18.37 -42.58 8.46
CA GLY C 319 -17.56 -42.05 7.38
C GLY C 319 -16.23 -42.77 7.21
N ARG C 320 -15.19 -42.01 6.90
CA ARG C 320 -13.87 -42.59 6.71
C ARG C 320 -12.91 -42.15 7.82
N ILE C 321 -13.31 -41.15 8.59
CA ILE C 321 -12.48 -40.65 9.68
C ILE C 321 -12.23 -41.76 10.71
N LEU C 322 -13.00 -42.84 10.60
CA LEU C 322 -12.87 -43.96 11.51
C LEU C 322 -11.78 -44.90 11.00
N HIS C 323 -11.72 -45.07 9.68
CA HIS C 323 -10.72 -45.93 9.07
C HIS C 323 -9.35 -45.27 9.22
N HIS C 324 -9.35 -44.07 9.78
CA HIS C 324 -8.13 -43.32 10.01
C HIS C 324 -7.86 -43.29 11.51
N LEU C 325 -8.90 -43.59 12.28
CA LEU C 325 -8.79 -43.62 13.73
C LEU C 325 -8.59 -45.06 14.22
N LYS C 326 -8.23 -45.92 13.29
CA LYS C 326 -8.00 -47.34 13.58
C LYS C 326 -6.58 -47.73 13.15
N HIS C 327 -5.96 -46.87 12.34
CA HIS C 327 -4.61 -47.12 11.85
C HIS C 327 -3.71 -45.90 12.04
N GLY C 328 -3.77 -45.31 13.24
CA GLY C 328 -2.95 -44.14 13.51
C GLY C 328 -2.93 -43.74 14.98
N LEU C 329 -3.81 -44.33 15.78
CA LEU C 329 -3.89 -44.02 17.20
C LEU C 329 -2.84 -44.81 18.00
N SER C 330 -2.65 -46.07 17.63
CA SER C 330 -1.68 -46.92 18.32
C SER C 330 -0.34 -46.21 18.41
N ASP C 331 0.00 -45.46 17.37
CA ASP C 331 1.26 -44.73 17.32
C ASP C 331 1.18 -43.40 18.07
N PRO C 332 2.10 -43.20 19.04
CA PRO C 332 2.15 -41.98 19.85
C PRO C 332 2.84 -40.82 19.15
N ARG C 333 2.93 -40.90 17.83
CA ARG C 333 3.56 -39.86 17.02
C ARG C 333 2.49 -39.12 16.22
N ASN C 334 1.42 -39.82 15.89
CA ASN C 334 0.32 -39.26 15.13
C ASN C 334 -0.39 -38.15 15.91
N ALA C 335 -1.05 -37.26 15.18
CA ALA C 335 -1.76 -36.14 15.78
C ALA C 335 -3.25 -36.09 15.42
N LEU C 336 -4.10 -36.22 16.43
CA LEU C 336 -5.55 -36.16 16.25
C LEU C 336 -5.99 -34.75 16.64
N VAL C 337 -6.65 -34.07 15.70
CA VAL C 337 -7.08 -32.70 15.95
C VAL C 337 -8.59 -32.46 15.88
N PHE C 338 -9.16 -32.02 17.00
CA PHE C 338 -10.57 -31.70 17.08
C PHE C 338 -10.72 -30.22 16.77
N VAL C 339 -11.36 -29.91 15.64
CA VAL C 339 -11.57 -28.53 15.23
C VAL C 339 -12.96 -28.01 15.56
N GLY C 340 -13.52 -28.45 16.68
CA GLY C 340 -14.85 -27.99 17.05
C GLY C 340 -15.36 -28.47 18.40
N TYR C 341 -16.61 -28.94 18.40
CA TYR C 341 -17.26 -29.42 19.62
C TYR C 341 -17.76 -30.85 19.45
N GLN C 342 -17.52 -31.69 20.45
CA GLN C 342 -17.95 -33.08 20.42
C GLN C 342 -19.03 -33.32 21.47
N PRO C 343 -20.14 -33.98 21.07
CA PRO C 343 -21.26 -34.28 21.96
C PRO C 343 -20.94 -35.27 23.08
N GLN C 344 -21.91 -35.50 23.95
CA GLN C 344 -21.77 -36.43 25.05
C GLN C 344 -21.83 -37.87 24.53
N GLY C 345 -21.07 -38.76 25.15
CA GLY C 345 -21.08 -40.15 24.72
C GLY C 345 -20.65 -40.34 23.28
N GLY C 346 -19.59 -39.65 22.88
CA GLY C 346 -19.11 -39.76 21.51
C GLY C 346 -17.74 -40.41 21.44
N LEU C 347 -17.50 -41.14 20.36
CA LEU C 347 -16.23 -41.83 20.15
C LEU C 347 -15.05 -40.90 20.47
N GLY C 348 -15.21 -39.63 20.11
CA GLY C 348 -14.16 -38.66 20.36
C GLY C 348 -14.33 -37.98 21.70
N ALA C 349 -15.56 -38.02 22.21
CA ALA C 349 -15.86 -37.41 23.50
C ALA C 349 -15.35 -38.34 24.59
N GLU C 350 -15.18 -39.61 24.24
CA GLU C 350 -14.70 -40.62 25.17
C GLU C 350 -13.18 -40.54 25.26
N ILE C 351 -12.57 -39.89 24.28
CA ILE C 351 -11.12 -39.72 24.24
C ILE C 351 -10.75 -38.50 25.09
N ILE C 352 -11.73 -37.66 25.37
CA ILE C 352 -11.54 -36.45 26.16
C ILE C 352 -11.06 -36.78 27.57
N ALA C 353 -11.52 -37.90 28.10
CA ALA C 353 -11.14 -38.33 29.44
C ALA C 353 -9.83 -39.11 29.37
N ARG C 354 -9.34 -39.32 28.15
CA ARG C 354 -8.10 -40.04 27.90
C ARG C 354 -8.09 -41.44 28.53
N PRO C 355 -8.95 -42.34 28.04
CA PRO C 355 -8.99 -43.70 28.58
C PRO C 355 -7.76 -44.47 28.09
N PRO C 356 -7.56 -45.70 28.58
CA PRO C 356 -6.40 -46.48 28.11
C PRO C 356 -6.42 -46.61 26.59
N ALA C 357 -7.48 -47.24 26.09
CA ALA C 357 -7.67 -47.44 24.66
C ALA C 357 -9.15 -47.24 24.40
N VAL C 358 -9.53 -47.14 23.13
CA VAL C 358 -10.93 -46.94 22.78
C VAL C 358 -11.42 -47.96 21.75
N ARG C 359 -12.68 -48.38 21.90
CA ARG C 359 -13.29 -49.35 21.00
C ARG C 359 -13.77 -48.69 19.72
N ILE C 360 -13.07 -48.94 18.62
CA ILE C 360 -13.41 -48.38 17.32
C ILE C 360 -13.59 -49.50 16.29
N LEU C 361 -14.83 -49.67 15.82
CA LEU C 361 -15.16 -50.71 14.85
C LEU C 361 -15.05 -52.09 15.49
N GLY C 362 -15.64 -52.23 16.68
CA GLY C 362 -15.57 -53.50 17.39
C GLY C 362 -14.18 -53.71 17.95
N GLU C 363 -13.18 -53.45 17.11
CA GLU C 363 -11.78 -53.59 17.51
C GLU C 363 -11.35 -52.42 18.38
N GLU C 364 -10.76 -52.73 19.53
CA GLU C 364 -10.30 -51.70 20.44
C GLU C 364 -8.81 -51.45 20.20
N VAL C 365 -8.50 -50.30 19.60
CA VAL C 365 -7.13 -49.94 19.28
C VAL C 365 -6.41 -49.19 20.40
N PRO C 366 -5.07 -49.12 20.33
CA PRO C 366 -4.23 -48.44 21.32
C PRO C 366 -4.38 -46.92 21.26
N LEU C 367 -4.78 -46.31 22.38
CA LEU C 367 -4.93 -44.86 22.44
C LEU C 367 -3.63 -44.23 22.93
N ARG C 368 -2.63 -44.19 22.05
CA ARG C 368 -1.33 -43.64 22.40
C ARG C 368 -1.00 -42.34 21.67
N ALA C 369 -1.83 -41.97 20.70
CA ALA C 369 -1.60 -40.75 19.92
C ALA C 369 -2.11 -39.53 20.69
N SER C 370 -1.53 -38.37 20.40
CA SER C 370 -1.91 -37.12 21.06
C SER C 370 -3.25 -36.58 20.56
N VAL C 371 -3.97 -35.87 21.42
CA VAL C 371 -5.27 -35.31 21.07
C VAL C 371 -5.44 -33.90 21.65
N HIS C 372 -5.90 -32.97 20.82
CA HIS C 372 -6.12 -31.60 21.26
C HIS C 372 -7.37 -30.97 20.70
N THR C 373 -8.38 -30.81 21.55
CA THR C 373 -9.64 -30.21 21.15
C THR C 373 -9.50 -28.69 21.18
N LEU C 374 -9.56 -28.09 19.99
CA LEU C 374 -9.43 -26.64 19.88
C LEU C 374 -10.77 -25.98 19.63
N GLY C 375 -11.45 -25.61 20.71
CA GLY C 375 -12.75 -24.97 20.61
C GLY C 375 -12.65 -23.53 20.14
N GLY C 376 -11.56 -23.22 19.44
CA GLY C 376 -11.36 -21.87 18.93
C GLY C 376 -11.88 -21.74 17.51
N PHE C 377 -11.96 -22.87 16.82
CA PHE C 377 -12.46 -22.89 15.44
C PHE C 377 -13.99 -22.96 15.44
N SER C 378 -14.59 -22.64 16.59
CA SER C 378 -16.04 -22.68 16.72
C SER C 378 -16.72 -21.76 15.71
N GLY C 379 -17.66 -22.33 14.95
CA GLY C 379 -18.37 -21.57 13.95
C GLY C 379 -19.50 -20.74 14.56
N HIS C 380 -19.71 -20.88 15.87
CA HIS C 380 -20.75 -20.13 16.57
C HIS C 380 -20.14 -19.02 17.43
N ALA C 381 -20.97 -18.04 17.79
CA ALA C 381 -20.52 -16.93 18.60
C ALA C 381 -20.51 -17.35 20.07
N GLY C 382 -19.46 -16.98 20.78
CA GLY C 382 -19.36 -17.33 22.19
C GLY C 382 -20.26 -16.44 23.00
N GLN C 383 -20.38 -16.72 24.29
CA GLN C 383 -21.23 -15.92 25.17
C GLN C 383 -20.95 -14.43 25.01
N ASP C 384 -19.68 -14.06 24.91
CA ASP C 384 -19.28 -12.66 24.77
C ASP C 384 -19.88 -12.03 23.52
N GLU C 385 -19.49 -12.55 22.36
CA GLU C 385 -19.98 -12.05 21.08
C GLU C 385 -21.51 -12.14 21.07
N LEU C 386 -22.03 -13.18 21.71
CA LEU C 386 -23.46 -13.42 21.79
C LEU C 386 -24.15 -12.33 22.62
N LEU C 387 -23.44 -11.80 23.62
CA LEU C 387 -23.99 -10.75 24.47
C LEU C 387 -23.87 -9.40 23.78
N ASP C 388 -22.88 -9.30 22.89
CA ASP C 388 -22.63 -8.07 22.14
C ASP C 388 -23.72 -7.87 21.11
N TRP C 389 -24.04 -8.94 20.39
CA TRP C 389 -25.05 -8.89 19.34
C TRP C 389 -26.41 -8.50 19.90
N LEU C 390 -26.78 -9.11 21.03
CA LEU C 390 -28.07 -8.86 21.68
C LEU C 390 -28.07 -7.57 22.47
N GLN C 391 -26.95 -6.84 22.44
CA GLN C 391 -26.81 -5.60 23.18
C GLN C 391 -27.86 -4.54 22.82
N GLY C 392 -28.63 -4.11 23.80
CA GLY C 392 -29.63 -3.08 23.59
C GLY C 392 -31.06 -3.48 23.30
N GLU C 393 -31.28 -4.75 22.96
CA GLU C 393 -32.62 -5.23 22.66
C GLU C 393 -33.46 -5.44 23.93
N PRO C 394 -34.69 -4.86 23.97
CA PRO C 394 -35.59 -4.98 25.12
C PRO C 394 -36.09 -6.39 25.45
N ARG C 395 -36.78 -7.02 24.50
CA ARG C 395 -37.32 -8.36 24.70
C ARG C 395 -36.56 -9.41 23.90
N VAL C 396 -36.13 -10.47 24.56
CA VAL C 396 -35.38 -11.51 23.88
C VAL C 396 -35.84 -12.92 24.24
N VAL C 397 -36.13 -13.71 23.21
CA VAL C 397 -36.54 -15.09 23.41
C VAL C 397 -35.39 -15.93 22.87
N LEU C 398 -34.93 -16.89 23.66
CA LEU C 398 -33.81 -17.72 23.25
C LEU C 398 -34.20 -19.08 22.69
N VAL C 399 -33.36 -19.57 21.79
CA VAL C 399 -33.57 -20.85 21.14
C VAL C 399 -32.20 -21.41 20.72
N HIS C 400 -32.21 -22.58 20.08
CA HIS C 400 -31.00 -23.20 19.60
C HIS C 400 -29.89 -23.34 20.65
N GLY C 401 -30.04 -24.35 21.52
CA GLY C 401 -29.07 -24.60 22.56
C GLY C 401 -29.66 -25.37 23.74
N GLU C 402 -28.79 -25.97 24.55
CA GLU C 402 -29.23 -26.73 25.71
C GLU C 402 -29.86 -25.78 26.73
N GLU C 403 -30.92 -26.24 27.39
CA GLU C 403 -31.63 -25.42 28.36
C GLU C 403 -30.73 -24.77 29.40
N GLU C 404 -29.69 -25.50 29.81
CA GLU C 404 -28.76 -24.97 30.80
C GLU C 404 -28.02 -23.75 30.24
N LYS C 405 -27.52 -23.90 29.01
CA LYS C 405 -26.79 -22.85 28.30
C LYS C 405 -27.62 -21.58 28.16
N LEU C 406 -28.85 -21.74 27.70
CA LEU C 406 -29.75 -20.60 27.51
C LEU C 406 -30.00 -19.89 28.84
N LEU C 407 -30.24 -20.66 29.89
CA LEU C 407 -30.49 -20.11 31.21
C LEU C 407 -29.32 -19.25 31.69
N ALA C 408 -28.11 -19.67 31.35
CA ALA C 408 -26.91 -18.94 31.74
C ALA C 408 -26.89 -17.59 31.01
N LEU C 409 -26.91 -17.65 29.68
CA LEU C 409 -26.89 -16.45 28.86
C LEU C 409 -28.09 -15.61 29.27
N GLY C 410 -29.16 -16.29 29.67
CA GLY C 410 -30.36 -15.59 30.08
C GLY C 410 -30.17 -14.77 31.35
N LYS C 411 -29.49 -15.36 32.33
CA LYS C 411 -29.26 -14.66 33.59
C LYS C 411 -28.46 -13.40 33.35
N LEU C 412 -27.56 -13.46 32.37
CA LEU C 412 -26.72 -12.32 32.02
C LEU C 412 -27.52 -11.22 31.32
N LEU C 413 -28.43 -11.62 30.44
CA LEU C 413 -29.26 -10.66 29.71
C LEU C 413 -30.27 -10.01 30.63
N ALA C 414 -30.57 -10.67 31.74
CA ALA C 414 -31.53 -10.15 32.71
C ALA C 414 -30.86 -9.05 33.52
N LEU C 415 -29.57 -9.21 33.75
CA LEU C 415 -28.81 -8.21 34.51
C LEU C 415 -28.81 -6.92 33.72
N ARG C 416 -28.49 -7.01 32.44
CA ARG C 416 -28.46 -5.84 31.59
C ARG C 416 -29.83 -5.16 31.55
N GLY C 417 -30.82 -5.79 32.17
CA GLY C 417 -32.16 -5.24 32.22
C GLY C 417 -33.11 -5.66 31.12
N GLN C 418 -32.65 -6.53 30.24
CA GLN C 418 -33.46 -6.98 29.11
C GLN C 418 -34.41 -8.11 29.50
N GLU C 419 -35.65 -8.06 29.00
CA GLU C 419 -36.61 -9.11 29.27
C GLU C 419 -36.08 -10.30 28.49
N VAL C 420 -36.25 -11.50 29.03
CA VAL C 420 -35.76 -12.66 28.33
C VAL C 420 -36.45 -13.92 28.86
N SER C 421 -36.57 -14.90 27.99
CA SER C 421 -37.22 -16.16 28.32
C SER C 421 -36.77 -17.19 27.32
N LEU C 422 -37.26 -18.41 27.46
CA LEU C 422 -36.90 -19.48 26.56
C LEU C 422 -38.09 -19.90 25.72
N ALA C 423 -37.83 -20.19 24.46
CA ALA C 423 -38.90 -20.60 23.57
C ALA C 423 -39.37 -22.00 23.95
N ARG C 424 -40.70 -22.20 23.88
CA ARG C 424 -41.30 -23.49 24.17
C ARG C 424 -41.94 -23.94 22.86
N PHE C 425 -41.73 -25.20 22.51
CA PHE C 425 -42.26 -25.76 21.27
C PHE C 425 -43.76 -25.54 21.15
N GLY C 426 -44.19 -25.02 20.00
CA GLY C 426 -45.59 -24.78 19.76
C GLY C 426 -46.17 -23.57 20.47
N GLU C 427 -45.40 -22.93 21.34
CA GLU C 427 -45.90 -21.77 22.07
C GLU C 427 -45.57 -20.42 21.40
N GLY C 428 -46.57 -19.85 20.73
CA GLY C 428 -46.37 -18.58 20.06
C GLY C 428 -45.96 -17.45 21.01
N VAL C 429 -45.30 -16.44 20.45
CA VAL C 429 -44.87 -15.29 21.23
C VAL C 429 -45.26 -14.02 20.50
N PRO C 430 -46.02 -13.14 21.16
CA PRO C 430 -46.41 -11.91 20.45
C PRO C 430 -45.16 -11.06 20.18
N VAL C 431 -45.17 -10.36 19.05
CA VAL C 431 -44.04 -9.49 18.69
C VAL C 431 -44.46 -8.04 18.89
N MET D 1 51.86 3.50 8.27
CA MET D 1 50.66 4.33 8.58
C MET D 1 50.43 4.33 10.10
N ARG D 2 50.33 5.52 10.69
CA ARG D 2 50.11 5.62 12.12
C ARG D 2 48.89 6.45 12.47
N ILE D 3 48.34 6.22 13.66
CA ILE D 3 47.17 6.95 14.11
C ILE D 3 47.41 7.38 15.56
N VAL D 4 47.28 8.68 15.83
CA VAL D 4 47.53 9.23 17.15
C VAL D 4 46.32 9.85 17.83
N PRO D 5 45.91 9.28 18.98
CA PRO D 5 44.76 9.76 19.76
C PRO D 5 45.08 11.10 20.40
N PHE D 6 44.26 12.10 20.15
CA PHE D 6 44.47 13.42 20.73
C PHE D 6 43.23 13.86 21.47
N GLY D 7 42.49 12.86 21.95
CA GLY D 7 41.28 13.10 22.70
C GLY D 7 40.58 11.78 22.86
N ALA D 8 39.53 11.75 23.69
CA ALA D 8 38.75 10.54 23.94
C ALA D 8 39.58 9.29 24.25
N ALA D 9 40.75 9.47 24.87
CA ALA D 9 41.60 8.35 25.23
C ALA D 9 41.38 8.08 26.72
N ARG D 10 40.95 6.85 27.03
CA ARG D 10 40.67 6.46 28.42
C ARG D 10 39.49 7.25 28.98
N GLU D 11 38.89 8.10 28.14
CA GLU D 11 37.75 8.93 28.52
C GLU D 11 36.77 8.95 27.35
N VAL D 12 35.70 9.71 27.48
CA VAL D 12 34.72 9.77 26.41
C VAL D 12 34.79 10.97 25.47
N THR D 13 34.96 12.17 26.01
CA THR D 13 34.98 13.36 25.16
C THR D 13 36.32 13.74 24.54
N GLY D 14 36.28 14.72 23.65
CA GLY D 14 37.49 15.21 23.01
C GLY D 14 37.97 14.51 21.75
N SER D 15 37.18 13.57 21.24
CA SER D 15 37.55 12.80 20.05
C SER D 15 38.32 13.57 18.96
N ALA D 16 39.54 13.13 18.70
CA ALA D 16 40.39 13.74 17.70
C ALA D 16 41.55 12.80 17.46
N HIS D 17 41.66 12.26 16.26
CA HIS D 17 42.72 11.33 15.97
C HIS D 17 43.42 11.68 14.68
N LEU D 18 44.72 11.96 14.78
CA LEU D 18 45.51 12.37 13.62
C LEU D 18 46.06 11.16 12.88
N LEU D 19 45.64 11.01 11.64
CA LEU D 19 46.11 9.89 10.83
C LEU D 19 47.29 10.37 10.02
N LEU D 20 48.42 9.68 10.19
CA LEU D 20 49.65 10.02 9.48
C LEU D 20 49.97 8.94 8.46
N ALA D 21 49.85 9.25 7.18
CA ALA D 21 50.11 8.29 6.11
C ALA D 21 50.07 8.93 4.73
N GLY D 22 50.50 8.18 3.73
CA GLY D 22 50.50 8.67 2.35
C GLY D 22 51.20 10.01 2.20
N GLY D 23 52.06 10.34 3.15
CA GLY D 23 52.76 11.61 3.11
C GLY D 23 51.75 12.71 3.38
N ARG D 24 50.83 12.43 4.30
CA ARG D 24 49.77 13.37 4.64
C ARG D 24 49.34 13.26 6.10
N ARG D 25 48.69 14.31 6.59
CA ARG D 25 48.17 14.34 7.96
C ARG D 25 46.68 14.64 7.87
N VAL D 26 45.85 13.69 8.33
CA VAL D 26 44.41 13.87 8.28
C VAL D 26 43.83 13.70 9.67
N LEU D 27 43.18 14.73 10.17
CA LEU D 27 42.60 14.68 11.51
C LEU D 27 41.21 14.07 11.47
N LEU D 28 41.01 12.99 12.21
CA LEU D 28 39.71 12.33 12.27
C LEU D 28 38.94 12.88 13.48
N ASP D 29 37.97 13.75 13.18
CA ASP D 29 37.15 14.42 14.18
C ASP D 29 37.95 15.44 14.97
N CYS D 30 37.25 16.39 15.58
CA CYS D 30 37.89 17.44 16.34
C CYS D 30 36.92 17.91 17.42
N GLY D 31 36.55 16.99 18.30
CA GLY D 31 35.60 17.33 19.35
C GLY D 31 36.14 18.03 20.58
N MET D 32 35.23 18.64 21.33
CA MET D 32 35.62 19.33 22.55
C MET D 32 35.45 18.41 23.74
N PHE D 33 36.17 18.72 24.82
CA PHE D 33 36.11 17.97 26.05
C PHE D 33 34.98 18.54 26.89
N GLN D 34 34.34 17.69 27.69
CA GLN D 34 33.26 18.15 28.56
C GLN D 34 33.42 17.51 29.93
N GLY D 35 32.43 17.68 30.80
CA GLY D 35 32.56 17.11 32.12
C GLY D 35 33.81 17.67 32.78
N LYS D 36 34.46 16.87 33.62
CA LYS D 36 35.66 17.33 34.31
C LYS D 36 36.88 17.38 33.40
N GLU D 37 36.69 17.84 32.16
CA GLU D 37 37.79 17.93 31.21
C GLU D 37 37.76 19.21 30.39
N GLU D 38 36.63 19.93 30.46
CA GLU D 38 36.44 21.18 29.73
C GLU D 38 37.71 22.03 29.64
N ALA D 39 38.55 21.97 30.68
CA ALA D 39 39.77 22.75 30.73
C ALA D 39 40.68 22.49 29.53
N ARG D 40 40.82 21.21 29.19
CA ARG D 40 41.66 20.77 28.07
C ARG D 40 41.41 21.60 26.82
N ASN D 41 40.19 22.08 26.67
CA ASN D 41 39.83 22.88 25.51
C ASN D 41 40.57 24.22 25.42
N HIS D 42 41.13 24.66 26.55
CA HIS D 42 41.86 25.92 26.61
C HIS D 42 43.36 25.72 26.47
N ALA D 43 43.80 24.47 26.48
CA ALA D 43 45.22 24.15 26.34
C ALA D 43 45.47 23.69 24.91
N PRO D 44 46.76 23.56 24.51
CA PRO D 44 47.06 23.12 23.14
C PRO D 44 46.57 21.73 22.73
N PHE D 45 46.50 21.53 21.41
CA PHE D 45 46.06 20.28 20.82
C PHE D 45 47.01 19.13 21.04
N GLY D 46 48.29 19.40 20.83
CA GLY D 46 49.30 18.37 20.96
C GLY D 46 49.93 18.17 19.60
N PHE D 47 49.50 18.96 18.63
CA PHE D 47 50.03 18.92 17.27
C PHE D 47 49.77 20.27 16.63
N ASP D 48 50.53 20.60 15.58
CA ASP D 48 50.36 21.87 14.91
C ASP D 48 49.23 21.84 13.89
N PRO D 49 48.11 22.49 14.21
CA PRO D 49 46.95 22.51 13.31
C PRO D 49 47.28 23.00 11.91
N LYS D 50 48.35 23.76 11.77
CA LYS D 50 48.72 24.29 10.47
C LYS D 50 49.35 23.20 9.58
N GLU D 51 49.74 22.10 10.19
CA GLU D 51 50.34 20.98 9.45
C GLU D 51 49.30 19.97 8.96
N VAL D 52 48.05 20.17 9.36
CA VAL D 52 46.96 19.28 8.96
C VAL D 52 46.59 19.51 7.50
N ASP D 53 46.45 18.43 6.73
CA ASP D 53 46.09 18.52 5.32
C ASP D 53 44.59 18.52 5.07
N ALA D 54 43.85 17.90 5.97
CA ALA D 54 42.41 17.81 5.85
C ALA D 54 41.81 17.25 7.13
N VAL D 55 40.53 17.52 7.32
CA VAL D 55 39.83 17.06 8.49
C VAL D 55 38.57 16.35 8.06
N LEU D 56 38.26 15.24 8.73
CA LEU D 56 37.05 14.46 8.44
C LEU D 56 36.22 14.39 9.73
N LEU D 57 34.92 14.66 9.62
CA LEU D 57 34.03 14.63 10.78
C LEU D 57 32.99 13.53 10.64
N THR D 58 32.95 12.62 11.60
CA THR D 58 32.01 11.51 11.56
C THR D 58 30.56 11.93 11.83
N HIS D 59 30.33 12.87 12.74
CA HIS D 59 28.97 13.34 13.00
C HIS D 59 28.94 14.70 13.72
N ALA D 60 27.75 15.29 13.80
CA ALA D 60 27.58 16.62 14.39
C ALA D 60 27.71 16.84 15.89
N HIS D 61 27.76 15.79 16.69
CA HIS D 61 27.86 15.99 18.13
C HIS D 61 29.08 16.79 18.56
N LEU D 62 28.81 17.77 19.43
CA LEU D 62 29.81 18.69 19.97
C LEU D 62 31.10 18.05 20.48
N ASP D 63 31.03 16.83 21.00
CA ASP D 63 32.26 16.21 21.48
C ASP D 63 33.06 15.62 20.32
N HIS D 64 32.65 15.97 19.09
CA HIS D 64 33.34 15.49 17.89
C HIS D 64 33.69 16.60 16.91
N VAL D 65 33.05 17.76 17.09
CA VAL D 65 33.29 18.90 16.22
C VAL D 65 33.59 20.15 17.05
N GLY D 66 33.27 20.09 18.34
CA GLY D 66 33.47 21.21 19.23
C GLY D 66 34.78 21.97 19.17
N ARG D 67 35.91 21.30 18.94
CA ARG D 67 37.18 22.00 18.89
C ARG D 67 37.57 22.46 17.48
N LEU D 68 36.73 22.17 16.50
CA LEU D 68 36.99 22.57 15.12
C LEU D 68 37.21 24.07 14.97
N PRO D 69 36.32 24.91 15.54
CA PRO D 69 36.54 26.36 15.38
C PRO D 69 37.90 26.80 15.95
N LYS D 70 38.39 26.09 16.95
CA LYS D 70 39.68 26.39 17.57
C LYS D 70 40.80 25.96 16.62
N LEU D 71 40.56 24.89 15.88
CA LEU D 71 41.54 24.39 14.92
C LEU D 71 41.78 25.48 13.88
N PHE D 72 40.74 26.27 13.62
CA PHE D 72 40.87 27.36 12.66
C PHE D 72 41.43 28.58 13.37
N ARG D 73 40.95 28.83 14.58
CA ARG D 73 41.44 29.97 15.36
C ARG D 73 42.96 29.91 15.42
N GLU D 74 43.50 28.69 15.38
CA GLU D 74 44.94 28.51 15.47
C GLU D 74 45.69 28.29 14.16
N GLY D 75 45.13 28.76 13.05
CA GLY D 75 45.83 28.64 11.79
C GLY D 75 45.34 27.74 10.69
N TYR D 76 44.80 26.57 11.03
CA TYR D 76 44.32 25.64 10.01
C TYR D 76 43.32 26.31 9.06
N ARG D 77 43.56 26.14 7.76
CA ARG D 77 42.71 26.70 6.72
C ARG D 77 42.36 25.69 5.62
N GLY D 78 42.54 24.41 5.93
CA GLY D 78 42.24 23.36 4.96
C GLY D 78 40.78 22.97 4.92
N PRO D 79 40.43 21.96 4.11
CA PRO D 79 39.03 21.50 4.00
C PRO D 79 38.59 20.60 5.13
N VAL D 80 37.27 20.62 5.38
CA VAL D 80 36.68 19.79 6.42
C VAL D 80 35.57 19.00 5.73
N TYR D 81 35.72 17.68 5.67
CA TYR D 81 34.75 16.81 5.02
C TYR D 81 33.77 16.16 5.98
N ALA D 82 32.50 16.11 5.59
CA ALA D 82 31.44 15.52 6.40
C ALA D 82 30.21 15.38 5.51
N THR D 83 29.27 14.50 5.88
CA THR D 83 28.06 14.32 5.08
C THR D 83 27.27 15.61 5.19
N ARG D 84 26.41 15.89 4.22
CA ARG D 84 25.64 17.12 4.27
C ARG D 84 24.75 17.21 5.51
N ALA D 85 24.32 16.07 6.04
CA ALA D 85 23.49 16.08 7.22
C ALA D 85 24.30 16.61 8.39
N THR D 86 25.55 16.13 8.50
CA THR D 86 26.44 16.58 9.56
C THR D 86 26.72 18.07 9.38
N VAL D 87 26.96 18.47 8.14
CA VAL D 87 27.25 19.85 7.80
C VAL D 87 26.11 20.76 8.23
N LEU D 88 24.87 20.34 7.95
CA LEU D 88 23.70 21.11 8.31
C LEU D 88 23.45 21.10 9.82
N LEU D 89 23.62 19.94 10.45
CA LEU D 89 23.41 19.84 11.89
C LEU D 89 24.47 20.63 12.64
N MET D 90 25.58 20.90 11.97
CA MET D 90 26.68 21.65 12.60
C MET D 90 26.40 23.12 12.82
N GLU D 91 25.87 23.81 11.82
CA GLU D 91 25.61 25.22 11.98
C GLU D 91 24.79 25.46 13.24
N ILE D 92 23.78 24.61 13.44
CA ILE D 92 22.92 24.73 14.62
C ILE D 92 23.75 24.52 15.89
N VAL D 93 24.35 23.34 16.01
CA VAL D 93 25.16 22.98 17.16
C VAL D 93 26.32 23.93 17.45
N LEU D 94 27.01 24.36 16.41
CA LEU D 94 28.15 25.25 16.58
C LEU D 94 27.76 26.65 17.03
N GLU D 95 26.62 27.15 16.57
CA GLU D 95 26.19 28.48 16.96
C GLU D 95 25.46 28.52 18.30
N ASP D 96 24.93 27.40 18.75
CA ASP D 96 24.26 27.35 20.04
C ASP D 96 25.31 27.14 21.12
N ALA D 97 26.50 26.73 20.71
CA ALA D 97 27.60 26.51 21.64
C ALA D 97 28.29 27.83 21.99
N LEU D 98 28.17 28.80 21.08
CA LEU D 98 28.76 30.11 21.30
C LEU D 98 28.01 30.88 22.39
N LYS D 99 26.75 30.52 22.59
CA LYS D 99 25.91 31.18 23.57
C LYS D 99 25.75 30.40 24.88
N VAL D 100 26.04 29.10 24.83
CA VAL D 100 25.93 28.27 26.03
C VAL D 100 27.26 28.18 26.75
N MET D 101 28.34 28.16 25.98
CA MET D 101 29.68 28.07 26.53
C MET D 101 30.01 29.24 27.46
N ASP D 102 30.31 28.91 28.71
CA ASP D 102 30.64 29.93 29.71
C ASP D 102 31.91 30.68 29.35
N GLU D 103 33.05 29.99 29.48
CA GLU D 103 34.33 30.56 29.15
C GLU D 103 34.69 29.99 27.78
N PRO D 104 34.22 30.65 26.72
CA PRO D 104 34.49 30.19 25.35
C PRO D 104 35.98 30.13 25.05
N PHE D 105 36.38 29.13 24.27
CA PHE D 105 37.77 28.98 23.90
C PHE D 105 37.92 29.27 22.41
N PHE D 106 36.90 29.93 21.87
CA PHE D 106 36.88 30.34 20.47
C PHE D 106 35.74 31.33 20.28
N GLY D 107 35.81 32.12 19.21
CA GLY D 107 34.79 33.12 18.95
C GLY D 107 33.96 32.87 17.70
N PRO D 108 32.90 33.67 17.49
CA PRO D 108 32.01 33.56 16.34
C PRO D 108 32.71 33.56 14.98
N GLU D 109 33.73 34.40 14.85
CA GLU D 109 34.45 34.48 13.59
C GLU D 109 35.18 33.17 13.30
N ASP D 110 35.55 32.45 14.36
CA ASP D 110 36.23 31.17 14.21
C ASP D 110 35.22 30.17 13.65
N VAL D 111 33.99 30.28 14.14
CA VAL D 111 32.91 29.41 13.70
C VAL D 111 32.60 29.66 12.23
N GLU D 112 32.53 30.93 11.85
CA GLU D 112 32.25 31.29 10.47
C GLU D 112 33.32 30.70 9.57
N GLU D 113 34.55 30.73 10.05
CA GLU D 113 35.70 30.20 9.32
C GLU D 113 35.59 28.68 9.16
N ALA D 114 35.25 28.00 10.26
CA ALA D 114 35.11 26.56 10.25
C ALA D 114 34.05 26.13 9.25
N LEU D 115 32.81 26.50 9.51
CA LEU D 115 31.70 26.17 8.61
C LEU D 115 32.05 26.52 7.18
N GLY D 116 32.72 27.65 7.00
CA GLY D 116 33.08 28.09 5.66
C GLY D 116 33.93 27.10 4.88
N HIS D 117 34.57 26.16 5.58
CA HIS D 117 35.41 25.18 4.91
C HIS D 117 34.82 23.79 4.76
N LEU D 118 33.59 23.61 5.19
CA LEU D 118 32.93 22.32 5.08
C LEU D 118 32.70 21.88 3.65
N ARG D 119 33.19 20.71 3.31
CA ARG D 119 32.99 20.18 1.97
C ARG D 119 32.24 18.87 2.11
N PRO D 120 31.08 18.76 1.45
CA PRO D 120 30.27 17.54 1.53
C PRO D 120 30.96 16.31 1.00
N LEU D 121 30.83 15.22 1.75
CA LEU D 121 31.40 13.93 1.39
C LEU D 121 30.34 12.93 1.85
N GLU D 122 29.73 12.22 0.91
CA GLU D 122 28.68 11.27 1.25
C GLU D 122 29.20 9.84 1.34
N TYR D 123 28.32 8.93 1.77
CA TYR D 123 28.68 7.52 1.90
C TYR D 123 29.13 6.91 0.57
N GLY D 124 30.24 6.18 0.58
CA GLY D 124 30.71 5.56 -0.63
C GLY D 124 31.34 6.53 -1.62
N GLU D 125 31.94 7.58 -1.10
CA GLU D 125 32.62 8.54 -1.95
C GLU D 125 34.05 8.55 -1.44
N TRP D 126 34.98 8.30 -2.35
CA TRP D 126 36.37 8.27 -1.94
C TRP D 126 37.12 9.57 -2.10
N LEU D 127 37.79 9.93 -1.02
CA LEU D 127 38.60 11.12 -0.97
C LEU D 127 40.01 10.61 -1.28
N ARG D 128 40.74 11.34 -2.12
CA ARG D 128 42.10 10.93 -2.46
C ARG D 128 43.09 12.02 -2.05
N LEU D 129 43.98 11.69 -1.11
CA LEU D 129 45.02 12.61 -0.64
C LEU D 129 46.35 11.88 -0.77
N GLY D 130 47.22 12.38 -1.66
CA GLY D 130 48.49 11.71 -1.84
C GLY D 130 48.20 10.25 -2.13
N ALA D 131 48.78 9.35 -1.35
CA ALA D 131 48.55 7.93 -1.57
C ALA D 131 47.50 7.39 -0.61
N LEU D 132 46.75 8.29 0.00
CA LEU D 132 45.72 7.90 0.95
C LEU D 132 44.33 7.94 0.30
N SER D 133 43.49 6.96 0.65
CA SER D 133 42.12 6.85 0.15
C SER D 133 41.20 6.77 1.35
N LEU D 134 40.21 7.66 1.43
CA LEU D 134 39.31 7.64 2.57
C LEU D 134 37.86 7.57 2.14
N ALA D 135 37.01 7.06 3.03
CA ALA D 135 35.60 6.94 2.74
C ALA D 135 34.77 6.76 4.01
N PHE D 136 33.52 7.22 3.95
CA PHE D 136 32.59 7.12 5.06
C PHE D 136 31.76 5.86 4.96
N GLY D 137 31.50 5.27 6.11
CA GLY D 137 30.68 4.08 6.20
C GLY D 137 29.53 4.44 7.11
N GLN D 138 28.39 3.80 6.91
CA GLN D 138 27.18 4.06 7.69
C GLN D 138 27.37 3.66 9.15
N ALA D 139 27.33 4.64 10.06
CA ALA D 139 27.49 4.40 11.50
C ALA D 139 26.15 4.36 12.24
N GLY D 140 25.09 4.79 11.58
CA GLY D 140 23.76 4.78 12.18
C GLY D 140 23.58 5.45 13.53
N HIS D 141 24.55 6.27 13.95
CA HIS D 141 24.47 6.95 15.23
C HIS D 141 23.69 8.27 15.18
N LEU D 142 23.77 8.95 14.04
CA LEU D 142 23.09 10.23 13.85
C LEU D 142 22.83 10.46 12.37
N PRO D 143 21.86 11.31 12.03
CA PRO D 143 21.58 11.56 10.61
C PRO D 143 22.90 11.99 9.99
N GLY D 144 23.39 11.21 9.03
CA GLY D 144 24.64 11.55 8.40
C GLY D 144 25.86 11.13 9.19
N SER D 145 25.69 10.25 10.17
CA SER D 145 26.82 9.80 10.98
C SER D 145 27.62 8.74 10.22
N ALA D 146 28.91 8.62 10.51
CA ALA D 146 29.74 7.67 9.78
C ALA D 146 30.96 7.17 10.53
N PHE D 147 31.54 6.09 10.02
CA PHE D 147 32.79 5.59 10.55
C PHE D 147 33.73 5.83 9.37
N VAL D 148 35.04 5.85 9.61
CA VAL D 148 35.97 6.11 8.51
C VAL D 148 36.82 4.90 8.13
N VAL D 149 36.95 4.71 6.81
CA VAL D 149 37.78 3.64 6.30
C VAL D 149 38.96 4.32 5.64
N ALA D 150 40.15 4.07 6.19
CA ALA D 150 41.38 4.65 5.67
C ALA D 150 42.22 3.55 5.06
N GLN D 151 42.71 3.80 3.86
CA GLN D 151 43.52 2.83 3.16
C GLN D 151 44.71 3.47 2.49
N GLY D 152 45.90 2.97 2.84
CA GLY D 152 47.13 3.46 2.28
C GLY D 152 48.32 2.61 2.68
N GLU D 153 49.37 2.64 1.87
CA GLU D 153 50.58 1.86 2.15
C GLU D 153 50.21 0.39 2.33
N GLY D 154 49.28 -0.08 1.51
CA GLY D 154 48.85 -1.46 1.58
C GLY D 154 48.12 -1.86 2.85
N ARG D 155 47.85 -0.88 3.72
CA ARG D 155 47.15 -1.17 4.98
C ARG D 155 45.76 -0.54 5.00
N THR D 156 44.92 -1.02 5.90
CA THR D 156 43.57 -0.52 6.05
C THR D 156 43.23 -0.22 7.51
N LEU D 157 42.84 1.02 7.78
CA LEU D 157 42.46 1.43 9.12
C LEU D 157 40.97 1.75 9.12
N VAL D 158 40.33 1.49 10.25
CA VAL D 158 38.94 1.81 10.40
C VAL D 158 38.78 2.55 11.71
N TYR D 159 38.13 3.71 11.64
CA TYR D 159 37.84 4.54 12.80
C TYR D 159 36.32 4.51 12.84
N SER D 160 35.76 4.02 13.93
CA SER D 160 34.32 3.87 14.07
C SER D 160 33.50 5.13 14.35
N GLY D 161 34.16 6.18 14.83
CA GLY D 161 33.38 7.36 15.18
C GLY D 161 32.47 6.78 16.24
N ASP D 162 31.21 7.17 16.26
CA ASP D 162 30.29 6.60 17.23
C ASP D 162 29.33 5.68 16.48
N LEU D 163 29.15 4.47 17.00
CA LEU D 163 28.25 3.48 16.39
C LEU D 163 26.87 3.57 17.01
N GLY D 164 25.83 3.50 16.19
CA GLY D 164 24.48 3.60 16.68
C GLY D 164 23.92 2.35 17.34
N ASN D 165 22.63 2.38 17.65
CA ASN D 165 21.94 1.26 18.27
C ASN D 165 20.99 0.65 17.23
N ARG D 166 21.46 -0.38 16.54
CA ARG D 166 20.68 -1.00 15.49
C ARG D 166 19.28 -1.47 15.87
N GLU D 167 18.98 -1.51 17.17
CA GLU D 167 17.66 -1.94 17.59
C GLU D 167 16.57 -0.87 17.40
N LYS D 168 16.94 0.39 17.58
CA LYS D 168 16.01 1.50 17.41
C LYS D 168 15.53 1.59 15.95
N ASP D 169 14.60 2.49 15.64
CA ASP D 169 14.04 2.55 14.30
C ASP D 169 14.16 3.82 13.45
N VAL D 170 14.68 4.91 14.01
CA VAL D 170 14.78 6.16 13.25
C VAL D 170 15.96 6.26 12.29
N LEU D 171 17.10 5.67 12.68
CA LEU D 171 18.31 5.69 11.88
C LEU D 171 18.60 4.34 11.23
N PRO D 172 19.29 4.34 10.08
CA PRO D 172 19.62 3.09 9.40
C PRO D 172 20.62 2.27 10.21
N ASP D 173 20.52 0.95 10.13
CA ASP D 173 21.42 0.06 10.88
C ASP D 173 22.90 0.32 10.54
N PRO D 174 23.79 0.26 11.55
CA PRO D 174 25.19 0.49 11.23
C PRO D 174 25.68 -0.63 10.32
N SER D 175 26.51 -0.29 9.36
CA SER D 175 27.06 -1.30 8.45
C SER D 175 28.26 -1.94 9.11
N LEU D 176 28.55 -3.18 8.76
CA LEU D 176 29.73 -3.82 9.32
C LEU D 176 30.90 -3.05 8.74
N PRO D 177 32.04 -3.07 9.42
CA PRO D 177 33.19 -2.35 8.88
C PRO D 177 33.94 -3.36 8.01
N PRO D 178 34.87 -2.88 7.18
CA PRO D 178 35.54 -3.90 6.37
C PRO D 178 36.60 -4.59 7.24
N LEU D 179 37.26 -5.60 6.68
CA LEU D 179 38.30 -6.29 7.43
C LEU D 179 39.45 -5.29 7.50
N ALA D 180 39.91 -4.99 8.69
CA ALA D 180 41.00 -4.02 8.83
C ALA D 180 42.17 -4.50 9.66
N ASP D 181 43.34 -3.95 9.35
CA ASP D 181 44.57 -4.27 10.05
C ASP D 181 44.49 -3.65 11.44
N LEU D 182 43.78 -2.52 11.53
CA LEU D 182 43.60 -1.82 12.79
C LEU D 182 42.22 -1.20 12.86
N VAL D 183 41.56 -1.36 13.98
CA VAL D 183 40.25 -0.78 14.15
C VAL D 183 40.15 0.01 15.44
N LEU D 184 40.14 1.33 15.29
CA LEU D 184 40.04 2.26 16.40
C LEU D 184 38.55 2.41 16.68
N ALA D 185 38.05 1.74 17.72
CA ALA D 185 36.61 1.79 18.02
C ALA D 185 36.23 2.41 19.35
N GLU D 186 34.97 2.85 19.43
CA GLU D 186 34.45 3.45 20.64
C GLU D 186 33.89 2.36 21.52
N GLY D 187 33.87 2.61 22.83
CA GLY D 187 33.34 1.63 23.76
C GLY D 187 32.50 2.28 24.83
N THR D 188 31.76 3.31 24.46
CA THR D 188 30.93 4.03 25.42
C THR D 188 30.19 3.08 26.37
N TYR D 189 29.71 1.95 25.84
CA TYR D 189 29.01 0.96 26.65
C TYR D 189 29.69 -0.40 26.56
N GLY D 190 31.00 -0.43 26.74
CA GLY D 190 31.73 -1.68 26.69
C GLY D 190 31.51 -2.55 27.90
N ASP D 191 30.73 -2.08 28.87
CA ASP D 191 30.47 -2.85 30.08
C ASP D 191 29.19 -3.68 30.03
N ARG D 192 28.11 -3.12 29.49
CA ARG D 192 26.86 -3.85 29.40
C ARG D 192 26.00 -3.46 28.21
N PRO D 193 24.98 -4.29 27.88
CA PRO D 193 24.08 -4.05 26.76
C PRO D 193 22.95 -3.09 27.15
N HIS D 194 21.93 -3.00 26.30
CA HIS D 194 20.79 -2.15 26.56
C HIS D 194 19.56 -3.04 26.60
N ARG D 195 18.61 -2.73 27.47
CA ARG D 195 17.40 -3.53 27.53
C ARG D 195 16.78 -3.46 26.13
N PRO D 196 16.20 -4.56 25.65
CA PRO D 196 15.59 -4.57 24.31
C PRO D 196 14.78 -3.31 24.07
N TYR D 197 15.06 -2.64 22.95
CA TYR D 197 14.36 -1.41 22.59
C TYR D 197 12.87 -1.70 22.41
N ARG D 198 12.56 -2.95 22.11
CA ARG D 198 11.17 -3.37 21.91
C ARG D 198 10.38 -3.21 23.21
N GLU D 199 10.84 -3.85 24.28
CA GLU D 199 10.15 -3.75 25.57
C GLU D 199 10.33 -2.35 26.14
N THR D 200 11.48 -1.75 25.86
CA THR D 200 11.76 -0.39 26.35
C THR D 200 10.67 0.57 25.89
N VAL D 201 10.20 0.38 24.66
CA VAL D 201 9.14 1.23 24.12
C VAL D 201 7.82 0.73 24.68
N ARG D 202 7.83 -0.54 25.09
CA ARG D 202 6.66 -1.20 25.65
C ARG D 202 6.41 -0.61 27.04
N GLU D 203 7.47 -0.48 27.82
CA GLU D 203 7.32 0.08 29.16
C GLU D 203 7.46 1.60 29.16
N PHE D 204 7.39 2.19 27.97
CA PHE D 204 7.45 3.65 27.83
C PHE D 204 6.03 4.12 27.55
N LEU D 205 5.31 3.36 26.72
CA LEU D 205 3.93 3.69 26.39
C LEU D 205 3.03 3.36 27.57
N GLU D 206 3.50 2.48 28.45
CA GLU D 206 2.75 2.08 29.63
C GLU D 206 2.92 3.16 30.71
N ILE D 207 4.15 3.64 30.85
CA ILE D 207 4.46 4.69 31.83
C ILE D 207 3.78 5.98 31.43
N LEU D 208 3.66 6.21 30.13
CA LEU D 208 3.02 7.43 29.64
C LEU D 208 1.54 7.43 29.96
N GLU D 209 0.89 6.30 29.75
CA GLU D 209 -0.54 6.20 29.99
C GLU D 209 -0.89 6.20 31.48
N LYS D 210 -0.26 5.32 32.24
CA LYS D 210 -0.50 5.23 33.67
C LYS D 210 -0.49 6.60 34.35
N THR D 211 0.39 7.48 33.90
CA THR D 211 0.51 8.82 34.48
C THR D 211 -0.31 9.87 33.72
N LEU D 212 -0.71 9.54 32.49
CA LEU D 212 -1.50 10.46 31.68
C LEU D 212 -2.98 10.31 32.00
N SER D 213 -3.42 9.08 32.25
CA SER D 213 -4.82 8.82 32.57
C SER D 213 -5.22 9.63 33.80
N GLN D 214 -4.31 9.73 34.76
CA GLN D 214 -4.56 10.48 35.98
C GLN D 214 -4.12 11.92 35.83
N GLY D 215 -4.48 12.52 34.68
CA GLY D 215 -4.13 13.90 34.39
C GLY D 215 -2.73 14.35 34.76
N GLY D 216 -1.86 13.38 35.06
CA GLY D 216 -0.49 13.69 35.44
C GLY D 216 0.37 14.22 34.31
N LYS D 217 1.64 14.51 34.61
CA LYS D 217 2.54 15.03 33.60
C LYS D 217 3.77 14.16 33.37
N VAL D 218 4.28 14.21 32.13
CA VAL D 218 5.45 13.44 31.76
C VAL D 218 6.63 14.36 31.47
N LEU D 219 7.67 14.22 32.29
CA LEU D 219 8.87 15.02 32.15
C LEU D 219 9.97 14.22 31.46
N ILE D 220 10.22 14.54 30.20
CA ILE D 220 11.23 13.83 29.44
C ILE D 220 12.40 14.74 29.08
N PRO D 221 13.51 14.59 29.80
CA PRO D 221 14.71 15.39 29.56
C PRO D 221 15.44 14.80 28.35
N THR D 222 15.47 15.55 27.25
CA THR D 222 16.11 15.06 26.05
C THR D 222 17.08 16.03 25.39
N PHE D 223 18.07 15.48 24.71
CA PHE D 223 19.02 16.30 24.00
C PHE D 223 18.24 16.79 22.79
N ALA D 224 18.65 17.91 22.21
CA ALA D 224 17.95 18.49 21.08
C ALA D 224 18.38 17.99 19.71
N VAL D 225 19.50 17.29 19.64
CA VAL D 225 20.00 16.81 18.36
C VAL D 225 19.12 15.78 17.65
N GLU D 226 18.91 14.62 18.26
CA GLU D 226 18.08 13.62 17.60
C GLU D 226 17.27 12.78 18.57
N ARG D 227 17.65 12.82 19.84
CA ARG D 227 16.93 12.06 20.86
C ARG D 227 15.53 12.63 21.06
N ALA D 228 15.41 13.95 20.97
CA ALA D 228 14.13 14.61 21.14
C ALA D 228 13.11 14.09 20.14
N GLN D 229 13.41 14.27 18.85
CA GLN D 229 12.51 13.83 17.79
C GLN D 229 12.33 12.32 17.77
N GLU D 230 13.36 11.58 18.15
CA GLU D 230 13.21 10.13 18.17
C GLU D 230 12.03 9.82 19.10
N ILE D 231 11.90 10.61 20.16
CA ILE D 231 10.80 10.44 21.10
C ILE D 231 9.53 10.86 20.37
N LEU D 232 9.61 11.98 19.66
CA LEU D 232 8.45 12.47 18.91
C LEU D 232 8.00 11.41 17.91
N TYR D 233 8.95 10.61 17.44
CA TYR D 233 8.65 9.56 16.47
C TYR D 233 7.88 8.41 17.10
N VAL D 234 8.35 7.92 18.26
CA VAL D 234 7.66 6.83 18.93
C VAL D 234 6.22 7.23 19.20
N LEU D 235 6.02 8.47 19.61
CA LEU D 235 4.68 8.97 19.89
C LEU D 235 3.88 8.93 18.60
N TYR D 236 4.32 9.70 17.62
CA TYR D 236 3.64 9.75 16.33
C TYR D 236 3.24 8.37 15.84
N THR D 237 4.12 7.39 16.02
CA THR D 237 3.85 6.04 15.56
C THR D 237 3.25 5.09 16.61
N HIS D 238 2.76 5.65 17.71
CA HIS D 238 2.16 4.85 18.78
C HIS D 238 1.13 5.65 19.56
N GLY D 239 0.60 6.71 18.93
CA GLY D 239 -0.37 7.55 19.59
C GLY D 239 -1.77 6.95 19.59
N HIS D 240 -1.92 5.84 18.88
CA HIS D 240 -3.22 5.16 18.79
C HIS D 240 -3.51 4.39 20.08
N ARG D 241 -3.22 5.04 21.21
CA ARG D 241 -3.46 4.44 22.52
C ARG D 241 -3.11 5.45 23.61
N LEU D 242 -2.94 6.70 23.21
CA LEU D 242 -2.60 7.76 24.16
C LEU D 242 -3.69 8.82 24.19
N PRO D 243 -3.95 9.40 25.38
CA PRO D 243 -4.97 10.44 25.55
C PRO D 243 -4.70 11.68 24.70
N ARG D 244 -5.66 12.59 24.67
CA ARG D 244 -5.52 13.82 23.89
C ARG D 244 -4.58 14.81 24.58
N ALA D 245 -3.70 14.29 25.43
CA ALA D 245 -2.72 15.13 26.12
C ALA D 245 -1.85 15.85 25.10
N PRO D 246 -1.49 17.12 25.38
CA PRO D 246 -0.65 17.91 24.47
C PRO D 246 0.84 17.56 24.55
N ILE D 247 1.52 17.65 23.40
CA ILE D 247 2.95 17.36 23.34
C ILE D 247 3.70 18.66 23.15
N TYR D 248 4.43 19.06 24.17
CA TYR D 248 5.19 20.31 24.13
C TYR D 248 6.69 20.03 23.98
N LEU D 249 7.27 20.59 22.92
CA LEU D 249 8.69 20.44 22.69
C LEU D 249 9.31 21.71 23.26
N ASP D 250 9.63 21.68 24.55
CA ASP D 250 10.19 22.83 25.24
C ASP D 250 11.68 22.96 24.95
N SER D 251 11.99 23.49 23.76
CA SER D 251 13.37 23.67 23.33
C SER D 251 13.44 24.21 21.90
N PRO D 252 13.93 25.45 21.74
CA PRO D 252 14.05 26.07 20.41
C PRO D 252 15.06 25.32 19.55
N MET D 253 16.16 24.90 20.16
CA MET D 253 17.19 24.17 19.44
C MET D 253 16.58 22.88 18.91
N ALA D 254 15.99 22.11 19.81
CA ALA D 254 15.35 20.85 19.42
C ALA D 254 14.35 21.10 18.31
N GLY D 255 13.88 22.34 18.23
CA GLY D 255 12.92 22.72 17.22
C GLY D 255 13.57 23.05 15.89
N ARG D 256 14.76 23.66 15.94
CA ARG D 256 15.50 24.01 14.73
C ARG D 256 15.83 22.73 13.98
N VAL D 257 16.27 21.72 14.75
CA VAL D 257 16.63 20.42 14.23
C VAL D 257 15.42 19.71 13.62
N LEU D 258 14.28 19.81 14.29
CA LEU D 258 13.05 19.17 13.83
C LEU D 258 12.60 19.74 12.49
N SER D 259 12.89 21.03 12.27
CA SER D 259 12.51 21.71 11.04
C SER D 259 13.43 21.25 9.91
N LEU D 260 14.67 20.95 10.28
CA LEU D 260 15.70 20.52 9.35
C LEU D 260 15.52 19.08 8.89
N TYR D 261 14.86 18.26 9.70
CA TYR D 261 14.68 16.86 9.37
C TYR D 261 14.10 16.53 8.01
N PRO D 262 13.02 17.22 7.60
CA PRO D 262 12.39 16.97 6.30
C PRO D 262 13.40 17.06 5.15
N ARG D 263 14.42 17.90 5.33
CA ARG D 263 15.44 18.06 4.30
C ARG D 263 16.44 16.90 4.32
N LEU D 264 16.60 16.28 5.48
CA LEU D 264 17.52 15.17 5.70
C LEU D 264 16.85 13.81 5.57
N VAL D 265 15.67 13.77 4.97
CA VAL D 265 14.91 12.54 4.82
C VAL D 265 15.71 11.30 4.41
N ARG D 266 16.64 11.46 3.48
CA ARG D 266 17.44 10.33 2.99
C ARG D 266 18.45 9.76 4.00
N TYR D 267 18.64 10.47 5.10
CA TYR D 267 19.58 10.05 6.11
C TYR D 267 18.94 9.16 7.18
N PHE D 268 17.63 8.93 7.06
CA PHE D 268 16.92 8.10 8.02
C PHE D 268 16.76 6.67 7.54
N SER D 269 16.10 5.85 8.36
CA SER D 269 15.91 4.45 8.01
C SER D 269 14.85 4.32 6.92
N GLU D 270 14.83 3.17 6.26
CA GLU D 270 13.86 2.92 5.21
C GLU D 270 12.45 3.19 5.71
N GLU D 271 12.20 2.81 6.96
CA GLU D 271 10.88 3.01 7.56
C GLU D 271 10.53 4.50 7.60
N VAL D 272 11.41 5.31 8.19
CA VAL D 272 11.12 6.74 8.27
C VAL D 272 10.97 7.35 6.88
N GLN D 273 11.71 6.82 5.91
CA GLN D 273 11.65 7.32 4.55
C GLN D 273 10.33 6.96 3.88
N ALA D 274 9.86 5.74 4.12
CA ALA D 274 8.59 5.32 3.55
C ALA D 274 7.48 6.23 4.09
N HIS D 275 7.61 6.66 5.35
CA HIS D 275 6.61 7.56 5.91
C HIS D 275 6.56 8.84 5.09
N PHE D 276 7.72 9.49 4.92
CA PHE D 276 7.80 10.73 4.14
C PHE D 276 7.29 10.52 2.72
N LEU D 277 7.51 9.33 2.17
CA LEU D 277 7.07 9.06 0.80
C LEU D 277 5.54 9.10 0.74
N GLN D 278 4.91 8.73 1.84
CA GLN D 278 3.45 8.73 1.93
C GLN D 278 3.02 10.20 1.97
N GLY D 279 3.98 11.07 2.27
CA GLY D 279 3.70 12.50 2.34
C GLY D 279 3.44 12.99 3.74
N LYS D 280 3.82 12.21 4.74
CA LYS D 280 3.61 12.61 6.13
C LYS D 280 4.88 12.64 6.97
N ASN D 281 5.04 13.71 7.74
CA ASN D 281 6.20 13.85 8.59
C ASN D 281 5.97 13.02 9.85
N PRO D 282 6.62 11.85 9.94
CA PRO D 282 6.48 10.95 11.07
C PRO D 282 7.07 11.50 12.37
N PHE D 283 7.67 12.67 12.31
CA PHE D 283 8.28 13.28 13.48
C PHE D 283 7.37 14.29 14.18
N ARG D 284 6.23 14.58 13.56
CA ARG D 284 5.28 15.54 14.12
C ARG D 284 3.99 14.90 14.59
N PRO D 285 4.01 14.28 15.78
CA PRO D 285 2.80 13.64 16.30
C PRO D 285 1.68 14.66 16.49
N ALA D 286 0.44 14.17 16.53
CA ALA D 286 -0.72 15.03 16.70
C ALA D 286 -0.67 15.88 17.96
N GLY D 287 -1.04 17.14 17.84
CA GLY D 287 -1.03 18.03 18.98
C GLY D 287 0.36 18.28 19.54
N LEU D 288 1.22 18.86 18.72
CA LEU D 288 2.59 19.16 19.11
C LEU D 288 2.82 20.65 18.96
N GLU D 289 3.58 21.24 19.87
CA GLU D 289 3.86 22.65 19.79
C GLU D 289 5.25 22.97 20.34
N VAL D 290 6.02 23.70 19.53
CA VAL D 290 7.38 24.08 19.89
C VAL D 290 7.39 25.34 20.75
N VAL D 291 7.53 25.16 22.05
CA VAL D 291 7.56 26.27 22.98
C VAL D 291 8.71 27.22 22.63
N GLU D 292 8.44 28.18 21.78
CA GLU D 292 9.46 29.14 21.37
C GLU D 292 9.82 30.14 22.46
N HIS D 293 8.88 31.01 22.81
CA HIS D 293 9.09 32.05 23.81
C HIS D 293 9.36 31.55 25.24
N THR D 294 10.02 32.39 26.01
CA THR D 294 10.41 32.09 27.39
C THR D 294 9.24 31.93 28.36
N GLU D 295 8.20 32.74 28.18
CA GLU D 295 7.03 32.69 29.06
C GLU D 295 6.29 31.36 28.99
N ALA D 296 6.02 30.89 27.77
CA ALA D 296 5.31 29.64 27.58
C ALA D 296 5.96 28.49 28.34
N SER D 297 7.28 28.51 28.44
CA SER D 297 8.02 27.46 29.13
C SER D 297 7.59 27.35 30.59
N LYS D 298 7.53 28.49 31.27
CA LYS D 298 7.11 28.51 32.67
C LYS D 298 5.59 28.54 32.70
N ALA D 299 4.99 29.03 31.63
CA ALA D 299 3.55 29.10 31.51
C ALA D 299 2.97 27.69 31.39
N LEU D 300 3.87 26.71 31.28
CA LEU D 300 3.49 25.30 31.19
C LEU D 300 3.58 24.71 32.58
N ASN D 301 4.48 25.27 33.38
CA ASN D 301 4.68 24.82 34.75
C ASN D 301 3.42 25.10 35.56
N ARG D 302 2.63 26.05 35.09
CA ARG D 302 1.39 26.43 35.76
C ARG D 302 0.19 25.58 35.32
N ALA D 303 -0.10 25.58 34.02
CA ALA D 303 -1.22 24.80 33.49
C ALA D 303 -1.15 23.35 34.01
N PRO D 304 -2.31 22.77 34.37
CA PRO D 304 -2.37 21.39 34.88
C PRO D 304 -2.29 20.33 33.79
N GLY D 305 -1.87 19.12 34.17
CA GLY D 305 -1.78 18.03 33.23
C GLY D 305 -3.17 17.60 32.80
N PRO D 306 -3.31 16.53 32.00
CA PRO D 306 -2.21 15.70 31.48
C PRO D 306 -1.47 16.37 30.31
N MET D 307 -0.18 16.07 30.21
CA MET D 307 0.66 16.62 29.13
C MET D 307 2.08 16.09 29.19
N VAL D 308 2.71 16.01 28.02
CA VAL D 308 4.08 15.54 27.91
C VAL D 308 4.95 16.70 27.46
N VAL D 309 6.04 16.94 28.19
CA VAL D 309 6.95 18.02 27.86
C VAL D 309 8.38 17.50 27.64
N LEU D 310 8.93 17.85 26.49
CA LEU D 310 10.29 17.45 26.14
C LEU D 310 11.16 18.68 26.24
N ALA D 311 12.26 18.58 26.98
CA ALA D 311 13.16 19.70 27.14
C ALA D 311 14.51 19.29 27.70
N GLY D 312 15.53 20.09 27.38
CA GLY D 312 16.87 19.83 27.86
C GLY D 312 17.28 20.91 28.83
N SER D 313 18.51 20.84 29.37
CA SER D 313 19.47 19.79 29.10
C SER D 313 19.04 18.37 29.43
N GLY D 314 19.41 17.43 28.56
CA GLY D 314 19.06 16.04 28.77
C GLY D 314 20.00 15.45 29.80
N MET D 315 21.03 16.22 30.14
CA MET D 315 22.04 15.82 31.13
C MET D 315 21.66 16.47 32.46
N LEU D 316 20.75 17.44 32.38
CA LEU D 316 20.27 18.19 33.54
C LEU D 316 21.30 19.18 34.07
N ALA D 317 22.27 19.53 33.23
CA ALA D 317 23.29 20.48 33.61
C ALA D 317 22.82 21.86 33.15
N GLY D 318 21.54 22.13 33.40
CA GLY D 318 20.96 23.41 33.01
C GLY D 318 19.72 23.19 32.17
N GLY D 319 19.28 24.23 31.48
CA GLY D 319 18.10 24.12 30.62
C GLY D 319 16.79 24.19 31.38
N ARG D 320 15.72 24.44 30.65
CA ARG D 320 14.39 24.55 31.23
C ARG D 320 13.97 23.29 31.99
N ILE D 321 14.53 22.15 31.61
CA ILE D 321 14.22 20.88 32.27
C ILE D 321 14.34 20.99 33.78
N LEU D 322 15.39 21.66 34.26
CA LEU D 322 15.60 21.84 35.68
C LEU D 322 14.41 22.57 36.29
N HIS D 323 13.98 23.64 35.61
CA HIS D 323 12.85 24.42 36.08
C HIS D 323 11.52 23.68 35.95
N HIS D 324 11.54 22.53 35.30
CA HIS D 324 10.33 21.74 35.13
C HIS D 324 10.08 20.83 36.32
N LEU D 325 10.78 21.12 37.41
CA LEU D 325 10.63 20.38 38.66
C LEU D 325 10.34 21.42 39.74
N LYS D 326 11.00 22.56 39.60
CA LYS D 326 10.87 23.69 40.52
C LYS D 326 9.46 24.26 40.46
N HIS D 327 8.71 23.86 39.44
CA HIS D 327 7.33 24.31 39.27
C HIS D 327 6.42 23.17 38.86
N GLY D 328 6.87 21.93 39.09
CA GLY D 328 6.04 20.79 38.71
C GLY D 328 6.45 19.41 39.18
N LEU D 329 7.68 19.24 39.68
CA LEU D 329 8.10 17.92 40.14
C LEU D 329 7.25 17.42 41.30
N SER D 330 6.46 18.32 41.88
CA SER D 330 5.58 17.98 42.99
C SER D 330 4.14 17.71 42.54
N ASP D 331 3.76 16.45 42.58
CA ASP D 331 2.43 15.98 42.20
C ASP D 331 2.54 14.47 41.97
N PRO D 332 1.70 13.67 42.66
CA PRO D 332 1.73 12.21 42.52
C PRO D 332 1.30 11.70 41.15
N ARG D 333 0.84 12.60 40.30
CA ARG D 333 0.38 12.24 38.97
C ARG D 333 1.47 12.43 37.90
N ASN D 334 2.60 12.98 38.29
CA ASN D 334 3.70 13.23 37.36
C ASN D 334 4.78 12.16 37.37
N ALA D 335 5.46 12.00 36.24
CA ALA D 335 6.52 11.00 36.10
C ALA D 335 7.73 11.55 35.35
N LEU D 336 8.92 11.20 35.85
CA LEU D 336 10.18 11.63 35.25
C LEU D 336 10.72 10.48 34.40
N VAL D 337 10.85 10.71 33.10
CA VAL D 337 11.34 9.67 32.21
C VAL D 337 12.70 9.98 31.59
N PHE D 338 13.72 9.27 32.06
CA PHE D 338 15.07 9.45 31.54
C PHE D 338 15.19 8.61 30.28
N VAL D 339 15.64 9.23 29.19
CA VAL D 339 15.81 8.54 27.92
C VAL D 339 17.29 8.45 27.59
N GLY D 340 18.06 9.39 28.16
CA GLY D 340 19.49 9.42 27.92
C GLY D 340 20.32 9.15 29.15
N TYR D 341 21.53 8.64 28.95
CA TYR D 341 22.44 8.31 30.05
C TYR D 341 22.70 9.51 30.95
N GLN D 342 22.60 9.29 32.26
CA GLN D 342 22.84 10.34 33.24
C GLN D 342 24.21 10.18 33.88
N PRO D 343 25.03 11.23 33.82
CA PRO D 343 26.38 11.21 34.40
C PRO D 343 26.37 11.21 35.93
N GLN D 344 27.02 10.21 36.52
CA GLN D 344 27.09 10.09 37.98
C GLN D 344 27.88 11.25 38.58
N GLY D 345 27.17 12.14 39.23
CA GLY D 345 27.79 13.31 39.84
C GLY D 345 26.95 14.54 39.57
N GLY D 346 26.01 14.41 38.62
CA GLY D 346 25.14 15.51 38.27
C GLY D 346 23.80 15.39 38.96
N LEU D 347 22.89 16.30 38.64
CA LEU D 347 21.56 16.28 39.25
C LEU D 347 20.89 14.92 39.14
N GLY D 348 20.35 14.62 37.96
CA GLY D 348 19.69 13.34 37.75
C GLY D 348 20.37 12.18 38.43
N ALA D 349 21.69 12.20 38.46
CA ALA D 349 22.48 11.14 39.08
C ALA D 349 21.98 10.87 40.50
N GLU D 350 21.57 11.93 41.19
CA GLU D 350 21.08 11.80 42.55
C GLU D 350 19.56 11.61 42.53
N ILE D 351 18.91 12.24 41.56
CA ILE D 351 17.46 12.11 41.43
C ILE D 351 17.09 10.64 41.31
N ILE D 352 18.09 9.81 41.02
CA ILE D 352 17.87 8.38 40.87
C ILE D 352 18.01 7.67 42.22
N ALA D 353 18.80 8.25 43.12
CA ALA D 353 18.99 7.67 44.45
C ALA D 353 17.67 7.80 45.21
N ARG D 354 16.77 8.60 44.65
CA ARG D 354 15.45 8.84 45.22
C ARG D 354 15.52 9.43 46.63
N PRO D 355 16.38 10.45 46.83
CA PRO D 355 16.50 11.07 48.16
C PRO D 355 15.19 11.74 48.55
N PRO D 356 15.16 12.42 49.70
CA PRO D 356 13.91 13.08 50.12
C PRO D 356 13.37 14.05 49.07
N ALA D 357 14.08 15.14 48.85
CA ALA D 357 13.66 16.14 47.87
C ALA D 357 14.83 16.55 46.97
N VAL D 358 14.59 17.57 46.15
CA VAL D 358 15.61 18.06 45.24
C VAL D 358 15.85 19.54 45.47
N ARG D 359 16.91 20.06 44.86
CA ARG D 359 17.27 21.47 45.00
C ARG D 359 17.56 22.13 43.65
N ILE D 360 17.04 23.33 43.47
CA ILE D 360 17.23 24.10 42.24
C ILE D 360 17.60 25.54 42.62
N LEU D 361 18.86 25.90 42.41
CA LEU D 361 19.36 27.23 42.74
C LEU D 361 19.41 27.38 44.26
N GLY D 362 18.63 26.57 44.95
CA GLY D 362 18.58 26.63 46.40
C GLY D 362 17.27 26.12 46.96
N GLU D 363 16.16 26.57 46.39
CA GLU D 363 14.84 26.15 46.86
C GLU D 363 14.67 24.63 46.78
N GLU D 364 14.12 24.06 47.85
CA GLU D 364 13.90 22.61 47.92
C GLU D 364 12.64 22.27 47.14
N VAL D 365 12.53 21.02 46.73
CA VAL D 365 11.36 20.57 45.98
C VAL D 365 11.07 19.09 46.20
N PRO D 366 9.82 18.77 46.56
CA PRO D 366 9.33 17.41 46.82
C PRO D 366 9.17 16.55 45.56
N LEU D 367 9.82 15.39 45.55
CA LEU D 367 9.73 14.48 44.41
C LEU D 367 8.44 13.66 44.47
N ARG D 368 7.31 14.35 44.24
CA ARG D 368 6.00 13.72 44.26
C ARG D 368 5.71 12.97 42.96
N ALA D 369 6.63 13.07 42.00
CA ALA D 369 6.49 12.40 40.72
C ALA D 369 7.31 11.11 40.73
N SER D 370 7.05 10.22 39.78
CA SER D 370 7.76 8.94 39.70
C SER D 370 8.95 8.97 38.76
N VAL D 371 10.03 8.30 39.15
CA VAL D 371 11.26 8.23 38.34
C VAL D 371 11.35 6.92 37.56
N HIS D 372 11.80 7.01 36.31
CA HIS D 372 11.94 5.82 35.47
C HIS D 372 13.26 5.81 34.69
N THR D 373 13.75 4.62 34.39
CA THR D 373 15.00 4.46 33.65
C THR D 373 14.74 3.76 32.32
N LEU D 374 15.27 4.32 31.23
CA LEU D 374 15.10 3.73 29.91
C LEU D 374 16.36 3.85 29.05
N GLY D 375 17.41 3.17 29.49
CA GLY D 375 18.66 3.20 28.74
C GLY D 375 18.49 2.49 27.42
N GLY D 376 17.24 2.18 27.08
CA GLY D 376 16.96 1.51 25.83
C GLY D 376 16.96 2.45 24.66
N PHE D 377 16.75 3.74 24.92
CA PHE D 377 16.73 4.75 23.87
C PHE D 377 18.15 5.21 23.59
N SER D 378 19.12 4.47 24.11
CA SER D 378 20.53 4.78 23.92
C SER D 378 20.90 4.90 22.45
N GLY D 379 21.57 5.99 22.11
CA GLY D 379 21.98 6.24 20.74
C GLY D 379 23.33 5.60 20.46
N HIS D 380 23.82 4.84 21.42
CA HIS D 380 25.11 4.15 21.30
C HIS D 380 24.92 2.63 21.23
N ALA D 381 25.83 1.95 20.55
CA ALA D 381 25.74 0.50 20.44
C ALA D 381 26.03 -0.06 21.82
N GLY D 382 25.35 -1.15 22.16
CA GLY D 382 25.58 -1.78 23.45
C GLY D 382 26.72 -2.77 23.33
N GLN D 383 27.18 -3.29 24.47
CA GLN D 383 28.26 -4.26 24.46
C GLN D 383 28.03 -5.36 23.43
N ASP D 384 26.83 -5.89 23.37
CA ASP D 384 26.53 -6.97 22.43
C ASP D 384 26.70 -6.54 20.97
N GLU D 385 26.23 -5.35 20.65
CA GLU D 385 26.35 -4.83 19.30
C GLU D 385 27.80 -4.50 18.99
N LEU D 386 28.51 -3.95 19.98
CA LEU D 386 29.91 -3.60 19.81
C LEU D 386 30.71 -4.85 19.43
N LEU D 387 30.48 -5.94 20.16
CA LEU D 387 31.17 -7.20 19.90
C LEU D 387 30.86 -7.69 18.49
N ASP D 388 29.59 -7.60 18.11
CA ASP D 388 29.15 -8.03 16.79
C ASP D 388 29.81 -7.20 15.69
N TRP D 389 29.98 -5.91 15.94
CA TRP D 389 30.59 -5.01 14.97
C TRP D 389 32.07 -5.35 14.79
N LEU D 390 32.74 -5.63 15.89
CA LEU D 390 34.16 -5.95 15.87
C LEU D 390 34.50 -7.40 15.52
N GLN D 391 33.49 -8.26 15.38
CA GLN D 391 33.76 -9.67 15.08
C GLN D 391 34.70 -9.87 13.88
N GLY D 392 35.88 -10.41 14.14
CA GLY D 392 36.82 -10.68 13.07
C GLY D 392 38.03 -9.78 12.94
N GLU D 393 38.02 -8.65 13.63
CA GLU D 393 39.15 -7.75 13.52
C GLU D 393 40.32 -8.23 14.37
N PRO D 394 41.43 -8.60 13.71
CA PRO D 394 42.63 -9.08 14.41
C PRO D 394 43.18 -8.14 15.47
N ARG D 395 43.19 -6.84 15.19
CA ARG D 395 43.72 -5.85 16.12
C ARG D 395 42.76 -4.67 16.32
N VAL D 396 42.46 -4.38 17.57
CA VAL D 396 41.53 -3.32 17.92
C VAL D 396 42.05 -2.42 19.03
N VAL D 397 41.90 -1.11 18.85
CA VAL D 397 42.34 -0.16 19.85
C VAL D 397 41.10 0.54 20.36
N LEU D 398 40.80 0.35 21.64
CA LEU D 398 39.63 0.94 22.25
C LEU D 398 39.82 2.40 22.60
N VAL D 399 38.76 3.18 22.42
CA VAL D 399 38.80 4.60 22.68
C VAL D 399 37.37 5.08 22.95
N HIS D 400 37.23 6.33 23.37
CA HIS D 400 35.91 6.90 23.65
C HIS D 400 35.12 6.11 24.68
N GLY D 401 35.37 6.41 25.95
CA GLY D 401 34.67 5.72 27.03
C GLY D 401 35.48 5.80 28.31
N GLU D 402 34.86 5.49 29.44
CA GLU D 402 35.55 5.53 30.72
C GLU D 402 36.48 4.33 30.72
N GLU D 403 37.69 4.51 31.27
CA GLU D 403 38.66 3.43 31.29
C GLU D 403 38.13 2.09 31.77
N GLU D 404 37.23 2.12 32.74
CA GLU D 404 36.66 0.87 33.26
C GLU D 404 35.92 0.12 32.15
N LYS D 405 34.88 0.74 31.61
CA LYS D 405 34.07 0.16 30.54
C LYS D 405 34.90 -0.32 29.34
N LEU D 406 35.88 0.48 28.94
CA LEU D 406 36.74 0.09 27.83
C LEU D 406 37.45 -1.20 28.20
N LEU D 407 37.97 -1.24 29.42
CA LEU D 407 38.68 -2.41 29.94
C LEU D 407 37.79 -3.64 29.88
N ALA D 408 36.53 -3.46 30.25
CA ALA D 408 35.55 -4.55 30.26
C ALA D 408 35.39 -5.15 28.88
N LEU D 409 35.10 -4.30 27.90
CA LEU D 409 34.91 -4.74 26.53
C LEU D 409 36.22 -5.32 25.97
N GLY D 410 37.33 -4.72 26.38
CA GLY D 410 38.63 -5.18 25.92
C GLY D 410 38.92 -6.62 26.28
N LYS D 411 38.40 -7.07 27.42
CA LYS D 411 38.62 -8.45 27.87
C LYS D 411 37.84 -9.42 26.99
N LEU D 412 36.54 -9.16 26.83
CA LEU D 412 35.68 -10.01 26.01
C LEU D 412 36.28 -10.21 24.62
N LEU D 413 37.01 -9.21 24.13
CA LEU D 413 37.63 -9.28 22.81
C LEU D 413 38.89 -10.13 22.82
N ALA D 414 39.75 -9.91 23.82
CA ALA D 414 40.98 -10.68 23.93
C ALA D 414 40.62 -12.15 24.15
N LEU D 415 39.60 -12.38 24.98
CA LEU D 415 39.14 -13.74 25.26
C LEU D 415 38.38 -14.27 24.05
N ARG D 416 38.75 -13.74 22.88
CA ARG D 416 38.13 -14.13 21.63
C ARG D 416 39.22 -14.24 20.57
N GLY D 417 40.45 -13.95 20.98
CA GLY D 417 41.58 -14.02 20.08
C GLY D 417 41.92 -12.74 19.35
N GLN D 418 41.42 -11.62 19.87
CA GLN D 418 41.66 -10.33 19.23
C GLN D 418 42.63 -9.43 19.98
N GLU D 419 43.66 -8.92 19.29
CA GLU D 419 44.60 -8.02 19.94
C GLU D 419 43.77 -6.81 20.33
N VAL D 420 43.83 -6.42 21.59
CA VAL D 420 43.07 -5.28 22.04
C VAL D 420 43.91 -4.44 22.97
N SER D 421 43.43 -3.24 23.27
CA SER D 421 44.12 -2.31 24.16
C SER D 421 43.43 -0.96 24.14
N LEU D 422 43.70 -0.15 25.15
CA LEU D 422 43.12 1.18 25.26
C LEU D 422 44.08 2.22 24.70
N ALA D 423 43.59 3.08 23.82
CA ALA D 423 44.44 4.11 23.25
C ALA D 423 44.93 5.01 24.38
N ARG D 424 46.18 5.45 24.28
CA ARG D 424 46.80 6.32 25.28
C ARG D 424 46.97 7.70 24.62
N PHE D 425 46.55 8.76 25.32
CA PHE D 425 46.66 10.11 24.76
C PHE D 425 48.05 10.43 24.22
N GLY D 426 48.08 10.90 22.98
CA GLY D 426 49.33 11.29 22.34
C GLY D 426 50.24 10.18 21.89
N GLU D 427 49.87 8.93 22.14
CA GLU D 427 50.72 7.81 21.75
C GLU D 427 50.25 7.23 20.43
N GLY D 428 51.13 7.28 19.43
CA GLY D 428 50.80 6.78 18.11
C GLY D 428 50.79 5.27 17.97
N VAL D 429 49.74 4.75 17.35
CA VAL D 429 49.58 3.31 17.14
C VAL D 429 49.70 3.01 15.66
N PRO D 430 50.66 2.17 15.28
CA PRO D 430 50.82 1.83 13.86
C PRO D 430 49.59 1.07 13.35
N VAL D 431 49.43 1.03 12.03
CA VAL D 431 48.29 0.35 11.43
C VAL D 431 48.83 -0.90 10.76
#